data_8PI4
# 
_entry.id   8PI4 
# 
_audit_conform.dict_name       mmcif_pdbx.dic 
_audit_conform.dict_version    5.397 
_audit_conform.dict_location   http://mmcif.pdb.org/dictionaries/ascii/mmcif_pdbx.dic 
# 
loop_
_database_2.database_id 
_database_2.database_code 
_database_2.pdbx_database_accession 
_database_2.pdbx_DOI 
PDB   8PI4         pdb_00008pi4 10.2210/pdb8pi4/pdb 
WWPDB D_1292131323 ?            ?                   
# 
loop_
_pdbx_audit_revision_history.ordinal 
_pdbx_audit_revision_history.data_content_type 
_pdbx_audit_revision_history.major_revision 
_pdbx_audit_revision_history.minor_revision 
_pdbx_audit_revision_history.revision_date 
1 'Structure model' 1 0 2023-11-08 
2 'Structure model' 1 1 2024-02-07 
3 'Structure model' 1 2 2024-04-17 
4 'Structure model' 1 3 2024-10-23 
# 
_pdbx_audit_revision_details.ordinal             1 
_pdbx_audit_revision_details.revision_ordinal    1 
_pdbx_audit_revision_details.data_content_type   'Structure model' 
_pdbx_audit_revision_details.provider            repository 
_pdbx_audit_revision_details.type                'Initial release' 
_pdbx_audit_revision_details.description         ? 
_pdbx_audit_revision_details.details             ? 
# 
loop_
_pdbx_audit_revision_group.ordinal 
_pdbx_audit_revision_group.revision_ordinal 
_pdbx_audit_revision_group.data_content_type 
_pdbx_audit_revision_group.group 
1 2 'Structure model' 'Refinement description' 
2 3 'Structure model' 'Database references'    
3 4 'Structure model' 'Structure summary'      
# 
loop_
_pdbx_audit_revision_category.ordinal 
_pdbx_audit_revision_category.revision_ordinal 
_pdbx_audit_revision_category.data_content_type 
_pdbx_audit_revision_category.category 
1 2 'Structure model' pdbx_initial_refinement_model 
2 3 'Structure model' citation                      
3 4 'Structure model' pdbx_entry_details            
4 4 'Structure model' pdbx_modification_feature     
# 
loop_
_pdbx_audit_revision_item.ordinal 
_pdbx_audit_revision_item.revision_ordinal 
_pdbx_audit_revision_item.data_content_type 
_pdbx_audit_revision_item.item 
1 2 'Structure model' '_pdbx_initial_refinement_model.entity_id_list' 
2 3 'Structure model' '_citation.journal_volume'                      
3 3 'Structure model' '_citation.page_first'                          
4 3 'Structure model' '_citation.page_last'                           
5 3 'Structure model' '_citation.year'                                
# 
_pdbx_database_status.status_code                     REL 
_pdbx_database_status.status_code_sf                  REL 
_pdbx_database_status.status_code_mr                  ? 
_pdbx_database_status.entry_id                        8PI4 
_pdbx_database_status.recvd_initial_deposition_date   2023-06-21 
_pdbx_database_status.SG_entry                        N 
_pdbx_database_status.deposit_site                    PDBE 
_pdbx_database_status.process_site                    PDBE 
_pdbx_database_status.status_code_cs                  ? 
_pdbx_database_status.status_code_nmr_data            ? 
_pdbx_database_status.methods_development_category    ? 
_pdbx_database_status.pdb_format_compatible           Y 
# 
_pdbx_contact_author.id                 2 
_pdbx_contact_author.email              evjh@novonordisk.com 
_pdbx_contact_author.name_first         Eva 
_pdbx_contact_author.name_last          Johansson 
_pdbx_contact_author.name_mi            ? 
_pdbx_contact_author.role               'principal investigator/group leader' 
_pdbx_contact_author.identifier_ORCID   0000-0001-9330-5169 
# 
loop_
_audit_author.name 
_audit_author.pdbx_ordinal 
_audit_author.identifier_ORCID 
'Johansson, E.'    1 0000-0001-9330-5169 
'Schluckebier, G.' 2 0000-0003-0725-4081 
# 
_citation.abstract                  ? 
_citation.abstract_id_CAS           ? 
_citation.book_id_ISBN              ? 
_citation.book_publisher            ? 
_citation.book_publisher_city       ? 
_citation.book_title                ? 
_citation.coordinate_linkage        ? 
_citation.country                   ? 
_citation.database_id_Medline       ? 
_citation.details                   ? 
_citation.id                        primary 
_citation.journal_abbrev            'Trends Biotechnol' 
_citation.journal_id_ASTM           ? 
_citation.journal_id_CSD            ? 
_citation.journal_id_ISSN           1879-3096 
_citation.journal_full              ? 
_citation.journal_issue             ? 
_citation.journal_volume            42 
_citation.language                  ? 
_citation.page_first                464 
_citation.page_last                 478 
_citation.title                     'Molecular engineering of insulin for recombinant expression in yeast.' 
_citation.year                      2024 
_citation.database_id_CSD           ? 
_citation.pdbx_database_id_DOI      10.1016/j.tibtech.2023.09.012 
_citation.pdbx_database_id_PubMed   37880066 
_citation.pdbx_database_id_patent   ? 
_citation.unpublished_flag          ? 
# 
loop_
_citation_author.citation_id 
_citation_author.name 
_citation_author.ordinal 
_citation_author.identifier_ORCID 
primary 'Kjeldsen, T.'     1 ? 
primary 'Andersen, A.S.'   2 ? 
primary 'Hubalek, F.'      3 ? 
primary 'Johansson, E.'    4 ? 
primary 'Kreiner, F.F.'    5 ? 
primary 'Schluckebier, G.' 6 ? 
primary 'Kurtzhals, P.'    7 ? 
# 
loop_
_entity.id 
_entity.type 
_entity.src_method 
_entity.pdbx_description 
_entity.formula_weight 
_entity.pdbx_number_of_molecules 
_entity.pdbx_ec 
_entity.pdbx_mutation 
_entity.pdbx_fragment 
_entity.details 
1 polymer man 'Insulin B chain,Insulin A chain' 6029.985 1  ? ? ? ? 
2 water   nat water                             18.015   50 ? ? ? ? 
# 
_entity_poly.entity_id                      1 
_entity_poly.type                           'polypeptide(L)' 
_entity_poly.nstd_linkage                   no 
_entity_poly.nstd_monomer                   no 
_entity_poly.pdbx_seq_one_letter_code       FVNQHLCGSHLVEALYLVCGERGFFYTPKAMKGIVEQCCTSICSLYQLENYCN 
_entity_poly.pdbx_seq_one_letter_code_can   FVNQHLCGSHLVEALYLVCGERGFFYTPKAMKGIVEQCCTSICSLYQLENYCN 
_entity_poly.pdbx_strand_id                 A 
_entity_poly.pdbx_target_identifier         ? 
# 
_pdbx_entity_nonpoly.entity_id   2 
_pdbx_entity_nonpoly.name        water 
_pdbx_entity_nonpoly.comp_id     HOH 
# 
loop_
_entity_poly_seq.entity_id 
_entity_poly_seq.num 
_entity_poly_seq.mon_id 
_entity_poly_seq.hetero 
1 1  PHE n 
1 2  VAL n 
1 3  ASN n 
1 4  GLN n 
1 5  HIS n 
1 6  LEU n 
1 7  CYS n 
1 8  GLY n 
1 9  SER n 
1 10 HIS n 
1 11 LEU n 
1 12 VAL n 
1 13 GLU n 
1 14 ALA n 
1 15 LEU n 
1 16 TYR n 
1 17 LEU n 
1 18 VAL n 
1 19 CYS n 
1 20 GLY n 
1 21 GLU n 
1 22 ARG n 
1 23 GLY n 
1 24 PHE n 
1 25 PHE n 
1 26 TYR n 
1 27 THR n 
1 28 PRO n 
1 29 LYS n 
1 30 ALA n 
1 31 MET n 
1 32 LYS n 
1 33 GLY n 
1 34 ILE n 
1 35 VAL n 
1 36 GLU n 
1 37 GLN n 
1 38 CYS n 
1 39 CYS n 
1 40 THR n 
1 41 SER n 
1 42 ILE n 
1 43 CYS n 
1 44 SER n 
1 45 LEU n 
1 46 TYR n 
1 47 GLN n 
1 48 LEU n 
1 49 GLU n 
1 50 ASN n 
1 51 TYR n 
1 52 CYS n 
1 53 ASN n 
# 
loop_
_entity_src_gen.entity_id 
_entity_src_gen.pdbx_src_id 
_entity_src_gen.pdbx_alt_source_flag 
_entity_src_gen.pdbx_seq_type 
_entity_src_gen.pdbx_beg_seq_num 
_entity_src_gen.pdbx_end_seq_num 
_entity_src_gen.gene_src_common_name 
_entity_src_gen.gene_src_genus 
_entity_src_gen.pdbx_gene_src_gene 
_entity_src_gen.gene_src_species 
_entity_src_gen.gene_src_strain 
_entity_src_gen.gene_src_tissue 
_entity_src_gen.gene_src_tissue_fraction 
_entity_src_gen.gene_src_details 
_entity_src_gen.pdbx_gene_src_fragment 
_entity_src_gen.pdbx_gene_src_scientific_name 
_entity_src_gen.pdbx_gene_src_ncbi_taxonomy_id 
_entity_src_gen.pdbx_gene_src_variant 
_entity_src_gen.pdbx_gene_src_cell_line 
_entity_src_gen.pdbx_gene_src_atcc 
_entity_src_gen.pdbx_gene_src_organ 
_entity_src_gen.pdbx_gene_src_organelle 
_entity_src_gen.pdbx_gene_src_cell 
_entity_src_gen.pdbx_gene_src_cellular_location 
_entity_src_gen.host_org_common_name 
_entity_src_gen.pdbx_host_org_scientific_name 
_entity_src_gen.pdbx_host_org_ncbi_taxonomy_id 
_entity_src_gen.host_org_genus 
_entity_src_gen.pdbx_host_org_gene 
_entity_src_gen.pdbx_host_org_organ 
_entity_src_gen.host_org_species 
_entity_src_gen.pdbx_host_org_tissue 
_entity_src_gen.pdbx_host_org_tissue_fraction 
_entity_src_gen.pdbx_host_org_strain 
_entity_src_gen.pdbx_host_org_variant 
_entity_src_gen.pdbx_host_org_cell_line 
_entity_src_gen.pdbx_host_org_atcc 
_entity_src_gen.pdbx_host_org_culture_collection 
_entity_src_gen.pdbx_host_org_cell 
_entity_src_gen.pdbx_host_org_organelle 
_entity_src_gen.pdbx_host_org_cellular_location 
_entity_src_gen.pdbx_host_org_vector_type 
_entity_src_gen.pdbx_host_org_vector 
_entity_src_gen.host_org_details 
_entity_src_gen.expression_system_id 
_entity_src_gen.plasmid_name 
_entity_src_gen.plasmid_details 
_entity_src_gen.pdbx_description 
1 1 sample 'Biological sequence' 1  29 human ? INS ? ? ? ? ? ? 'Homo sapiens' 9606 ? ? ? ? ? ? ? ? 'Saccharomyces cerevisiae' 4932 
? ? ? ? ? ? ? ? ? ? ? ? ? ? ? ? ? ? ? ? ? 
1 2 sample 'Biological sequence' 30 53 human ? INS ? ? ? ? ? ? 'Homo sapiens' 9606 ? ? ? ? ? ? ? ? 'Saccharomyces cerevisiae' 4932 
? ? ? ? ? ? ? ? ? ? ? ? ? ? ? ? ? ? ? ? ? 
# 
loop_
_chem_comp.id 
_chem_comp.type 
_chem_comp.mon_nstd_flag 
_chem_comp.name 
_chem_comp.pdbx_synonyms 
_chem_comp.formula 
_chem_comp.formula_weight 
ALA 'L-peptide linking' y ALANINE         ? 'C3 H7 N O2'     89.093  
ARG 'L-peptide linking' y ARGININE        ? 'C6 H15 N4 O2 1' 175.209 
ASN 'L-peptide linking' y ASPARAGINE      ? 'C4 H8 N2 O3'    132.118 
CYS 'L-peptide linking' y CYSTEINE        ? 'C3 H7 N O2 S'   121.158 
GLN 'L-peptide linking' y GLUTAMINE       ? 'C5 H10 N2 O3'   146.144 
GLU 'L-peptide linking' y 'GLUTAMIC ACID' ? 'C5 H9 N O4'     147.129 
GLY 'peptide linking'   y GLYCINE         ? 'C2 H5 N O2'     75.067  
HIS 'L-peptide linking' y HISTIDINE       ? 'C6 H10 N3 O2 1' 156.162 
HOH non-polymer         . WATER           ? 'H2 O'           18.015  
ILE 'L-peptide linking' y ISOLEUCINE      ? 'C6 H13 N O2'    131.173 
LEU 'L-peptide linking' y LEUCINE         ? 'C6 H13 N O2'    131.173 
LYS 'L-peptide linking' y LYSINE          ? 'C6 H15 N2 O2 1' 147.195 
MET 'L-peptide linking' y METHIONINE      ? 'C5 H11 N O2 S'  149.211 
PHE 'L-peptide linking' y PHENYLALANINE   ? 'C9 H11 N O2'    165.189 
PRO 'L-peptide linking' y PROLINE         ? 'C5 H9 N O2'     115.130 
SER 'L-peptide linking' y SERINE          ? 'C3 H7 N O3'     105.093 
THR 'L-peptide linking' y THREONINE       ? 'C4 H9 N O3'     119.119 
TYR 'L-peptide linking' y TYROSINE        ? 'C9 H11 N O3'    181.189 
VAL 'L-peptide linking' y VALINE          ? 'C5 H11 N O2'    117.146 
# 
loop_
_pdbx_poly_seq_scheme.asym_id 
_pdbx_poly_seq_scheme.entity_id 
_pdbx_poly_seq_scheme.seq_id 
_pdbx_poly_seq_scheme.mon_id 
_pdbx_poly_seq_scheme.ndb_seq_num 
_pdbx_poly_seq_scheme.pdb_seq_num 
_pdbx_poly_seq_scheme.auth_seq_num 
_pdbx_poly_seq_scheme.pdb_mon_id 
_pdbx_poly_seq_scheme.auth_mon_id 
_pdbx_poly_seq_scheme.pdb_strand_id 
_pdbx_poly_seq_scheme.pdb_ins_code 
_pdbx_poly_seq_scheme.hetero 
A 1 1  PHE 1  1  1  PHE PHE A . n 
A 1 2  VAL 2  2  2  VAL VAL A . n 
A 1 3  ASN 3  3  3  ASN ASN A . n 
A 1 4  GLN 4  4  4  GLN GLN A . n 
A 1 5  HIS 5  5  5  HIS HIS A . n 
A 1 6  LEU 6  6  6  LEU LEU A . n 
A 1 7  CYS 7  7  7  CYS CYS A . n 
A 1 8  GLY 8  8  8  GLY GLY A . n 
A 1 9  SER 9  9  9  SER SER A . n 
A 1 10 HIS 10 10 10 HIS HIS A . n 
A 1 11 LEU 11 11 11 LEU LEU A . n 
A 1 12 VAL 12 12 12 VAL VAL A . n 
A 1 13 GLU 13 13 13 GLU GLU A . n 
A 1 14 ALA 14 14 14 ALA ALA A . n 
A 1 15 LEU 15 15 15 LEU LEU A . n 
A 1 16 TYR 16 16 16 TYR TYR A . n 
A 1 17 LEU 17 17 17 LEU LEU A . n 
A 1 18 VAL 18 18 18 VAL VAL A . n 
A 1 19 CYS 19 19 19 CYS CYS A . n 
A 1 20 GLY 20 20 20 GLY GLY A . n 
A 1 21 GLU 21 21 21 GLU GLU A . n 
A 1 22 ARG 22 22 22 ARG ARG A . n 
A 1 23 GLY 23 23 23 GLY GLY A . n 
A 1 24 PHE 24 24 24 PHE PHE A . n 
A 1 25 PHE 25 25 25 PHE PHE A . n 
A 1 26 TYR 26 26 26 TYR TYR A . n 
A 1 27 THR 27 27 27 THR THR A . n 
A 1 28 PRO 28 28 28 PRO PRO A . n 
A 1 29 LYS 29 29 29 LYS LYS A . n 
A 1 30 ALA 30 30 30 ALA ALA A . n 
A 1 31 MET 31 31 31 MET MET A . n 
A 1 32 LYS 32 32 32 LYS LYS A . n 
A 1 33 GLY 33 33 33 GLY GLY A . n 
A 1 34 ILE 34 34 34 ILE ILE A . n 
A 1 35 VAL 35 35 35 VAL VAL A . n 
A 1 36 GLU 36 36 36 GLU GLU A . n 
A 1 37 GLN 37 37 37 GLN GLN A . n 
A 1 38 CYS 38 38 38 CYS CYS A . n 
A 1 39 CYS 39 39 39 CYS CYS A . n 
A 1 40 THR 40 40 40 THR THR A . n 
A 1 41 SER 41 41 41 SER SER A . n 
A 1 42 ILE 42 42 42 ILE ILE A . n 
A 1 43 CYS 43 43 43 CYS CYS A . n 
A 1 44 SER 44 44 44 SER SER A . n 
A 1 45 LEU 45 45 45 LEU LEU A . n 
A 1 46 TYR 46 46 46 TYR TYR A . n 
A 1 47 GLN 47 47 47 GLN GLN A . n 
A 1 48 LEU 48 48 48 LEU LEU A . n 
A 1 49 GLU 49 49 49 GLU GLU A . n 
A 1 50 ASN 50 50 50 ASN ASN A . n 
A 1 51 TYR 51 51 51 TYR TYR A . n 
A 1 52 CYS 52 52 52 CYS CYS A . n 
A 1 53 ASN 53 53 53 ASN ASN A . n 
# 
loop_
_pdbx_nonpoly_scheme.asym_id 
_pdbx_nonpoly_scheme.entity_id 
_pdbx_nonpoly_scheme.mon_id 
_pdbx_nonpoly_scheme.ndb_seq_num 
_pdbx_nonpoly_scheme.pdb_seq_num 
_pdbx_nonpoly_scheme.auth_seq_num 
_pdbx_nonpoly_scheme.pdb_mon_id 
_pdbx_nonpoly_scheme.auth_mon_id 
_pdbx_nonpoly_scheme.pdb_strand_id 
_pdbx_nonpoly_scheme.pdb_ins_code 
B 2 HOH 1  101 23 HOH HOH A . 
B 2 HOH 2  102 2  HOH HOH A . 
B 2 HOH 3  103 26 HOH HOH A . 
B 2 HOH 4  104 14 HOH HOH A . 
B 2 HOH 5  105 27 HOH HOH A . 
B 2 HOH 6  106 11 HOH HOH A . 
B 2 HOH 7  107 3  HOH HOH A . 
B 2 HOH 8  108 8  HOH HOH A . 
B 2 HOH 9  109 44 HOH HOH A . 
B 2 HOH 10 110 1  HOH HOH A . 
B 2 HOH 11 111 22 HOH HOH A . 
B 2 HOH 12 112 16 HOH HOH A . 
B 2 HOH 13 113 49 HOH HOH A . 
B 2 HOH 14 114 5  HOH HOH A . 
B 2 HOH 15 115 34 HOH HOH A . 
B 2 HOH 16 116 21 HOH HOH A . 
B 2 HOH 17 117 12 HOH HOH A . 
B 2 HOH 18 118 10 HOH HOH A . 
B 2 HOH 19 119 29 HOH HOH A . 
B 2 HOH 20 120 45 HOH HOH A . 
B 2 HOH 21 121 32 HOH HOH A . 
B 2 HOH 22 122 7  HOH HOH A . 
B 2 HOH 23 123 9  HOH HOH A . 
B 2 HOH 24 124 18 HOH HOH A . 
B 2 HOH 25 125 31 HOH HOH A . 
B 2 HOH 26 126 17 HOH HOH A . 
B 2 HOH 27 127 35 HOH HOH A . 
B 2 HOH 28 128 38 HOH HOH A . 
B 2 HOH 29 129 13 HOH HOH A . 
B 2 HOH 30 130 39 HOH HOH A . 
B 2 HOH 31 131 6  HOH HOH A . 
B 2 HOH 32 132 4  HOH HOH A . 
B 2 HOH 33 133 19 HOH HOH A . 
B 2 HOH 34 134 20 HOH HOH A . 
B 2 HOH 35 135 46 HOH HOH A . 
B 2 HOH 36 136 30 HOH HOH A . 
B 2 HOH 37 137 33 HOH HOH A . 
B 2 HOH 38 138 24 HOH HOH A . 
B 2 HOH 39 139 50 HOH HOH A . 
B 2 HOH 40 140 28 HOH HOH A . 
B 2 HOH 41 141 36 HOH HOH A . 
B 2 HOH 42 142 40 HOH HOH A . 
B 2 HOH 43 143 48 HOH HOH A . 
B 2 HOH 44 144 43 HOH HOH A . 
B 2 HOH 45 145 41 HOH HOH A . 
B 2 HOH 46 146 25 HOH HOH A . 
B 2 HOH 47 147 37 HOH HOH A . 
B 2 HOH 48 148 47 HOH HOH A . 
B 2 HOH 49 149 15 HOH HOH A . 
B 2 HOH 50 150 42 HOH HOH A . 
# 
loop_
_software.citation_id 
_software.classification 
_software.compiler_name 
_software.compiler_version 
_software.contact_author 
_software.contact_author_email 
_software.date 
_software.description 
_software.dependencies 
_software.hardware 
_software.language 
_software.location 
_software.mods 
_software.name 
_software.os 
_software.os_version 
_software.type 
_software.version 
_software.pdbx_ordinal 
? refinement       ? ? ? ? ? ? ? ? ? ? ? PHENIX ? ? ? 1.20.1_4487 1 
? 'data reduction' ? ? ? ? ? ? ? ? ? ? ? XDS    ? ? ? .           2 
? 'data scaling'   ? ? ? ? ? ? ? ? ? ? ? XSCALE ? ? ? .           3 
? phasing          ? ? ? ? ? ? ? ? ? ? ? PHASER ? ? ? .           4 
# 
_cell.angle_alpha                  90.000 
_cell.angle_alpha_esd              ? 
_cell.angle_beta                   90.000 
_cell.angle_beta_esd               ? 
_cell.angle_gamma                  90.000 
_cell.angle_gamma_esd              ? 
_cell.entry_id                     8PI4 
_cell.details                      ? 
_cell.formula_units_Z              ? 
_cell.length_a                     77.400 
_cell.length_a_esd                 ? 
_cell.length_b                     77.400 
_cell.length_b_esd                 ? 
_cell.length_c                     77.400 
_cell.length_c_esd                 ? 
_cell.volume                       463684.824 
_cell.volume_esd                   ? 
_cell.Z_PDB                        24 
_cell.reciprocal_angle_alpha       ? 
_cell.reciprocal_angle_beta        ? 
_cell.reciprocal_angle_gamma       ? 
_cell.reciprocal_angle_alpha_esd   ? 
_cell.reciprocal_angle_beta_esd    ? 
_cell.reciprocal_angle_gamma_esd   ? 
_cell.reciprocal_length_a          ? 
_cell.reciprocal_length_b          ? 
_cell.reciprocal_length_c          ? 
_cell.reciprocal_length_a_esd      ? 
_cell.reciprocal_length_b_esd      ? 
_cell.reciprocal_length_c_esd      ? 
_cell.pdbx_unique_axis             ? 
_cell.pdbx_esd_method              ? 
# 
_symmetry.entry_id                         8PI4 
_symmetry.cell_setting                     ? 
_symmetry.Int_Tables_number                199 
_symmetry.space_group_name_Hall            'I 2b 2c 3' 
_symmetry.space_group_name_H-M             'I 21 3' 
_symmetry.pdbx_full_space_group_name_H-M   ? 
# 
_exptl.absorpt_coefficient_mu     ? 
_exptl.absorpt_correction_T_max   ? 
_exptl.absorpt_correction_T_min   ? 
_exptl.absorpt_correction_type    ? 
_exptl.absorpt_process_details    ? 
_exptl.entry_id                   8PI4 
_exptl.crystals_number            1 
_exptl.details                    ? 
_exptl.method                     'X-RAY DIFFRACTION' 
_exptl.method_details             ? 
# 
_exptl_crystal.colour                       ? 
_exptl_crystal.density_diffrn               ? 
_exptl_crystal.density_Matthews             3.20 
_exptl_crystal.density_method               ? 
_exptl_crystal.density_percent_sol          61.61 
_exptl_crystal.description                  ? 
_exptl_crystal.F_000                        ? 
_exptl_crystal.id                           1 
_exptl_crystal.preparation                  ? 
_exptl_crystal.size_max                     ? 
_exptl_crystal.size_mid                     ? 
_exptl_crystal.size_min                     ? 
_exptl_crystal.size_rad                     ? 
_exptl_crystal.colour_lustre                ? 
_exptl_crystal.colour_modifier              ? 
_exptl_crystal.colour_primary               ? 
_exptl_crystal.density_meas                 ? 
_exptl_crystal.density_meas_esd             ? 
_exptl_crystal.density_meas_gt              ? 
_exptl_crystal.density_meas_lt              ? 
_exptl_crystal.density_meas_temp            ? 
_exptl_crystal.density_meas_temp_esd        ? 
_exptl_crystal.density_meas_temp_gt         ? 
_exptl_crystal.density_meas_temp_lt         ? 
_exptl_crystal.pdbx_crystal_image_url       ? 
_exptl_crystal.pdbx_crystal_image_format    ? 
_exptl_crystal.pdbx_mosaicity               ? 
_exptl_crystal.pdbx_mosaicity_esd           ? 
_exptl_crystal.pdbx_mosaic_method           ? 
_exptl_crystal.pdbx_mosaic_block_size       ? 
_exptl_crystal.pdbx_mosaic_block_size_esd   ? 
# 
_exptl_crystal_grow.apparatus       ? 
_exptl_crystal_grow.atmosphere      ? 
_exptl_crystal_grow.crystal_id      1 
_exptl_crystal_grow.details         ? 
_exptl_crystal_grow.method          'VAPOR DIFFUSION, SITTING DROP' 
_exptl_crystal_grow.method_ref      ? 
_exptl_crystal_grow.pH              8.5 
_exptl_crystal_grow.pressure        ? 
_exptl_crystal_grow.pressure_esd    ? 
_exptl_crystal_grow.seeding         ? 
_exptl_crystal_grow.seeding_ref     ? 
_exptl_crystal_grow.temp_details    ? 
_exptl_crystal_grow.temp_esd        ? 
_exptl_crystal_grow.time            ? 
_exptl_crystal_grow.pdbx_details    '0.2 M sodium acetate trihydrate, 0.1 M Tris, pH 8.5, 30 % (w/v) PEG 4000' 
_exptl_crystal_grow.pdbx_pH_range   ? 
_exptl_crystal_grow.temp            291 
# 
_diffrn.ambient_environment              ? 
_diffrn.ambient_temp                     100 
_diffrn.ambient_temp_details             ? 
_diffrn.ambient_temp_esd                 ? 
_diffrn.crystal_id                       1 
_diffrn.crystal_support                  ? 
_diffrn.crystal_treatment                ? 
_diffrn.details                          ? 
_diffrn.id                               1 
_diffrn.ambient_pressure                 ? 
_diffrn.ambient_pressure_esd             ? 
_diffrn.ambient_pressure_gt              ? 
_diffrn.ambient_pressure_lt              ? 
_diffrn.ambient_temp_gt                  ? 
_diffrn.ambient_temp_lt                  ? 
_diffrn.pdbx_serial_crystal_experiment   N 
# 
_diffrn_detector.details                      ? 
_diffrn_detector.detector                     PIXEL 
_diffrn_detector.diffrn_id                    1 
_diffrn_detector.type                         'DECTRIS EIGER2 X 16M' 
_diffrn_detector.area_resol_mean              ? 
_diffrn_detector.dtime                        ? 
_diffrn_detector.pdbx_frames_total            ? 
_diffrn_detector.pdbx_collection_time_total   ? 
_diffrn_detector.pdbx_collection_date         2021-04-16 
_diffrn_detector.pdbx_frequency               ? 
_diffrn_detector.id                           ? 
_diffrn_detector.number_of_axes               ? 
# 
_diffrn_radiation.collimation                      ? 
_diffrn_radiation.diffrn_id                        1 
_diffrn_radiation.filter_edge                      ? 
_diffrn_radiation.inhomogeneity                    ? 
_diffrn_radiation.monochromator                    ? 
_diffrn_radiation.polarisn_norm                    ? 
_diffrn_radiation.polarisn_ratio                   ? 
_diffrn_radiation.probe                            ? 
_diffrn_radiation.type                             ? 
_diffrn_radiation.xray_symbol                      ? 
_diffrn_radiation.wavelength_id                    1 
_diffrn_radiation.pdbx_monochromatic_or_laue_m_l   M 
_diffrn_radiation.pdbx_wavelength_list             ? 
_diffrn_radiation.pdbx_wavelength                  ? 
_diffrn_radiation.pdbx_diffrn_protocol             'SINGLE WAVELENGTH' 
_diffrn_radiation.pdbx_analyzer                    ? 
_diffrn_radiation.pdbx_scattering_type             x-ray 
# 
_diffrn_radiation_wavelength.id           1 
_diffrn_radiation_wavelength.wavelength   1.000 
_diffrn_radiation_wavelength.wt           1.0 
# 
_diffrn_source.current                     ? 
_diffrn_source.details                     ? 
_diffrn_source.diffrn_id                   1 
_diffrn_source.power                       ? 
_diffrn_source.size                        ? 
_diffrn_source.source                      SYNCHROTRON 
_diffrn_source.target                      ? 
_diffrn_source.type                        'SLS BEAMLINE X06SA' 
_diffrn_source.voltage                     ? 
_diffrn_source.take-off_angle              ? 
_diffrn_source.pdbx_wavelength_list        1.000 
_diffrn_source.pdbx_wavelength             ? 
_diffrn_source.pdbx_synchrotron_beamline   X06SA 
_diffrn_source.pdbx_synchrotron_site       SLS 
# 
_reflns.B_iso_Wilson_estimate                          20.02 
_reflns.entry_id                                       8PI4 
_reflns.data_reduction_details                         ? 
_reflns.data_reduction_method                          ? 
_reflns.d_resolution_high                              1.25 
_reflns.d_resolution_low                               38.7 
_reflns.details                                        ? 
_reflns.limit_h_max                                    ? 
_reflns.limit_h_min                                    ? 
_reflns.limit_k_max                                    ? 
_reflns.limit_k_min                                    ? 
_reflns.limit_l_max                                    ? 
_reflns.limit_l_min                                    ? 
_reflns.number_all                                     ? 
_reflns.number_obs                                     21467 
_reflns.observed_criterion                             ? 
_reflns.observed_criterion_F_max                       ? 
_reflns.observed_criterion_F_min                       ? 
_reflns.observed_criterion_I_max                       ? 
_reflns.observed_criterion_I_min                       ? 
_reflns.observed_criterion_sigma_F                     ? 
_reflns.observed_criterion_sigma_I                     ? 
_reflns.percent_possible_obs                           99.99 
_reflns.R_free_details                                 ? 
_reflns.Rmerge_F_all                                   ? 
_reflns.Rmerge_F_obs                                   ? 
_reflns.Friedel_coverage                               ? 
_reflns.number_gt                                      ? 
_reflns.threshold_expression                           ? 
_reflns.pdbx_redundancy                                19.7 
_reflns.pdbx_netI_over_av_sigmaI                       ? 
_reflns.pdbx_netI_over_sigmaI                          25.55 
_reflns.pdbx_res_netI_over_av_sigmaI_2                 ? 
_reflns.pdbx_res_netI_over_sigmaI_2                    ? 
_reflns.pdbx_chi_squared                               ? 
_reflns.pdbx_scaling_rejects                           ? 
_reflns.pdbx_d_res_high_opt                            ? 
_reflns.pdbx_d_res_low_opt                             ? 
_reflns.pdbx_d_res_opt_method                          ? 
_reflns.phase_calculation_details                      ? 
_reflns.pdbx_Rrim_I_all                                0.05288 
_reflns.pdbx_Rpim_I_all                                0.01181 
_reflns.pdbx_d_opt                                     ? 
_reflns.pdbx_number_measured_all                       ? 
_reflns.pdbx_diffrn_id                                 1 
_reflns.pdbx_ordinal                                   1 
_reflns.pdbx_CC_half                                   1 
_reflns.pdbx_CC_star                                   1 
_reflns.pdbx_R_split                                   ? 
_reflns.pdbx_Rmerge_I_obs                              0.05152 
_reflns.pdbx_Rmerge_I_all                              ? 
_reflns.pdbx_Rsym_value                                ? 
_reflns.pdbx_CC_split_method                           ? 
_reflns.pdbx_aniso_diffraction_limit_axis_1_ortho[1]   ? 
_reflns.pdbx_aniso_diffraction_limit_axis_1_ortho[2]   ? 
_reflns.pdbx_aniso_diffraction_limit_axis_1_ortho[3]   ? 
_reflns.pdbx_aniso_diffraction_limit_axis_2_ortho[1]   ? 
_reflns.pdbx_aniso_diffraction_limit_axis_2_ortho[2]   ? 
_reflns.pdbx_aniso_diffraction_limit_axis_2_ortho[3]   ? 
_reflns.pdbx_aniso_diffraction_limit_axis_3_ortho[1]   ? 
_reflns.pdbx_aniso_diffraction_limit_axis_3_ortho[2]   ? 
_reflns.pdbx_aniso_diffraction_limit_axis_3_ortho[3]   ? 
_reflns.pdbx_aniso_diffraction_limit_1                 ? 
_reflns.pdbx_aniso_diffraction_limit_2                 ? 
_reflns.pdbx_aniso_diffraction_limit_3                 ? 
_reflns.pdbx_aniso_B_tensor_eigenvector_1_ortho[1]     ? 
_reflns.pdbx_aniso_B_tensor_eigenvector_1_ortho[2]     ? 
_reflns.pdbx_aniso_B_tensor_eigenvector_1_ortho[3]     ? 
_reflns.pdbx_aniso_B_tensor_eigenvector_2_ortho[1]     ? 
_reflns.pdbx_aniso_B_tensor_eigenvector_2_ortho[2]     ? 
_reflns.pdbx_aniso_B_tensor_eigenvector_2_ortho[3]     ? 
_reflns.pdbx_aniso_B_tensor_eigenvector_3_ortho[1]     ? 
_reflns.pdbx_aniso_B_tensor_eigenvector_3_ortho[2]     ? 
_reflns.pdbx_aniso_B_tensor_eigenvector_3_ortho[3]     ? 
_reflns.pdbx_aniso_B_tensor_eigenvalue_1               ? 
_reflns.pdbx_aniso_B_tensor_eigenvalue_2               ? 
_reflns.pdbx_aniso_B_tensor_eigenvalue_3               ? 
_reflns.pdbx_orthogonalization_convention              ? 
_reflns.pdbx_percent_possible_ellipsoidal              ? 
_reflns.pdbx_percent_possible_spherical                ? 
_reflns.pdbx_percent_possible_ellipsoidal_anomalous    ? 
_reflns.pdbx_percent_possible_spherical_anomalous      ? 
_reflns.pdbx_redundancy_anomalous                      ? 
_reflns.pdbx_CC_half_anomalous                         ? 
_reflns.pdbx_absDiff_over_sigma_anomalous              ? 
_reflns.pdbx_percent_possible_anomalous                ? 
_reflns.pdbx_observed_signal_threshold                 ? 
_reflns.pdbx_signal_type                               ? 
_reflns.pdbx_signal_details                            ? 
_reflns.pdbx_signal_software_id                        ? 
# 
_reflns_shell.d_res_high                                    1.25 
_reflns_shell.d_res_low                                     1.29 
_reflns_shell.meanI_over_sigI_all                           ? 
_reflns_shell.meanI_over_sigI_obs                           1.85 
_reflns_shell.number_measured_all                           ? 
_reflns_shell.number_measured_obs                           ? 
_reflns_shell.number_possible                               ? 
_reflns_shell.number_unique_all                             ? 
_reflns_shell.number_unique_obs                             2099 
_reflns_shell.percent_possible_obs                          ? 
_reflns_shell.Rmerge_F_all                                  ? 
_reflns_shell.Rmerge_F_obs                                  ? 
_reflns_shell.meanI_over_sigI_gt                            ? 
_reflns_shell.meanI_over_uI_all                             ? 
_reflns_shell.meanI_over_uI_gt                              ? 
_reflns_shell.number_measured_gt                            ? 
_reflns_shell.number_unique_gt                              ? 
_reflns_shell.percent_possible_gt                           ? 
_reflns_shell.Rmerge_F_gt                                   ? 
_reflns_shell.Rmerge_I_gt                                   ? 
_reflns_shell.pdbx_redundancy                               19.8 
_reflns_shell.pdbx_chi_squared                              ? 
_reflns_shell.pdbx_netI_over_sigmaI_all                     ? 
_reflns_shell.pdbx_netI_over_sigmaI_obs                     ? 
_reflns_shell.pdbx_Rrim_I_all                               1.428 
_reflns_shell.pdbx_Rpim_I_all                               0.3203 
_reflns_shell.pdbx_rejects                                  ? 
_reflns_shell.pdbx_ordinal                                  1 
_reflns_shell.pdbx_diffrn_id                                1 
_reflns_shell.pdbx_CC_half                                  0.77 
_reflns_shell.pdbx_CC_star                                  0.933 
_reflns_shell.pdbx_R_split                                  ? 
_reflns_shell.percent_possible_all                          100 
_reflns_shell.Rmerge_I_all                                  ? 
_reflns_shell.Rmerge_I_obs                                  1.391 
_reflns_shell.pdbx_Rsym_value                               ? 
_reflns_shell.pdbx_percent_possible_ellipsoidal             ? 
_reflns_shell.pdbx_percent_possible_spherical               ? 
_reflns_shell.pdbx_percent_possible_ellipsoidal_anomalous   ? 
_reflns_shell.pdbx_percent_possible_spherical_anomalous     ? 
_reflns_shell.pdbx_redundancy_anomalous                     ? 
_reflns_shell.pdbx_CC_half_anomalous                        ? 
_reflns_shell.pdbx_absDiff_over_sigma_anomalous             ? 
_reflns_shell.pdbx_percent_possible_anomalous               ? 
# 
_refine.aniso_B[1][1]                            ? 
_refine.aniso_B[1][2]                            ? 
_refine.aniso_B[1][3]                            ? 
_refine.aniso_B[2][2]                            ? 
_refine.aniso_B[2][3]                            ? 
_refine.aniso_B[3][3]                            ? 
_refine.B_iso_max                                ? 
_refine.B_iso_mean                               28.73 
_refine.B_iso_min                                ? 
_refine.correlation_coeff_Fo_to_Fc               ? 
_refine.correlation_coeff_Fo_to_Fc_free          ? 
_refine.details                                  ? 
_refine.diff_density_max                         ? 
_refine.diff_density_max_esd                     ? 
_refine.diff_density_min                         ? 
_refine.diff_density_min_esd                     ? 
_refine.diff_density_rms                         ? 
_refine.diff_density_rms_esd                     ? 
_refine.entry_id                                 8PI4 
_refine.pdbx_refine_id                           'X-RAY DIFFRACTION' 
_refine.ls_abs_structure_details                 ? 
_refine.ls_abs_structure_Flack                   ? 
_refine.ls_abs_structure_Flack_esd               ? 
_refine.ls_abs_structure_Rogers                  ? 
_refine.ls_abs_structure_Rogers_esd              ? 
_refine.ls_d_res_high                            1.25 
_refine.ls_d_res_low                             38.7 
_refine.ls_extinction_coef                       ? 
_refine.ls_extinction_coef_esd                   ? 
_refine.ls_extinction_expression                 ? 
_refine.ls_extinction_method                     ? 
_refine.ls_goodness_of_fit_all                   ? 
_refine.ls_goodness_of_fit_all_esd               ? 
_refine.ls_goodness_of_fit_obs                   ? 
_refine.ls_goodness_of_fit_obs_esd               ? 
_refine.ls_hydrogen_treatment                    ? 
_refine.ls_matrix_type                           ? 
_refine.ls_number_constraints                    ? 
_refine.ls_number_parameters                     ? 
_refine.ls_number_reflns_all                     ? 
_refine.ls_number_reflns_obs                     21467 
_refine.ls_number_reflns_R_free                  1074 
_refine.ls_number_reflns_R_work                  20393 
_refine.ls_number_restraints                     ? 
_refine.ls_percent_reflns_obs                    100.00 
_refine.ls_percent_reflns_R_free                 5.00 
_refine.ls_R_factor_all                          ? 
_refine.ls_R_factor_obs                          0.1733 
_refine.ls_R_factor_R_free                       0.1755 
_refine.ls_R_factor_R_free_error                 ? 
_refine.ls_R_factor_R_free_error_details         ? 
_refine.ls_R_factor_R_work                       0.1732 
_refine.ls_R_Fsqd_factor_obs                     ? 
_refine.ls_R_I_factor_obs                        ? 
_refine.ls_redundancy_reflns_all                 ? 
_refine.ls_redundancy_reflns_obs                 ? 
_refine.ls_restrained_S_all                      ? 
_refine.ls_restrained_S_obs                      ? 
_refine.ls_shift_over_esd_max                    ? 
_refine.ls_shift_over_esd_mean                   ? 
_refine.ls_structure_factor_coef                 ? 
_refine.ls_weighting_details                     ? 
_refine.ls_weighting_scheme                      ? 
_refine.ls_wR_factor_all                         ? 
_refine.ls_wR_factor_obs                         ? 
_refine.ls_wR_factor_R_free                      ? 
_refine.ls_wR_factor_R_work                      ? 
_refine.occupancy_max                            ? 
_refine.occupancy_min                            ? 
_refine.solvent_model_details                    'FLAT BULK SOLVENT MODEL' 
_refine.solvent_model_param_bsol                 ? 
_refine.solvent_model_param_ksol                 ? 
_refine.pdbx_R_complete                          ? 
_refine.ls_R_factor_gt                           ? 
_refine.ls_goodness_of_fit_gt                    ? 
_refine.ls_goodness_of_fit_ref                   ? 
_refine.ls_shift_over_su_max                     ? 
_refine.ls_shift_over_su_max_lt                  ? 
_refine.ls_shift_over_su_mean                    ? 
_refine.ls_shift_over_su_mean_lt                 ? 
_refine.pdbx_ls_sigma_I                          ? 
_refine.pdbx_ls_sigma_F                          1.35 
_refine.pdbx_ls_sigma_Fsqd                       ? 
_refine.pdbx_data_cutoff_high_absF               ? 
_refine.pdbx_data_cutoff_high_rms_absF           ? 
_refine.pdbx_data_cutoff_low_absF                ? 
_refine.pdbx_isotropic_thermal_model             ? 
_refine.pdbx_ls_cross_valid_method               'FREE R-VALUE' 
_refine.pdbx_method_to_determine_struct          'MOLECULAR REPLACEMENT' 
_refine.pdbx_starting_model                      ? 
_refine.pdbx_stereochemistry_target_values       'GeoStd + Monomer Library + CDL v1.2' 
_refine.pdbx_R_Free_selection_details            ? 
_refine.pdbx_stereochem_target_val_spec_case     ? 
_refine.pdbx_overall_ESU_R                       ? 
_refine.pdbx_overall_ESU_R_Free                  ? 
_refine.pdbx_solvent_vdw_probe_radii             1.1100 
_refine.pdbx_solvent_ion_probe_radii             ? 
_refine.pdbx_solvent_shrinkage_radii             0.9000 
_refine.pdbx_real_space_R                        ? 
_refine.pdbx_density_correlation                 ? 
_refine.pdbx_pd_number_of_powder_patterns        ? 
_refine.pdbx_pd_number_of_points                 ? 
_refine.pdbx_pd_meas_number_of_points            ? 
_refine.pdbx_pd_proc_ls_prof_R_factor            ? 
_refine.pdbx_pd_proc_ls_prof_wR_factor           ? 
_refine.pdbx_pd_Marquardt_correlation_coeff      ? 
_refine.pdbx_pd_Fsqrd_R_factor                   ? 
_refine.pdbx_pd_ls_matrix_band_width             ? 
_refine.pdbx_overall_phase_error                 28.1965 
_refine.pdbx_overall_SU_R_free_Cruickshank_DPI   ? 
_refine.pdbx_overall_SU_R_free_Blow_DPI          ? 
_refine.pdbx_overall_SU_R_Blow_DPI               ? 
_refine.pdbx_TLS_residual_ADP_flag               ? 
_refine.pdbx_diffrn_id                           1 
_refine.overall_SU_B                             ? 
_refine.overall_SU_ML                            0.1024 
_refine.overall_SU_R_Cruickshank_DPI             ? 
_refine.overall_SU_R_free                        ? 
_refine.overall_FOM_free_R_set                   ? 
_refine.overall_FOM_work_R_set                   ? 
_refine.pdbx_average_fsc_overall                 ? 
_refine.pdbx_average_fsc_work                    ? 
_refine.pdbx_average_fsc_free                    ? 
# 
_refine_hist.pdbx_refine_id                   'X-RAY DIFFRACTION' 
_refine_hist.cycle_id                         LAST 
_refine_hist.details                          ? 
_refine_hist.d_res_high                       1.25 
_refine_hist.d_res_low                        38.7 
_refine_hist.number_atoms_solvent             50 
_refine_hist.number_atoms_total               469 
_refine_hist.number_reflns_all                ? 
_refine_hist.number_reflns_obs                ? 
_refine_hist.number_reflns_R_free             ? 
_refine_hist.number_reflns_R_work             ? 
_refine_hist.R_factor_all                     ? 
_refine_hist.R_factor_obs                     ? 
_refine_hist.R_factor_R_free                  ? 
_refine_hist.R_factor_R_work                  ? 
_refine_hist.pdbx_number_residues_total       ? 
_refine_hist.pdbx_B_iso_mean_ligand           ? 
_refine_hist.pdbx_B_iso_mean_solvent          ? 
_refine_hist.pdbx_number_atoms_protein        419 
_refine_hist.pdbx_number_atoms_nucleic_acid   0 
_refine_hist.pdbx_number_atoms_ligand         0 
_refine_hist.pdbx_number_atoms_lipid          ? 
_refine_hist.pdbx_number_atoms_carb           ? 
_refine_hist.pdbx_pseudo_atom_details         ? 
# 
loop_
_refine_ls_restr.pdbx_refine_id 
_refine_ls_restr.criterion 
_refine_ls_restr.dev_ideal 
_refine_ls_restr.dev_ideal_target 
_refine_ls_restr.number 
_refine_ls_restr.rejects 
_refine_ls_restr.type 
_refine_ls_restr.weight 
_refine_ls_restr.pdbx_restraint_function 
'X-RAY DIFFRACTION' ? 0.0098 ? 451 ? f_bond_d           ? ? 
'X-RAY DIFFRACTION' ? 1.0634 ? 615 ? f_angle_d          ? ? 
'X-RAY DIFFRACTION' ? 0.0851 ? 68  ? f_chiral_restr     ? ? 
'X-RAY DIFFRACTION' ? 0.0069 ? 80  ? f_plane_restr      ? ? 
'X-RAY DIFFRACTION' ? 6.9532 ? 64  ? f_dihedral_angle_d ? ? 
# 
loop_
_refine_ls_shell.pdbx_refine_id 
_refine_ls_shell.d_res_high 
_refine_ls_shell.d_res_low 
_refine_ls_shell.number_reflns_all 
_refine_ls_shell.number_reflns_obs 
_refine_ls_shell.number_reflns_R_free 
_refine_ls_shell.number_reflns_R_work 
_refine_ls_shell.percent_reflns_obs 
_refine_ls_shell.percent_reflns_R_free 
_refine_ls_shell.R_factor_all 
_refine_ls_shell.R_factor_obs 
_refine_ls_shell.R_factor_R_free_error 
_refine_ls_shell.R_factor_R_work 
_refine_ls_shell.redundancy_reflns_all 
_refine_ls_shell.redundancy_reflns_obs 
_refine_ls_shell.wR_factor_all 
_refine_ls_shell.wR_factor_obs 
_refine_ls_shell.wR_factor_R_free 
_refine_ls_shell.wR_factor_R_work 
_refine_ls_shell.pdbx_R_complete 
_refine_ls_shell.pdbx_total_number_of_bins_used 
_refine_ls_shell.pdbx_phase_error 
_refine_ls_shell.pdbx_fsc_work 
_refine_ls_shell.pdbx_fsc_free 
_refine_ls_shell.R_factor_R_free 
'X-RAY DIFFRACTION' 1.25 1.31 . . 131 2547 100.00 . . . . 0.2882 . . . . . . . . . . . 0.2876 
'X-RAY DIFFRACTION' 1.31 1.38 . . 128 2490 100.00 . . . . 0.2326 . . . . . . . . . . . 0.2398 
'X-RAY DIFFRACTION' 1.38 1.46 . . 134 2542 100.00 . . . . 0.2237 . . . . . . . . . . . 0.2148 
'X-RAY DIFFRACTION' 1.46 1.57 . . 131 2500 100.00 . . . . 0.1926 . . . . . . . . . . . 0.2336 
'X-RAY DIFFRACTION' 1.58 1.73 . . 132 2575 100.00 . . . . 0.1998 . . . . . . . . . . . 0.2083 
'X-RAY DIFFRACTION' 1.73 1.98 . . 139 2541 100.00 . . . . 0.1889 . . . . . . . . . . . 0.1710 
'X-RAY DIFFRACTION' 1.99 2.50 . . 137 2555 100.00 . . . . 0.1659 . . . . . . . . . . . 0.1706 
'X-RAY DIFFRACTION' 2.50 38.7 . . 142 2643 99.96  . . . . 0.1584 . . . . . . . . . . . 0.1615 
# 
_struct.entry_id                     8PI4 
_struct.title                        
'Crystal structure of human insulin desB30 precursor with an Alanine-Methionine-Lysine C-peptide in dimer (T2) conformation' 
_struct.pdbx_model_details           ? 
_struct.pdbx_formula_weight          ? 
_struct.pdbx_formula_weight_method   ? 
_struct.pdbx_model_type_details      ? 
_struct.pdbx_CASP_flag               N 
# 
_struct_keywords.entry_id        8PI4 
_struct_keywords.text            'insulin, precursor, dimer, HORMONE' 
_struct_keywords.pdbx_keywords   HORMONE 
# 
loop_
_struct_asym.id 
_struct_asym.pdbx_blank_PDB_chainid_flag 
_struct_asym.pdbx_modified 
_struct_asym.entity_id 
_struct_asym.details 
A N N 1 ? 
B N N 2 ? 
# 
loop_
_struct_ref.id 
_struct_ref.db_name 
_struct_ref.db_code 
_struct_ref.pdbx_db_accession 
_struct_ref.pdbx_db_isoform 
_struct_ref.entity_id 
_struct_ref.pdbx_seq_one_letter_code 
_struct_ref.pdbx_align_begin 
1 UNP INS_HUMAN P01308 ? 1 FVNQHLCGSHLVEALYLVCGERGFFYTPK 25 
2 UNP INS_HUMAN P01308 ? 1 GIVEQCCTSICSLYQLENYCN         90 
# 
loop_
_struct_ref_seq.align_id 
_struct_ref_seq.ref_id 
_struct_ref_seq.pdbx_PDB_id_code 
_struct_ref_seq.pdbx_strand_id 
_struct_ref_seq.seq_align_beg 
_struct_ref_seq.pdbx_seq_align_beg_ins_code 
_struct_ref_seq.seq_align_end 
_struct_ref_seq.pdbx_seq_align_end_ins_code 
_struct_ref_seq.pdbx_db_accession 
_struct_ref_seq.db_align_beg 
_struct_ref_seq.pdbx_db_align_beg_ins_code 
_struct_ref_seq.db_align_end 
_struct_ref_seq.pdbx_db_align_end_ins_code 
_struct_ref_seq.pdbx_auth_seq_align_beg 
_struct_ref_seq.pdbx_auth_seq_align_end 
1 1 8PI4 A 1  ? 29 ? P01308 25 ? 53  ? 1  29 
2 2 8PI4 A 33 ? 53 ? P01308 90 ? 110 ? 33 53 
# 
loop_
_struct_ref_seq_dif.align_id 
_struct_ref_seq_dif.pdbx_pdb_id_code 
_struct_ref_seq_dif.mon_id 
_struct_ref_seq_dif.pdbx_pdb_strand_id 
_struct_ref_seq_dif.seq_num 
_struct_ref_seq_dif.pdbx_pdb_ins_code 
_struct_ref_seq_dif.pdbx_seq_db_name 
_struct_ref_seq_dif.pdbx_seq_db_accession_code 
_struct_ref_seq_dif.db_mon_id 
_struct_ref_seq_dif.pdbx_seq_db_seq_num 
_struct_ref_seq_dif.details 
_struct_ref_seq_dif.pdbx_auth_seq_num 
_struct_ref_seq_dif.pdbx_ordinal 
1 8PI4 ALA A 30 ? UNP P01308 ? ? linker 30 1 
1 8PI4 MET A 31 ? UNP P01308 ? ? linker 31 2 
1 8PI4 LYS A 32 ? UNP P01308 ? ? linker 32 3 
# 
_pdbx_struct_assembly.id                   1 
_pdbx_struct_assembly.details              author_defined_assembly 
_pdbx_struct_assembly.method_details       ? 
_pdbx_struct_assembly.oligomeric_details   dimeric 
_pdbx_struct_assembly.oligomeric_count     1 
# 
_pdbx_struct_assembly_gen.assembly_id       1 
_pdbx_struct_assembly_gen.oper_expression   1,2 
_pdbx_struct_assembly_gen.asym_id_list      A,B 
# 
_pdbx_struct_assembly_auth_evidence.id                     1 
_pdbx_struct_assembly_auth_evidence.assembly_id            1 
_pdbx_struct_assembly_auth_evidence.experimental_support   homology 
_pdbx_struct_assembly_auth_evidence.details                ? 
# 
loop_
_pdbx_struct_oper_list.id 
_pdbx_struct_oper_list.type 
_pdbx_struct_oper_list.name 
_pdbx_struct_oper_list.symmetry_operation 
_pdbx_struct_oper_list.matrix[1][1] 
_pdbx_struct_oper_list.matrix[1][2] 
_pdbx_struct_oper_list.matrix[1][3] 
_pdbx_struct_oper_list.vector[1] 
_pdbx_struct_oper_list.matrix[2][1] 
_pdbx_struct_oper_list.matrix[2][2] 
_pdbx_struct_oper_list.matrix[2][3] 
_pdbx_struct_oper_list.vector[2] 
_pdbx_struct_oper_list.matrix[3][1] 
_pdbx_struct_oper_list.matrix[3][2] 
_pdbx_struct_oper_list.matrix[3][3] 
_pdbx_struct_oper_list.vector[3] 
1 'point symmetry operation' ?     ?     0.88682713 -0.44107836 -0.13779523 4.27790 -0.44107836 -0.89689033 0.03221201 15.74002 -0.13779523 0.03221201 -0.98993680 8.19380 
2 'identity operation'       1_555 x,y,z 1.0        0.0         0.0         0.0     0.0         1.0         0.0        0.0      0.0         0.0        1.0         0.0   
# 
loop_
_struct_conf.conf_type_id 
_struct_conf.id 
_struct_conf.pdbx_PDB_helix_id 
_struct_conf.beg_label_comp_id 
_struct_conf.beg_label_asym_id 
_struct_conf.beg_label_seq_id 
_struct_conf.pdbx_beg_PDB_ins_code 
_struct_conf.end_label_comp_id 
_struct_conf.end_label_asym_id 
_struct_conf.end_label_seq_id 
_struct_conf.pdbx_end_PDB_ins_code 
_struct_conf.beg_auth_comp_id 
_struct_conf.beg_auth_asym_id 
_struct_conf.beg_auth_seq_id 
_struct_conf.end_auth_comp_id 
_struct_conf.end_auth_asym_id 
_struct_conf.end_auth_seq_id 
_struct_conf.pdbx_PDB_helix_class 
_struct_conf.details 
_struct_conf.pdbx_PDB_helix_length 
HELX_P HELX_P1 AA1 GLY A 8  ? GLY A 20 ? GLY A 8  GLY A 20 1 ? 13 
HELX_P HELX_P2 AA2 GLU A 21 ? GLY A 23 ? GLU A 21 GLY A 23 5 ? 3  
HELX_P HELX_P3 AA3 GLY A 33 ? CYS A 39 ? GLY A 33 CYS A 39 1 ? 7  
HELX_P HELX_P4 AA4 SER A 44 ? ASN A 50 ? SER A 44 ASN A 50 1 ? 7  
# 
_struct_conf_type.id          HELX_P 
_struct_conf_type.criteria    ? 
_struct_conf_type.reference   ? 
# 
loop_
_struct_conn.id 
_struct_conn.conn_type_id 
_struct_conn.pdbx_leaving_atom_flag 
_struct_conn.pdbx_PDB_id 
_struct_conn.ptnr1_label_asym_id 
_struct_conn.ptnr1_label_comp_id 
_struct_conn.ptnr1_label_seq_id 
_struct_conn.ptnr1_label_atom_id 
_struct_conn.pdbx_ptnr1_label_alt_id 
_struct_conn.pdbx_ptnr1_PDB_ins_code 
_struct_conn.pdbx_ptnr1_standard_comp_id 
_struct_conn.ptnr1_symmetry 
_struct_conn.ptnr2_label_asym_id 
_struct_conn.ptnr2_label_comp_id 
_struct_conn.ptnr2_label_seq_id 
_struct_conn.ptnr2_label_atom_id 
_struct_conn.pdbx_ptnr2_label_alt_id 
_struct_conn.pdbx_ptnr2_PDB_ins_code 
_struct_conn.ptnr1_auth_asym_id 
_struct_conn.ptnr1_auth_comp_id 
_struct_conn.ptnr1_auth_seq_id 
_struct_conn.ptnr2_auth_asym_id 
_struct_conn.ptnr2_auth_comp_id 
_struct_conn.ptnr2_auth_seq_id 
_struct_conn.ptnr2_symmetry 
_struct_conn.pdbx_ptnr3_label_atom_id 
_struct_conn.pdbx_ptnr3_label_seq_id 
_struct_conn.pdbx_ptnr3_label_comp_id 
_struct_conn.pdbx_ptnr3_label_asym_id 
_struct_conn.pdbx_ptnr3_label_alt_id 
_struct_conn.pdbx_ptnr3_PDB_ins_code 
_struct_conn.details 
_struct_conn.pdbx_dist_value 
_struct_conn.pdbx_value_order 
_struct_conn.pdbx_role 
disulf1 disulf ? ? A CYS 7  SG ? ? ? 1_555 A CYS 39 SG ? ? A CYS 7  A CYS 39 1_555 ? ? ? ? ? ? ? 2.044 ? ? 
disulf2 disulf ? ? A CYS 19 SG ? ? ? 1_555 A CYS 52 SG ? ? A CYS 19 A CYS 52 1_555 ? ? ? ? ? ? ? 2.050 ? ? 
disulf3 disulf ? ? A CYS 38 SG ? ? ? 1_555 A CYS 43 SG ? ? A CYS 38 A CYS 43 1_555 ? ? ? ? ? ? ? 2.093 ? ? 
# 
_struct_conn_type.id          disulf 
_struct_conn_type.criteria    ? 
_struct_conn_type.reference   ? 
# 
loop_
_pdbx_modification_feature.ordinal 
_pdbx_modification_feature.label_comp_id 
_pdbx_modification_feature.label_asym_id 
_pdbx_modification_feature.label_seq_id 
_pdbx_modification_feature.label_alt_id 
_pdbx_modification_feature.modified_residue_label_comp_id 
_pdbx_modification_feature.modified_residue_label_asym_id 
_pdbx_modification_feature.modified_residue_label_seq_id 
_pdbx_modification_feature.modified_residue_label_alt_id 
_pdbx_modification_feature.auth_comp_id 
_pdbx_modification_feature.auth_asym_id 
_pdbx_modification_feature.auth_seq_id 
_pdbx_modification_feature.PDB_ins_code 
_pdbx_modification_feature.symmetry 
_pdbx_modification_feature.modified_residue_auth_comp_id 
_pdbx_modification_feature.modified_residue_auth_asym_id 
_pdbx_modification_feature.modified_residue_auth_seq_id 
_pdbx_modification_feature.modified_residue_PDB_ins_code 
_pdbx_modification_feature.modified_residue_symmetry 
_pdbx_modification_feature.comp_id_linking_atom 
_pdbx_modification_feature.modified_residue_id_linking_atom 
_pdbx_modification_feature.modified_residue_id 
_pdbx_modification_feature.ref_pcm_id 
_pdbx_modification_feature.ref_comp_id 
_pdbx_modification_feature.type 
_pdbx_modification_feature.category 
1 CYS A 7  ? CYS A 39 ? CYS A 7  ? 1_555 CYS A 39 ? 1_555 SG SG . . . None 'Disulfide bridge' 
2 CYS A 19 ? CYS A 52 ? CYS A 19 ? 1_555 CYS A 52 ? 1_555 SG SG . . . None 'Disulfide bridge' 
3 CYS A 38 ? CYS A 43 ? CYS A 38 ? 1_555 CYS A 43 ? 1_555 SG SG . . . None 'Disulfide bridge' 
# 
_pdbx_entry_details.entry_id                   8PI4 
_pdbx_entry_details.compound_details           ? 
_pdbx_entry_details.source_details             ? 
_pdbx_entry_details.nonpolymer_details         ? 
_pdbx_entry_details.sequence_details           ? 
_pdbx_entry_details.has_ligand_of_interest     ? 
_pdbx_entry_details.has_protein_modification   Y 
# 
loop_
_pdbx_validate_close_contact.id 
_pdbx_validate_close_contact.PDB_model_num 
_pdbx_validate_close_contact.auth_atom_id_1 
_pdbx_validate_close_contact.auth_asym_id_1 
_pdbx_validate_close_contact.auth_comp_id_1 
_pdbx_validate_close_contact.auth_seq_id_1 
_pdbx_validate_close_contact.PDB_ins_code_1 
_pdbx_validate_close_contact.label_alt_id_1 
_pdbx_validate_close_contact.auth_atom_id_2 
_pdbx_validate_close_contact.auth_asym_id_2 
_pdbx_validate_close_contact.auth_comp_id_2 
_pdbx_validate_close_contact.auth_seq_id_2 
_pdbx_validate_close_contact.PDB_ins_code_2 
_pdbx_validate_close_contact.label_alt_id_2 
_pdbx_validate_close_contact.dist 
1 1 O   A HOH 142 ? ? O A HOH 150 ? ? 1.80 
2 1 OE1 A GLU 13  ? ? O A HOH 101 ? ? 1.85 
3 1 O   A HOH 102 ? ? O A HOH 107 ? ? 1.93 
4 1 O   A GLN 37  ? ? O A HOH 102 ? ? 2.18 
# 
loop_
_pdbx_validate_symm_contact.id 
_pdbx_validate_symm_contact.PDB_model_num 
_pdbx_validate_symm_contact.auth_atom_id_1 
_pdbx_validate_symm_contact.auth_asym_id_1 
_pdbx_validate_symm_contact.auth_comp_id_1 
_pdbx_validate_symm_contact.auth_seq_id_1 
_pdbx_validate_symm_contact.PDB_ins_code_1 
_pdbx_validate_symm_contact.label_alt_id_1 
_pdbx_validate_symm_contact.site_symmetry_1 
_pdbx_validate_symm_contact.auth_atom_id_2 
_pdbx_validate_symm_contact.auth_asym_id_2 
_pdbx_validate_symm_contact.auth_comp_id_2 
_pdbx_validate_symm_contact.auth_seq_id_2 
_pdbx_validate_symm_contact.PDB_ins_code_2 
_pdbx_validate_symm_contact.label_alt_id_2 
_pdbx_validate_symm_contact.site_symmetry_2 
_pdbx_validate_symm_contact.dist 
1 1 O A HOH 113 ? ? 1_555 O A HOH 139 ? ? 9_555 1.80 
2 1 O A HOH 144 ? ? 1_555 O A HOH 144 ? ? 9_555 1.85 
# 
loop_
_pdbx_validate_torsion.id 
_pdbx_validate_torsion.PDB_model_num 
_pdbx_validate_torsion.auth_comp_id 
_pdbx_validate_torsion.auth_asym_id 
_pdbx_validate_torsion.auth_seq_id 
_pdbx_validate_torsion.PDB_ins_code 
_pdbx_validate_torsion.label_alt_id 
_pdbx_validate_torsion.phi 
_pdbx_validate_torsion.psi 
1 1 LYS A 29 ? ? -93.48 32.55 
2 1 LYS A 32 ? ? 50.36  19.57 
# 
_pdbx_struct_special_symmetry.id              1 
_pdbx_struct_special_symmetry.PDB_model_num   1 
_pdbx_struct_special_symmetry.auth_asym_id    A 
_pdbx_struct_special_symmetry.auth_comp_id    HOH 
_pdbx_struct_special_symmetry.auth_seq_id     128 
_pdbx_struct_special_symmetry.PDB_ins_code    ? 
_pdbx_struct_special_symmetry.label_asym_id   B 
_pdbx_struct_special_symmetry.label_comp_id   HOH 
_pdbx_struct_special_symmetry.label_seq_id    . 
# 
loop_
_space_group_symop.id 
_space_group_symop.operation_xyz 
1  x,y,z             
2  z,x,y             
3  y,z,x             
4  -y,-z+1/2,x       
5  z,-x,-y+1/2       
6  -y+1/2,z,-x       
7  -z,-x+1/2,y       
8  -z+1/2,x,-y       
9  y,-z,-x+1/2       
10 x,-y,-z+1/2       
11 -x+1/2,y,-z       
12 -x,-y+1/2,z       
13 x+1/2,y+1/2,z+1/2 
14 z+1/2,x+1/2,y+1/2 
15 y+1/2,z+1/2,x+1/2 
16 -y+1/2,-z+1,x+1/2 
17 z+1/2,-x+1/2,-y+1 
18 -y+1,z+1/2,-x+1/2 
19 -z+1/2,-x+1,y+1/2 
20 -z+1,x+1/2,-y+1/2 
21 y+1/2,-z+1/2,-x+1 
22 x+1/2,-y+1/2,-z+1 
23 -x+1,y+1/2,-z+1/2 
24 -x+1/2,-y+1,z+1/2 
# 
_pdbx_refine_tls.id               1 
_pdbx_refine_tls.pdbx_refine_id   'X-RAY DIFFRACTION' 
_pdbx_refine_tls.details          ? 
_pdbx_refine_tls.method           refined 
_pdbx_refine_tls.origin_x         -0.1734867402 
_pdbx_refine_tls.origin_y         0.065907011781 
_pdbx_refine_tls.origin_z         -0.2082167024 
_pdbx_refine_tls.T[1][1]          0.176412774717 
_pdbx_refine_tls.T[1][1]_esd      ? 
_pdbx_refine_tls.T[1][2]          -0.033779378043 
_pdbx_refine_tls.T[1][2]_esd      ? 
_pdbx_refine_tls.T[1][3]          -0.003009711306 
_pdbx_refine_tls.T[1][3]_esd      ? 
_pdbx_refine_tls.T[2][2]          0.187935786509 
_pdbx_refine_tls.T[2][2]_esd      ? 
_pdbx_refine_tls.T[2][3]          -0.023666160993 
_pdbx_refine_tls.T[2][3]_esd      ? 
_pdbx_refine_tls.T[3][3]          0.145602930336 
_pdbx_refine_tls.T[3][3]_esd      ? 
_pdbx_refine_tls.L[1][1]          2.56874146923 
_pdbx_refine_tls.L[1][1]_esd      ? 
_pdbx_refine_tls.L[1][2]          0.829520916199 
_pdbx_refine_tls.L[1][2]_esd      ? 
_pdbx_refine_tls.L[1][3]          0.319804538625 
_pdbx_refine_tls.L[1][3]_esd      ? 
_pdbx_refine_tls.L[2][2]          4.1102105758 
_pdbx_refine_tls.L[2][2]_esd      ? 
_pdbx_refine_tls.L[2][3]          0.260361484979 
_pdbx_refine_tls.L[2][3]_esd      ? 
_pdbx_refine_tls.L[3][3]          2.75421154059 
_pdbx_refine_tls.L[3][3]_esd      ? 
_pdbx_refine_tls.S[1][1]          0.044736177372 
_pdbx_refine_tls.S[1][1]_esd      ? 
_pdbx_refine_tls.S[1][2]          -0.105595786092 
_pdbx_refine_tls.S[1][2]_esd      ? 
_pdbx_refine_tls.S[1][3]          -0.045479123124 
_pdbx_refine_tls.S[1][3]_esd      ? 
_pdbx_refine_tls.S[2][1]          0.03613462014 
_pdbx_refine_tls.S[2][1]_esd      ? 
_pdbx_refine_tls.S[2][2]          -0.063881245926 
_pdbx_refine_tls.S[2][2]_esd      ? 
_pdbx_refine_tls.S[2][3]          0.173117202117 
_pdbx_refine_tls.S[2][3]_esd      ? 
_pdbx_refine_tls.S[3][1]          0.175382547383 
_pdbx_refine_tls.S[3][1]_esd      ? 
_pdbx_refine_tls.S[3][2]          -0.216178710974 
_pdbx_refine_tls.S[3][2]_esd      ? 
_pdbx_refine_tls.S[3][3]          0.026242214002 
_pdbx_refine_tls.S[3][3]_esd      ? 
# 
_pdbx_refine_tls_group.id                  1 
_pdbx_refine_tls_group.pdbx_refine_id      'X-RAY DIFFRACTION' 
_pdbx_refine_tls_group.refine_tls_id       1 
_pdbx_refine_tls_group.beg_label_asym_id   A 
_pdbx_refine_tls_group.beg_label_seq_id    1 
_pdbx_refine_tls_group.beg_auth_asym_id    A 
_pdbx_refine_tls_group.beg_auth_seq_id     1 
_pdbx_refine_tls_group.beg_PDB_ins_code    ? 
_pdbx_refine_tls_group.end_label_asym_id   A 
_pdbx_refine_tls_group.end_label_seq_id    53 
_pdbx_refine_tls_group.end_auth_asym_id    A 
_pdbx_refine_tls_group.end_auth_seq_id     53 
_pdbx_refine_tls_group.end_PDB_ins_code    ? 
_pdbx_refine_tls_group.selection           ? 
_pdbx_refine_tls_group.selection_details   all 
# 
loop_
_chem_comp_atom.comp_id 
_chem_comp_atom.atom_id 
_chem_comp_atom.type_symbol 
_chem_comp_atom.pdbx_aromatic_flag 
_chem_comp_atom.pdbx_stereo_config 
_chem_comp_atom.pdbx_ordinal 
ALA N    N N N 1   
ALA CA   C N S 2   
ALA C    C N N 3   
ALA O    O N N 4   
ALA CB   C N N 5   
ALA OXT  O N N 6   
ALA H    H N N 7   
ALA H2   H N N 8   
ALA HA   H N N 9   
ALA HB1  H N N 10  
ALA HB2  H N N 11  
ALA HB3  H N N 12  
ALA HXT  H N N 13  
ARG N    N N N 14  
ARG CA   C N S 15  
ARG C    C N N 16  
ARG O    O N N 17  
ARG CB   C N N 18  
ARG CG   C N N 19  
ARG CD   C N N 20  
ARG NE   N N N 21  
ARG CZ   C N N 22  
ARG NH1  N N N 23  
ARG NH2  N N N 24  
ARG OXT  O N N 25  
ARG H    H N N 26  
ARG H2   H N N 27  
ARG HA   H N N 28  
ARG HB2  H N N 29  
ARG HB3  H N N 30  
ARG HG2  H N N 31  
ARG HG3  H N N 32  
ARG HD2  H N N 33  
ARG HD3  H N N 34  
ARG HE   H N N 35  
ARG HH11 H N N 36  
ARG HH12 H N N 37  
ARG HH21 H N N 38  
ARG HH22 H N N 39  
ARG HXT  H N N 40  
ASN N    N N N 41  
ASN CA   C N S 42  
ASN C    C N N 43  
ASN O    O N N 44  
ASN CB   C N N 45  
ASN CG   C N N 46  
ASN OD1  O N N 47  
ASN ND2  N N N 48  
ASN OXT  O N N 49  
ASN H    H N N 50  
ASN H2   H N N 51  
ASN HA   H N N 52  
ASN HB2  H N N 53  
ASN HB3  H N N 54  
ASN HD21 H N N 55  
ASN HD22 H N N 56  
ASN HXT  H N N 57  
CYS N    N N N 58  
CYS CA   C N R 59  
CYS C    C N N 60  
CYS O    O N N 61  
CYS CB   C N N 62  
CYS SG   S N N 63  
CYS OXT  O N N 64  
CYS H    H N N 65  
CYS H2   H N N 66  
CYS HA   H N N 67  
CYS HB2  H N N 68  
CYS HB3  H N N 69  
CYS HG   H N N 70  
CYS HXT  H N N 71  
GLN N    N N N 72  
GLN CA   C N S 73  
GLN C    C N N 74  
GLN O    O N N 75  
GLN CB   C N N 76  
GLN CG   C N N 77  
GLN CD   C N N 78  
GLN OE1  O N N 79  
GLN NE2  N N N 80  
GLN OXT  O N N 81  
GLN H    H N N 82  
GLN H2   H N N 83  
GLN HA   H N N 84  
GLN HB2  H N N 85  
GLN HB3  H N N 86  
GLN HG2  H N N 87  
GLN HG3  H N N 88  
GLN HE21 H N N 89  
GLN HE22 H N N 90  
GLN HXT  H N N 91  
GLU N    N N N 92  
GLU CA   C N S 93  
GLU C    C N N 94  
GLU O    O N N 95  
GLU CB   C N N 96  
GLU CG   C N N 97  
GLU CD   C N N 98  
GLU OE1  O N N 99  
GLU OE2  O N N 100 
GLU OXT  O N N 101 
GLU H    H N N 102 
GLU H2   H N N 103 
GLU HA   H N N 104 
GLU HB2  H N N 105 
GLU HB3  H N N 106 
GLU HG2  H N N 107 
GLU HG3  H N N 108 
GLU HE2  H N N 109 
GLU HXT  H N N 110 
GLY N    N N N 111 
GLY CA   C N N 112 
GLY C    C N N 113 
GLY O    O N N 114 
GLY OXT  O N N 115 
GLY H    H N N 116 
GLY H2   H N N 117 
GLY HA2  H N N 118 
GLY HA3  H N N 119 
GLY HXT  H N N 120 
HIS N    N N N 121 
HIS CA   C N S 122 
HIS C    C N N 123 
HIS O    O N N 124 
HIS CB   C N N 125 
HIS CG   C Y N 126 
HIS ND1  N Y N 127 
HIS CD2  C Y N 128 
HIS CE1  C Y N 129 
HIS NE2  N Y N 130 
HIS OXT  O N N 131 
HIS H    H N N 132 
HIS H2   H N N 133 
HIS HA   H N N 134 
HIS HB2  H N N 135 
HIS HB3  H N N 136 
HIS HD1  H N N 137 
HIS HD2  H N N 138 
HIS HE1  H N N 139 
HIS HE2  H N N 140 
HIS HXT  H N N 141 
HOH O    O N N 142 
HOH H1   H N N 143 
HOH H2   H N N 144 
ILE N    N N N 145 
ILE CA   C N S 146 
ILE C    C N N 147 
ILE O    O N N 148 
ILE CB   C N S 149 
ILE CG1  C N N 150 
ILE CG2  C N N 151 
ILE CD1  C N N 152 
ILE OXT  O N N 153 
ILE H    H N N 154 
ILE H2   H N N 155 
ILE HA   H N N 156 
ILE HB   H N N 157 
ILE HG12 H N N 158 
ILE HG13 H N N 159 
ILE HG21 H N N 160 
ILE HG22 H N N 161 
ILE HG23 H N N 162 
ILE HD11 H N N 163 
ILE HD12 H N N 164 
ILE HD13 H N N 165 
ILE HXT  H N N 166 
LEU N    N N N 167 
LEU CA   C N S 168 
LEU C    C N N 169 
LEU O    O N N 170 
LEU CB   C N N 171 
LEU CG   C N N 172 
LEU CD1  C N N 173 
LEU CD2  C N N 174 
LEU OXT  O N N 175 
LEU H    H N N 176 
LEU H2   H N N 177 
LEU HA   H N N 178 
LEU HB2  H N N 179 
LEU HB3  H N N 180 
LEU HG   H N N 181 
LEU HD11 H N N 182 
LEU HD12 H N N 183 
LEU HD13 H N N 184 
LEU HD21 H N N 185 
LEU HD22 H N N 186 
LEU HD23 H N N 187 
LEU HXT  H N N 188 
LYS N    N N N 189 
LYS CA   C N S 190 
LYS C    C N N 191 
LYS O    O N N 192 
LYS CB   C N N 193 
LYS CG   C N N 194 
LYS CD   C N N 195 
LYS CE   C N N 196 
LYS NZ   N N N 197 
LYS OXT  O N N 198 
LYS H    H N N 199 
LYS H2   H N N 200 
LYS HA   H N N 201 
LYS HB2  H N N 202 
LYS HB3  H N N 203 
LYS HG2  H N N 204 
LYS HG3  H N N 205 
LYS HD2  H N N 206 
LYS HD3  H N N 207 
LYS HE2  H N N 208 
LYS HE3  H N N 209 
LYS HZ1  H N N 210 
LYS HZ2  H N N 211 
LYS HZ3  H N N 212 
LYS HXT  H N N 213 
MET N    N N N 214 
MET CA   C N S 215 
MET C    C N N 216 
MET O    O N N 217 
MET CB   C N N 218 
MET CG   C N N 219 
MET SD   S N N 220 
MET CE   C N N 221 
MET OXT  O N N 222 
MET H    H N N 223 
MET H2   H N N 224 
MET HA   H N N 225 
MET HB2  H N N 226 
MET HB3  H N N 227 
MET HG2  H N N 228 
MET HG3  H N N 229 
MET HE1  H N N 230 
MET HE2  H N N 231 
MET HE3  H N N 232 
MET HXT  H N N 233 
PHE N    N N N 234 
PHE CA   C N S 235 
PHE C    C N N 236 
PHE O    O N N 237 
PHE CB   C N N 238 
PHE CG   C Y N 239 
PHE CD1  C Y N 240 
PHE CD2  C Y N 241 
PHE CE1  C Y N 242 
PHE CE2  C Y N 243 
PHE CZ   C Y N 244 
PHE OXT  O N N 245 
PHE H    H N N 246 
PHE H2   H N N 247 
PHE HA   H N N 248 
PHE HB2  H N N 249 
PHE HB3  H N N 250 
PHE HD1  H N N 251 
PHE HD2  H N N 252 
PHE HE1  H N N 253 
PHE HE2  H N N 254 
PHE HZ   H N N 255 
PHE HXT  H N N 256 
PRO N    N N N 257 
PRO CA   C N S 258 
PRO C    C N N 259 
PRO O    O N N 260 
PRO CB   C N N 261 
PRO CG   C N N 262 
PRO CD   C N N 263 
PRO OXT  O N N 264 
PRO H    H N N 265 
PRO HA   H N N 266 
PRO HB2  H N N 267 
PRO HB3  H N N 268 
PRO HG2  H N N 269 
PRO HG3  H N N 270 
PRO HD2  H N N 271 
PRO HD3  H N N 272 
PRO HXT  H N N 273 
SER N    N N N 274 
SER CA   C N S 275 
SER C    C N N 276 
SER O    O N N 277 
SER CB   C N N 278 
SER OG   O N N 279 
SER OXT  O N N 280 
SER H    H N N 281 
SER H2   H N N 282 
SER HA   H N N 283 
SER HB2  H N N 284 
SER HB3  H N N 285 
SER HG   H N N 286 
SER HXT  H N N 287 
THR N    N N N 288 
THR CA   C N S 289 
THR C    C N N 290 
THR O    O N N 291 
THR CB   C N R 292 
THR OG1  O N N 293 
THR CG2  C N N 294 
THR OXT  O N N 295 
THR H    H N N 296 
THR H2   H N N 297 
THR HA   H N N 298 
THR HB   H N N 299 
THR HG1  H N N 300 
THR HG21 H N N 301 
THR HG22 H N N 302 
THR HG23 H N N 303 
THR HXT  H N N 304 
TYR N    N N N 305 
TYR CA   C N S 306 
TYR C    C N N 307 
TYR O    O N N 308 
TYR CB   C N N 309 
TYR CG   C Y N 310 
TYR CD1  C Y N 311 
TYR CD2  C Y N 312 
TYR CE1  C Y N 313 
TYR CE2  C Y N 314 
TYR CZ   C Y N 315 
TYR OH   O N N 316 
TYR OXT  O N N 317 
TYR H    H N N 318 
TYR H2   H N N 319 
TYR HA   H N N 320 
TYR HB2  H N N 321 
TYR HB3  H N N 322 
TYR HD1  H N N 323 
TYR HD2  H N N 324 
TYR HE1  H N N 325 
TYR HE2  H N N 326 
TYR HH   H N N 327 
TYR HXT  H N N 328 
VAL N    N N N 329 
VAL CA   C N S 330 
VAL C    C N N 331 
VAL O    O N N 332 
VAL CB   C N N 333 
VAL CG1  C N N 334 
VAL CG2  C N N 335 
VAL OXT  O N N 336 
VAL H    H N N 337 
VAL H2   H N N 338 
VAL HA   H N N 339 
VAL HB   H N N 340 
VAL HG11 H N N 341 
VAL HG12 H N N 342 
VAL HG13 H N N 343 
VAL HG21 H N N 344 
VAL HG22 H N N 345 
VAL HG23 H N N 346 
VAL HXT  H N N 347 
# 
loop_
_chem_comp_bond.comp_id 
_chem_comp_bond.atom_id_1 
_chem_comp_bond.atom_id_2 
_chem_comp_bond.value_order 
_chem_comp_bond.pdbx_aromatic_flag 
_chem_comp_bond.pdbx_stereo_config 
_chem_comp_bond.pdbx_ordinal 
ALA N   CA   sing N N 1   
ALA N   H    sing N N 2   
ALA N   H2   sing N N 3   
ALA CA  C    sing N N 4   
ALA CA  CB   sing N N 5   
ALA CA  HA   sing N N 6   
ALA C   O    doub N N 7   
ALA C   OXT  sing N N 8   
ALA CB  HB1  sing N N 9   
ALA CB  HB2  sing N N 10  
ALA CB  HB3  sing N N 11  
ALA OXT HXT  sing N N 12  
ARG N   CA   sing N N 13  
ARG N   H    sing N N 14  
ARG N   H2   sing N N 15  
ARG CA  C    sing N N 16  
ARG CA  CB   sing N N 17  
ARG CA  HA   sing N N 18  
ARG C   O    doub N N 19  
ARG C   OXT  sing N N 20  
ARG CB  CG   sing N N 21  
ARG CB  HB2  sing N N 22  
ARG CB  HB3  sing N N 23  
ARG CG  CD   sing N N 24  
ARG CG  HG2  sing N N 25  
ARG CG  HG3  sing N N 26  
ARG CD  NE   sing N N 27  
ARG CD  HD2  sing N N 28  
ARG CD  HD3  sing N N 29  
ARG NE  CZ   sing N N 30  
ARG NE  HE   sing N N 31  
ARG CZ  NH1  sing N N 32  
ARG CZ  NH2  doub N N 33  
ARG NH1 HH11 sing N N 34  
ARG NH1 HH12 sing N N 35  
ARG NH2 HH21 sing N N 36  
ARG NH2 HH22 sing N N 37  
ARG OXT HXT  sing N N 38  
ASN N   CA   sing N N 39  
ASN N   H    sing N N 40  
ASN N   H2   sing N N 41  
ASN CA  C    sing N N 42  
ASN CA  CB   sing N N 43  
ASN CA  HA   sing N N 44  
ASN C   O    doub N N 45  
ASN C   OXT  sing N N 46  
ASN CB  CG   sing N N 47  
ASN CB  HB2  sing N N 48  
ASN CB  HB3  sing N N 49  
ASN CG  OD1  doub N N 50  
ASN CG  ND2  sing N N 51  
ASN ND2 HD21 sing N N 52  
ASN ND2 HD22 sing N N 53  
ASN OXT HXT  sing N N 54  
CYS N   CA   sing N N 55  
CYS N   H    sing N N 56  
CYS N   H2   sing N N 57  
CYS CA  C    sing N N 58  
CYS CA  CB   sing N N 59  
CYS CA  HA   sing N N 60  
CYS C   O    doub N N 61  
CYS C   OXT  sing N N 62  
CYS CB  SG   sing N N 63  
CYS CB  HB2  sing N N 64  
CYS CB  HB3  sing N N 65  
CYS SG  HG   sing N N 66  
CYS OXT HXT  sing N N 67  
GLN N   CA   sing N N 68  
GLN N   H    sing N N 69  
GLN N   H2   sing N N 70  
GLN CA  C    sing N N 71  
GLN CA  CB   sing N N 72  
GLN CA  HA   sing N N 73  
GLN C   O    doub N N 74  
GLN C   OXT  sing N N 75  
GLN CB  CG   sing N N 76  
GLN CB  HB2  sing N N 77  
GLN CB  HB3  sing N N 78  
GLN CG  CD   sing N N 79  
GLN CG  HG2  sing N N 80  
GLN CG  HG3  sing N N 81  
GLN CD  OE1  doub N N 82  
GLN CD  NE2  sing N N 83  
GLN NE2 HE21 sing N N 84  
GLN NE2 HE22 sing N N 85  
GLN OXT HXT  sing N N 86  
GLU N   CA   sing N N 87  
GLU N   H    sing N N 88  
GLU N   H2   sing N N 89  
GLU CA  C    sing N N 90  
GLU CA  CB   sing N N 91  
GLU CA  HA   sing N N 92  
GLU C   O    doub N N 93  
GLU C   OXT  sing N N 94  
GLU CB  CG   sing N N 95  
GLU CB  HB2  sing N N 96  
GLU CB  HB3  sing N N 97  
GLU CG  CD   sing N N 98  
GLU CG  HG2  sing N N 99  
GLU CG  HG3  sing N N 100 
GLU CD  OE1  doub N N 101 
GLU CD  OE2  sing N N 102 
GLU OE2 HE2  sing N N 103 
GLU OXT HXT  sing N N 104 
GLY N   CA   sing N N 105 
GLY N   H    sing N N 106 
GLY N   H2   sing N N 107 
GLY CA  C    sing N N 108 
GLY CA  HA2  sing N N 109 
GLY CA  HA3  sing N N 110 
GLY C   O    doub N N 111 
GLY C   OXT  sing N N 112 
GLY OXT HXT  sing N N 113 
HIS N   CA   sing N N 114 
HIS N   H    sing N N 115 
HIS N   H2   sing N N 116 
HIS CA  C    sing N N 117 
HIS CA  CB   sing N N 118 
HIS CA  HA   sing N N 119 
HIS C   O    doub N N 120 
HIS C   OXT  sing N N 121 
HIS CB  CG   sing N N 122 
HIS CB  HB2  sing N N 123 
HIS CB  HB3  sing N N 124 
HIS CG  ND1  sing Y N 125 
HIS CG  CD2  doub Y N 126 
HIS ND1 CE1  doub Y N 127 
HIS ND1 HD1  sing N N 128 
HIS CD2 NE2  sing Y N 129 
HIS CD2 HD2  sing N N 130 
HIS CE1 NE2  sing Y N 131 
HIS CE1 HE1  sing N N 132 
HIS NE2 HE2  sing N N 133 
HIS OXT HXT  sing N N 134 
HOH O   H1   sing N N 135 
HOH O   H2   sing N N 136 
ILE N   CA   sing N N 137 
ILE N   H    sing N N 138 
ILE N   H2   sing N N 139 
ILE CA  C    sing N N 140 
ILE CA  CB   sing N N 141 
ILE CA  HA   sing N N 142 
ILE C   O    doub N N 143 
ILE C   OXT  sing N N 144 
ILE CB  CG1  sing N N 145 
ILE CB  CG2  sing N N 146 
ILE CB  HB   sing N N 147 
ILE CG1 CD1  sing N N 148 
ILE CG1 HG12 sing N N 149 
ILE CG1 HG13 sing N N 150 
ILE CG2 HG21 sing N N 151 
ILE CG2 HG22 sing N N 152 
ILE CG2 HG23 sing N N 153 
ILE CD1 HD11 sing N N 154 
ILE CD1 HD12 sing N N 155 
ILE CD1 HD13 sing N N 156 
ILE OXT HXT  sing N N 157 
LEU N   CA   sing N N 158 
LEU N   H    sing N N 159 
LEU N   H2   sing N N 160 
LEU CA  C    sing N N 161 
LEU CA  CB   sing N N 162 
LEU CA  HA   sing N N 163 
LEU C   O    doub N N 164 
LEU C   OXT  sing N N 165 
LEU CB  CG   sing N N 166 
LEU CB  HB2  sing N N 167 
LEU CB  HB3  sing N N 168 
LEU CG  CD1  sing N N 169 
LEU CG  CD2  sing N N 170 
LEU CG  HG   sing N N 171 
LEU CD1 HD11 sing N N 172 
LEU CD1 HD12 sing N N 173 
LEU CD1 HD13 sing N N 174 
LEU CD2 HD21 sing N N 175 
LEU CD2 HD22 sing N N 176 
LEU CD2 HD23 sing N N 177 
LEU OXT HXT  sing N N 178 
LYS N   CA   sing N N 179 
LYS N   H    sing N N 180 
LYS N   H2   sing N N 181 
LYS CA  C    sing N N 182 
LYS CA  CB   sing N N 183 
LYS CA  HA   sing N N 184 
LYS C   O    doub N N 185 
LYS C   OXT  sing N N 186 
LYS CB  CG   sing N N 187 
LYS CB  HB2  sing N N 188 
LYS CB  HB3  sing N N 189 
LYS CG  CD   sing N N 190 
LYS CG  HG2  sing N N 191 
LYS CG  HG3  sing N N 192 
LYS CD  CE   sing N N 193 
LYS CD  HD2  sing N N 194 
LYS CD  HD3  sing N N 195 
LYS CE  NZ   sing N N 196 
LYS CE  HE2  sing N N 197 
LYS CE  HE3  sing N N 198 
LYS NZ  HZ1  sing N N 199 
LYS NZ  HZ2  sing N N 200 
LYS NZ  HZ3  sing N N 201 
LYS OXT HXT  sing N N 202 
MET N   CA   sing N N 203 
MET N   H    sing N N 204 
MET N   H2   sing N N 205 
MET CA  C    sing N N 206 
MET CA  CB   sing N N 207 
MET CA  HA   sing N N 208 
MET C   O    doub N N 209 
MET C   OXT  sing N N 210 
MET CB  CG   sing N N 211 
MET CB  HB2  sing N N 212 
MET CB  HB3  sing N N 213 
MET CG  SD   sing N N 214 
MET CG  HG2  sing N N 215 
MET CG  HG3  sing N N 216 
MET SD  CE   sing N N 217 
MET CE  HE1  sing N N 218 
MET CE  HE2  sing N N 219 
MET CE  HE3  sing N N 220 
MET OXT HXT  sing N N 221 
PHE N   CA   sing N N 222 
PHE N   H    sing N N 223 
PHE N   H2   sing N N 224 
PHE CA  C    sing N N 225 
PHE CA  CB   sing N N 226 
PHE CA  HA   sing N N 227 
PHE C   O    doub N N 228 
PHE C   OXT  sing N N 229 
PHE CB  CG   sing N N 230 
PHE CB  HB2  sing N N 231 
PHE CB  HB3  sing N N 232 
PHE CG  CD1  doub Y N 233 
PHE CG  CD2  sing Y N 234 
PHE CD1 CE1  sing Y N 235 
PHE CD1 HD1  sing N N 236 
PHE CD2 CE2  doub Y N 237 
PHE CD2 HD2  sing N N 238 
PHE CE1 CZ   doub Y N 239 
PHE CE1 HE1  sing N N 240 
PHE CE2 CZ   sing Y N 241 
PHE CE2 HE2  sing N N 242 
PHE CZ  HZ   sing N N 243 
PHE OXT HXT  sing N N 244 
PRO N   CA   sing N N 245 
PRO N   CD   sing N N 246 
PRO N   H    sing N N 247 
PRO CA  C    sing N N 248 
PRO CA  CB   sing N N 249 
PRO CA  HA   sing N N 250 
PRO C   O    doub N N 251 
PRO C   OXT  sing N N 252 
PRO CB  CG   sing N N 253 
PRO CB  HB2  sing N N 254 
PRO CB  HB3  sing N N 255 
PRO CG  CD   sing N N 256 
PRO CG  HG2  sing N N 257 
PRO CG  HG3  sing N N 258 
PRO CD  HD2  sing N N 259 
PRO CD  HD3  sing N N 260 
PRO OXT HXT  sing N N 261 
SER N   CA   sing N N 262 
SER N   H    sing N N 263 
SER N   H2   sing N N 264 
SER CA  C    sing N N 265 
SER CA  CB   sing N N 266 
SER CA  HA   sing N N 267 
SER C   O    doub N N 268 
SER C   OXT  sing N N 269 
SER CB  OG   sing N N 270 
SER CB  HB2  sing N N 271 
SER CB  HB3  sing N N 272 
SER OG  HG   sing N N 273 
SER OXT HXT  sing N N 274 
THR N   CA   sing N N 275 
THR N   H    sing N N 276 
THR N   H2   sing N N 277 
THR CA  C    sing N N 278 
THR CA  CB   sing N N 279 
THR CA  HA   sing N N 280 
THR C   O    doub N N 281 
THR C   OXT  sing N N 282 
THR CB  OG1  sing N N 283 
THR CB  CG2  sing N N 284 
THR CB  HB   sing N N 285 
THR OG1 HG1  sing N N 286 
THR CG2 HG21 sing N N 287 
THR CG2 HG22 sing N N 288 
THR CG2 HG23 sing N N 289 
THR OXT HXT  sing N N 290 
TYR N   CA   sing N N 291 
TYR N   H    sing N N 292 
TYR N   H2   sing N N 293 
TYR CA  C    sing N N 294 
TYR CA  CB   sing N N 295 
TYR CA  HA   sing N N 296 
TYR C   O    doub N N 297 
TYR C   OXT  sing N N 298 
TYR CB  CG   sing N N 299 
TYR CB  HB2  sing N N 300 
TYR CB  HB3  sing N N 301 
TYR CG  CD1  doub Y N 302 
TYR CG  CD2  sing Y N 303 
TYR CD1 CE1  sing Y N 304 
TYR CD1 HD1  sing N N 305 
TYR CD2 CE2  doub Y N 306 
TYR CD2 HD2  sing N N 307 
TYR CE1 CZ   doub Y N 308 
TYR CE1 HE1  sing N N 309 
TYR CE2 CZ   sing Y N 310 
TYR CE2 HE2  sing N N 311 
TYR CZ  OH   sing N N 312 
TYR OH  HH   sing N N 313 
TYR OXT HXT  sing N N 314 
VAL N   CA   sing N N 315 
VAL N   H    sing N N 316 
VAL N   H2   sing N N 317 
VAL CA  C    sing N N 318 
VAL CA  CB   sing N N 319 
VAL CA  HA   sing N N 320 
VAL C   O    doub N N 321 
VAL C   OXT  sing N N 322 
VAL CB  CG1  sing N N 323 
VAL CB  CG2  sing N N 324 
VAL CB  HB   sing N N 325 
VAL CG1 HG11 sing N N 326 
VAL CG1 HG12 sing N N 327 
VAL CG1 HG13 sing N N 328 
VAL CG2 HG21 sing N N 329 
VAL CG2 HG22 sing N N 330 
VAL CG2 HG23 sing N N 331 
VAL OXT HXT  sing N N 332 
# 
_pdbx_audit_support.funding_organization   'Not funded' 
_pdbx_audit_support.country                Denmark 
_pdbx_audit_support.grant_number           ? 
_pdbx_audit_support.ordinal                1 
# 
_pdbx_initial_refinement_model.id               1 
_pdbx_initial_refinement_model.entity_id_list   1 
_pdbx_initial_refinement_model.type             'experimental model' 
_pdbx_initial_refinement_model.source_name      PDB 
_pdbx_initial_refinement_model.accession_code   6S34 
_pdbx_initial_refinement_model.details          ? 
# 
_space_group.name_H-M_alt     'I 21 3' 
_space_group.name_Hall        'I 2b 2c 3' 
_space_group.IT_number        199 
_space_group.crystal_system   cubic 
_space_group.id               1 
# 
_atom_sites.entry_id                    8PI4 
_atom_sites.Cartn_transf_matrix[1][1]   ? 
_atom_sites.Cartn_transf_matrix[1][2]   ? 
_atom_sites.Cartn_transf_matrix[1][3]   ? 
_atom_sites.Cartn_transf_matrix[2][1]   ? 
_atom_sites.Cartn_transf_matrix[2][2]   ? 
_atom_sites.Cartn_transf_matrix[2][3]   ? 
_atom_sites.Cartn_transf_matrix[3][1]   ? 
_atom_sites.Cartn_transf_matrix[3][2]   ? 
_atom_sites.Cartn_transf_matrix[3][3]   ? 
_atom_sites.Cartn_transf_vector[1]      ? 
_atom_sites.Cartn_transf_vector[2]      ? 
_atom_sites.Cartn_transf_vector[3]      ? 
_atom_sites.fract_transf_matrix[1][1]   0.01254913 
_atom_sites.fract_transf_matrix[1][2]   -0.00293358 
_atom_sites.fract_transf_matrix[1][3]   -0.00091646 
_atom_sites.fract_transf_matrix[2][1]   -0.00069820 
_atom_sites.fract_transf_matrix[2][2]   -0.00647306 
_atom_sites.fract_transf_matrix[2][3]   0.01115968 
_atom_sites.fract_transf_matrix[3][1]   -0.00299304 
_atom_sites.fract_transf_matrix[3][2]   -0.01078981 
_atom_sites.fract_transf_matrix[3][3]   -0.00644578 
_atom_sites.fract_transf_vector[1]      -0.239517 
_atom_sites.fract_transf_vector[2]      0.006716 
_atom_sites.fract_transf_vector[3]      -0.132276 
_atom_sites.solution_primary            ? 
_atom_sites.solution_secondary          ? 
_atom_sites.solution_hydrogens          ? 
_atom_sites.special_details             ? 
# 
loop_
_atom_type.symbol 
_atom_type.scat_dispersion_real 
_atom_type.scat_dispersion_imag 
_atom_type.scat_Cromer_Mann_a1 
_atom_type.scat_Cromer_Mann_a2 
_atom_type.scat_Cromer_Mann_a3 
_atom_type.scat_Cromer_Mann_a4 
_atom_type.scat_Cromer_Mann_b1 
_atom_type.scat_Cromer_Mann_b2 
_atom_type.scat_Cromer_Mann_b3 
_atom_type.scat_Cromer_Mann_b4 
_atom_type.scat_Cromer_Mann_c 
_atom_type.scat_source 
_atom_type.scat_dispersion_source 
C ? ? 3.54356 2.42580 ? ? 25.62398 1.50364  ? ? 0.0 
;2-Gaussian fit: Grosse-Kunstleve RW, Sauter NK, Adams PD: Newsletter of the IUCr Commission on Crystallographic Computing 2004, 3, 22-31.
;
? 
H ? ? 0.51345 0.48472 ? ? 24.73122 6.32584  ? ? 0.0 
;2-Gaussian fit: Grosse-Kunstleve RW, Sauter NK, Adams PD: Newsletter of the IUCr Commission on Crystallographic Computing 2004, 3, 22-31.
;
? 
N ? ? 4.01032 2.96436 ? ? 19.97189 1.75589  ? ? 0.0 
;2-Gaussian fit: Grosse-Kunstleve RW, Sauter NK, Adams PD: Newsletter of the IUCr Commission on Crystallographic Computing 2004, 3, 22-31.
;
? 
O ? ? 4.49882 3.47563 ? ? 15.80542 1.70748  ? ? 0.0 
;2-Gaussian fit: Grosse-Kunstleve RW, Sauter NK, Adams PD: Newsletter of the IUCr Commission on Crystallographic Computing 2004, 3, 22-31.
;
? 
S ? ? 9.55732 6.39887 ? ? 1.23737  29.19336 ? ? 0.0 
;2-Gaussian fit: Grosse-Kunstleve RW, Sauter NK, Adams PD: Newsletter of the IUCr Commission on Crystallographic Computing 2004, 3, 22-31.
;
? 
# 
loop_
_atom_site.group_PDB 
_atom_site.id 
_atom_site.type_symbol 
_atom_site.label_atom_id 
_atom_site.label_alt_id 
_atom_site.label_comp_id 
_atom_site.label_asym_id 
_atom_site.label_entity_id 
_atom_site.label_seq_id 
_atom_site.pdbx_PDB_ins_code 
_atom_site.Cartn_x 
_atom_site.Cartn_y 
_atom_site.Cartn_z 
_atom_site.occupancy 
_atom_site.B_iso_or_equiv 
_atom_site.pdbx_formal_charge 
_atom_site.auth_seq_id 
_atom_site.auth_comp_id 
_atom_site.auth_asym_id 
_atom_site.auth_atom_id 
_atom_site.pdbx_PDB_model_num 
ATOM   1   N N    . PHE A 1 1  ? 8.44180   -2.73624  -8.05864  1.000 24.85742  ? 1   PHE A N    1 
ATOM   2   C CA   . PHE A 1 1  ? 8.51399   -2.53327  -6.59695  1.000 24.81905  ? 1   PHE A CA   1 
ATOM   3   C C    . PHE A 1 1  ? 7.19124   -2.78025  -5.89057  1.000 24.28343  ? 1   PHE A C    1 
ATOM   4   O O    . PHE A 1 1  ? 7.17409   -2.93359  -4.67998  1.000 29.05519  ? 1   PHE A O    1 
ATOM   5   C CB   . PHE A 1 1  ? 9.02640   -1.11808  -6.24169  1.000 26.16954  ? 1   PHE A CB   1 
ATOM   6   C CG   . PHE A 1 1  ? 8.13264   0.00700   -6.70924  1.000 25.41510  ? 1   PHE A CG   1 
ATOM   7   C CD1  . PHE A 1 1  ? 8.12964   0.38919   -8.03613  1.000 27.27432  ? 1   PHE A CD1  1 
ATOM   8   C CD2  . PHE A 1 1  ? 7.32453   0.69820   -5.83288  1.000 27.13090  ? 1   PHE A CD2  1 
ATOM   9   C CE1  . PHE A 1 1  ? 7.33167   1.43556   -8.47533  1.000 26.23659  ? 1   PHE A CE1  1 
ATOM   10  C CE2  . PHE A 1 1  ? 6.51387   1.74446   -6.28737  1.000 25.51714  ? 1   PHE A CE2  1 
ATOM   11  C CZ   . PHE A 1 1  ? 6.53140   2.10807   -7.59610  1.000 24.83622  ? 1   PHE A CZ   1 
ATOM   12  H H1   . PHE A 1 1  ? 9.18506   -2.42700  -8.43815  1.000 29.85081  ? 1   PHE A H1   1 
ATOM   13  H H2   . PHE A 1 1  ? 8.35852   -3.60486  -8.23377  1.000 29.85081  ? 1   PHE A H2   1 
ATOM   14  H H3   . PHE A 1 1  ? 7.73833   -2.29913  -8.38445  1.000 29.85081  ? 1   PHE A H3   1 
ATOM   15  H HA   . PHE A 1 1  ? 9.14866   -3.18587  -6.26196  1.000 29.80476  ? 1   PHE A HA   1 
ATOM   16  H HB2  . PHE A 1 1  ? 9.10270   -1.05009  -5.27709  1.000 31.42536  ? 1   PHE A HB2  1 
ATOM   17  H HB3  . PHE A 1 1  ? 9.89578   -0.99185  -6.65297  1.000 31.42536  ? 1   PHE A HB3  1 
ATOM   18  H HD1  . PHE A 1 1  ? 8.67031   -0.06132  -8.64407  1.000 32.75109  ? 1   PHE A HD1  1 
ATOM   19  H HD2  . PHE A 1 1  ? 7.31781   0.46751   -4.93197  1.000 32.57898  ? 1   PHE A HD2  1 
ATOM   20  H HE1  . PHE A 1 1  ? 7.34165   1.68025   -9.37250  1.000 31.50582  ? 1   PHE A HE1  1 
ATOM   21  H HE2  . PHE A 1 1  ? 5.96005   2.19331   -5.69010  1.000 30.64247  ? 1   PHE A HE2  1 
ATOM   22  H HZ   . PHE A 1 1  ? 6.00068   2.81202   -7.89225  1.000 29.82537  ? 1   PHE A HZ   1 
ATOM   23  N N    A VAL A 1 2  ? 6.07384   -2.80546  -6.62386  0.630 23.09432  ? 2   VAL A N    1 
ATOM   24  N N    B VAL A 1 2  ? 6.09982   -2.81474  -6.65954  0.370 23.22045  ? 2   VAL A N    1 
ATOM   25  C CA   A VAL A 1 2  ? 4.78134   -2.95314  -5.95107  0.630 21.09228  ? 2   VAL A CA   1 
ATOM   26  C CA   B VAL A 1 2  ? 4.77050   -2.94335  -6.06686  0.370 21.32463  ? 2   VAL A CA   1 
ATOM   27  C C    A VAL A 1 2  ? 4.28010   -4.39089  -5.88264  0.630 22.47677  ? 2   VAL A C    1 
ATOM   28  C C    B VAL A 1 2  ? 4.41573   -4.39804  -5.78466  0.370 22.49851  ? 2   VAL A C    1 
ATOM   29  O O    A VAL A 1 2  ? 3.32591   -4.66387  -5.13117  0.630 23.16125  ? 2   VAL A O    1 
ATOM   30  O O    B VAL A 1 2  ? 3.71569   -4.69087  -4.80455  0.370 21.34188  ? 2   VAL A O    1 
ATOM   31  C CB   A VAL A 1 2  ? 3.66861   -2.09014  -6.57757  0.630 20.70770  ? 2   VAL A CB   1 
ATOM   32  C CB   B VAL A 1 2  ? 3.71523   -2.31060  -6.99070  0.370 20.62636  ? 2   VAL A CB   1 
ATOM   33  C CG1  A VAL A 1 2  ? 4.08752   -0.62883  -6.53780  0.630 20.92117  ? 2   VAL A CG1  1 
ATOM   34  C CG1  B VAL A 1 2  ? 2.32844   -2.54563  -6.43114  0.370 25.03771  ? 2   VAL A CG1  1 
ATOM   35  C CG2  A VAL A 1 2  ? 3.35506   -2.57221  -8.00443  0.630 23.89107  ? 2   VAL A CG2  1 
ATOM   36  C CG2  B VAL A 1 2  ? 3.97808   -0.81966  -7.17707  0.370 20.66214  ? 2   VAL A CG2  1 
ATOM   37  H H    A VAL A 1 2  ? 6.03964   -2.74122  -7.48079  0.630 27.73509  ? 2   VAL A H    1 
ATOM   38  H H    B VAL A 1 2  ? 6.10264   -2.76593  -7.51814  0.370 27.88645  ? 2   VAL A H    1 
ATOM   39  H HA   A VAL A 1 2  ? 4.93573   -2.63645  -5.04732  0.630 25.33264  ? 2   VAL A HA   1 
ATOM   40  H HA   B VAL A 1 2  ? 4.78001   -2.46820  -5.22126  0.370 25.61146  ? 2   VAL A HA   1 
ATOM   41  H HB   A VAL A 1 2  ? 2.84608   -2.17648  -6.07072  0.630 24.87114  ? 2   VAL A HB   1 
ATOM   42  H HB   B VAL A 1 2  ? 3.76985   -2.72900  -7.86412  0.370 24.77353  ? 2   VAL A HB   1 
ATOM   43  H HG11 A VAL A 1 2  ? 3.38769   -0.08871  -6.93704  0.630 25.12731  ? 2   VAL A HG11 1 
ATOM   44  H HG11 B VAL A 1 2  ? 1.73145   -1.85938  -6.76811  0.370 30.06716  ? 2   VAL A HG11 1 
ATOM   45  H HG12 A VAL A 1 2  ? 4.22345   -0.36429  -5.61452  0.630 25.12731  ? 2   VAL A HG12 1 
ATOM   46  H HG12 B VAL A 1 2  ? 2.01860   -3.42077  -6.71227  0.370 30.06716  ? 2   VAL A HG12 1 
ATOM   47  H HG13 A VAL A 1 2  ? 4.91243   -0.52309  -7.03706  0.630 25.12731  ? 2   VAL A HG13 1 
ATOM   48  H HG13 B VAL A 1 2  ? 2.36735   -2.50384  -5.46282  0.370 30.06716  ? 2   VAL A HG13 1 
ATOM   49  H HG21 A VAL A 1 2  ? 2.77500   -1.92550  -8.43594  0.630 28.69119  ? 2   VAL A HG21 1 
ATOM   50  H HG21 B VAL A 1 2  ? 3.27140   -0.44016  -7.72250  0.370 24.81647  ? 2   VAL A HG21 1 
ATOM   51  H HG22 A VAL A 1 2  ? 4.18510   -2.65424  -8.49960  0.630 28.69119  ? 2   VAL A HG22 1 
ATOM   52  H HG22 B VAL A 1 2  ? 3.99150   -0.39023  -6.30742  0.370 24.81647  ? 2   VAL A HG22 1 
ATOM   53  H HG23 A VAL A 1 2  ? 2.91197   -3.43376  -7.95647  0.630 28.69119  ? 2   VAL A HG23 1 
ATOM   54  H HG23 B VAL A 1 2  ? 4.83458   -0.70256  -7.61706  0.370 24.81647  ? 2   VAL A HG23 1 
ATOM   55  N N    . ASN A 1 3  ? 4.89047   -5.31838  -6.62123  1.000 22.14797  ? 3   ASN A N    1 
ATOM   56  C CA   . ASN A 1 3  ? 4.40988   -6.70249  -6.66930  1.000 23.03350  ? 3   ASN A CA   1 
ATOM   57  C C    . ASN A 1 3  ? 5.21086   -7.61371  -5.75419  1.000 25.15200  ? 3   ASN A C    1 
ATOM   58  O O    . ASN A 1 3  ? 5.87863   -8.54967  -6.16570  1.000 26.49816  ? 3   ASN A O    1 
ATOM   59  C CB   . ASN A 1 3  ? 4.44470   -7.18093  -8.10846  1.000 26.45324  ? 3   ASN A CB   1 
ATOM   60  C CG   . ASN A 1 3  ? 3.61109   -6.32235  -8.99579  1.000 27.11272  ? 3   ASN A CG   1 
ATOM   61  O OD1  . ASN A 1 3  ? 2.40325   -6.27193  -8.83122  1.000 23.62443  ? 3   ASN A OD1  1 
ATOM   62  N ND2  . ASN A 1 3  ? 4.25270   -5.56038  -9.88818  1.000 25.63502  ? 3   ASN A ND2  1 
ATOM   63  H H    A ASN A 1 3  ? 5.58637   -5.17152  -7.10472  0.630 26.59947  ? 3   ASN A H    1 
ATOM   64  H H    B ASN A 1 3  ? 5.51399   -5.16268  -7.19270  0.370 26.59947  ? 3   ASN A H    1 
ATOM   65  H HA   . ASN A 1 3  ? 3.49614   -6.72668  -6.34467  1.000 27.66211  ? 3   ASN A HA   1 
ATOM   66  H HB2  . ASN A 1 3  ? 5.35880   -7.15569  -8.43202  1.000 31.76579  ? 3   ASN A HB2  1 
ATOM   67  H HB3  . ASN A 1 3  ? 4.10201   -8.08729  -8.15273  1.000 31.76579  ? 3   ASN A HB3  1 
ATOM   68  H HD21 . ASN A 1 3  ? 3.80660   -5.05095  -10.41835 1.000 30.78393  ? 3   ASN A HD21 1 
ATOM   69  H HD22 . ASN A 1 3  ? 5.11136   -5.57982  -9.93184  1.000 30.78393  ? 3   ASN A HD22 1 
ATOM   70  N N    . GLN A 1 4  ? 5.09175   -7.31345  -4.47038  1.000 22.92672  ? 4   GLN A N    1 
ATOM   71  C CA   . GLN A 1 4  ? 5.78390   -8.06678  -3.43864  1.000 25.30907  ? 4   GLN A CA   1 
ATOM   72  C C    . GLN A 1 4  ? 5.08128   -7.77391  -2.12615  1.000 21.40382  ? 4   GLN A C    1 
ATOM   73  O O    . GLN A 1 4  ? 4.16434   -6.96253  -2.06184  1.000 20.76493  ? 4   GLN A O    1 
ATOM   74  C CB   . GLN A 1 4  ? 7.25925   -7.68075  -3.40780  1.000 27.11925  ? 4   GLN A CB   1 
ATOM   75  C CG   . GLN A 1 4  ? 7.46766   -6.23905  -3.03729  1.000 28.48061  ? 4   GLN A CG   1 
ATOM   76  C CD   . GLN A 1 4  ? 8.91485   -5.80247  -3.16730  1.000 34.07380  ? 4   GLN A CD   1 
ATOM   77  O OE1  . GLN A 1 4  ? 9.80947   -6.39554  -2.56532  1.000 38.79852  ? 4   GLN A OE1  1 
ATOM   78  N NE2  . GLN A 1 4  ? 9.14804   -4.75021  -3.94285  1.000 36.66587  ? 4   GLN A NE2  1 
ATOM   79  H H    . GLN A 1 4  ? 4.60947   -6.66921  -4.16711  1.000 27.53397  ? 4   GLN A H    1 
ATOM   80  H HA   . GLN A 1 4  ? 5.73104   -9.02193  -3.59926  1.000 30.39279  ? 4   GLN A HA   1 
ATOM   81  H HB2  . GLN A 1 4  ? 7.71682   -8.22994  -2.75210  1.000 32.56501  ? 4   GLN A HB2  1 
ATOM   82  H HB3  . GLN A 1 4  ? 7.64291   -7.82482  -4.28696  1.000 32.56501  ? 4   GLN A HB3  1 
ATOM   83  H HG2  . GLN A 1 4  ? 6.93246   -5.68156  -3.62352  1.000 34.19864  ? 4   GLN A HG2  1 
ATOM   84  H HG3  . GLN A 1 4  ? 7.19637   -6.10728  -2.11537  1.000 34.19864  ? 4   GLN A HG3  1 
ATOM   85  H HE21 . GLN A 1 4  ? 8.49510   -4.35506  -4.33924  1.000 44.02095  ? 4   GLN A HE21 1 
ATOM   86  H HE22 . GLN A 1 4  ? 9.95202   -4.46384  -4.04877  1.000 44.02095  ? 4   GLN A HE22 1 
ATOM   87  N N    . HIS A 1 5  ? 5.50433   -8.45990  -1.08508  1.000 23.22594  ? 5   HIS A N    1 
ATOM   88  C CA   . HIS A 1 5  ? 5.03729   -8.13933  0.25621   1.000 22.99605  ? 5   HIS A CA   1 
ATOM   89  C C    . HIS A 1 5  ? 5.70463   -6.83944  0.68463   1.000 21.10069  ? 5   HIS A C    1 
ATOM   90  O O    . HIS A 1 5  ? 6.93529   -6.71585  0.63612   1.000 24.07783  ? 5   HIS A O    1 
ATOM   91  C CB   . HIS A 1 5  ? 5.43831   -9.26541  1.20880   1.000 24.09348  ? 5   HIS A CB   1 
ATOM   92  C CG   . HIS A 1 5  ? 4.74261   -10.56989 0.94751   1.000 24.13309  ? 5   HIS A CG   1 
ATOM   93  N ND1  . HIS A 1 5  ? 5.29124   -11.58249 0.18794   1.000 28.19430  ? 5   HIS A ND1  1 
ATOM   94  C CD2  . HIS A 1 5  ? 3.55990   -11.04649 1.39741   1.000 25.25096  ? 5   HIS A CD2  1 
ATOM   95  C CE1  . HIS A 1 5  ? 4.46002   -12.60867 0.14934   1.000 26.38408  ? 5   HIS A CE1  1 
ATOM   96  N NE2  . HIS A 1 5  ? 3.40123   -12.30548 0.87491   1.000 28.27005  ? 5   HIS A NE2  1 
ATOM   97  H H    . HIS A 1 5  ? 6.06031   -9.11493  -1.12284  1.000 27.89303  ? 5   HIS A H    1 
ATOM   98  H HA   . HIS A 1 5  ? 4.07259   -8.03992  0.27556   1.000 27.61717  ? 5   HIS A HA   1 
ATOM   99  H HB2  . HIS A 1 5  ? 6.39233   -9.41866  1.12362   1.000 28.93408  ? 5   HIS A HB2  1 
ATOM   100 H HB3  . HIS A 1 5  ? 5.22540   -8.99503  2.11568   1.000 28.93408  ? 5   HIS A HB3  1 
ATOM   101 H HD2  . HIS A 1 5  ? 2.96423   -10.60313 1.95734   1.000 30.32306  ? 5   HIS A HD2  1 
ATOM   102 H HE1  . HIS A 1 5  ? 4.59754   -13.40584 -0.30948  1.000 31.68280  ? 5   HIS A HE1  1 
ATOM   103 H HE2  . HIS A 1 5  ? 2.72015   -12.81533 1.00052   1.000 33.94597  ? 5   HIS A HE2  1 
ATOM   104 N N    . LEU A 1 6  ? 4.90066   -5.85192  1.06405   1.000 20.28739  ? 6   LEU A N    1 
ATOM   105 C CA   . LEU A 1 6  ? 5.37821   -4.54249  1.50095   1.000 21.38183  ? 6   LEU A CA   1 
ATOM   106 C C    . LEU A 1 6  ? 4.79789   -4.24771  2.86844   1.000 20.39921  ? 6   LEU A C    1 
ATOM   107 O O    . LEU A 1 6  ? 3.57428   -4.14581  3.00325   1.000 20.61293  ? 6   LEU A O    1 
ATOM   108 C CB   . LEU A 1 6  ? 4.87249   -3.48398  0.53498   1.000 19.51116  ? 6   LEU A CB   1 
ATOM   109 C CG   . LEU A 1 6  ? 5.47038   -3.62022  -0.85551  1.000 21.96088  ? 6   LEU A CG   1 
ATOM   110 C CD1  . LEU A 1 6  ? 4.72641   -2.73340  -1.78905  1.000 25.09632  ? 6   LEU A CD1  1 
ATOM   111 C CD2  . LEU A 1 6  ? 6.94553   -3.28149  -0.88476  1.000 24.74888  ? 6   LEU A CD2  1 
ATOM   112 H H    . LEU A 1 6  ? 4.04330   -5.91777  1.07783   1.000 24.36678  ? 6   LEU A H    1 
ATOM   113 H HA   . LEU A 1 6  ? 6.34679   -4.54017  1.55329   1.000 25.68011  ? 6   LEU A HA   1 
ATOM   114 H HB2  . LEU A 1 6  ? 3.90891   -3.56366  0.45704   1.000 23.43530  ? 6   LEU A HB2  1 
ATOM   115 H HB3  . LEU A 1 6  ? 5.10621   -2.60734  0.87815   1.000 23.43530  ? 6   LEU A HB3  1 
ATOM   116 H HG   . LEU A 1 6  ? 5.39245   -4.54518  -1.13706  1.000 26.37497  ? 6   LEU A HG   1 
ATOM   117 H HD11 . LEU A 1 6  ? 4.85451   -1.81092  -1.51789  1.000 30.13750  ? 6   LEU A HD11 1 
ATOM   118 H HD12 . LEU A 1 6  ? 5.06693   -2.86432  -2.68784  1.000 30.13750  ? 6   LEU A HD12 1 
ATOM   119 H HD13 . LEU A 1 6  ? 3.78382   -2.95999  -1.75617  1.000 30.13750  ? 6   LEU A HD13 1 
ATOM   120 H HD21 . LEU A 1 6  ? 7.07907   -2.41574  -0.46817  1.000 29.72056  ? 6   LEU A HD21 1 
ATOM   121 H HD22 . LEU A 1 6  ? 7.43558   -3.96216  -0.39748  1.000 29.72056  ? 6   LEU A HD22 1 
ATOM   122 H HD23 . LEU A 1 6  ? 7.24514   -3.25456  -1.80693  1.000 29.72056  ? 6   LEU A HD23 1 
ATOM   123 N N    . CYS A 1 7  ? 5.65902   -4.08272  3.87745   1.000 19.66010  ? 7   CYS A N    1 
ATOM   124 C CA   . CYS A 1 7  ? 5.19571   -3.83072  5.22204   1.000 20.99121  ? 7   CYS A CA   1 
ATOM   125 C C    . CYS A 1 7  ? 5.88434   -2.59759  5.77593   1.000 21.52616  ? 7   CYS A C    1 
ATOM   126 O O    . CYS A 1 7  ? 7.00428   -2.26205  5.39170   1.000 20.79747  ? 7   CYS A O    1 
ATOM   127 C CB   . CYS A 1 7  ? 5.54509   -5.01010  6.11745   1.000 23.07138  ? 7   CYS A CB   1 
ATOM   128 S SG   . CYS A 1 7  ? 4.89370   -6.61696  5.56345   1.000 24.83622  ? 7   CYS A SG   1 
ATOM   129 H H    . CYS A 1 7  ? 6.51459   -4.11443  3.79636   1.000 23.61403  ? 7   CYS A H    1 
ATOM   130 H HA   . CYS A 1 7  ? 4.23764   -3.67906  5.21982   1.000 25.21136  ? 7   CYS A HA   1 
ATOM   131 H HB2  . CYS A 1 7  ? 6.51108   -5.08707  6.16041   1.000 27.70757  ? 7   CYS A HB2  1 
ATOM   132 H HB3  . CYS A 1 7  ? 5.18613   -4.84028  7.00245   1.000 27.70757  ? 7   CYS A HB3  1 
ATOM   133 N N    . GLY A 1 8  ? 5.18238   -1.90927  6.65677   1.000 22.00121  ? 8   GLY A N    1 
ATOM   134 C CA   . GLY A 1 8  ? 5.78924   -0.80422  7.37453   1.000 22.14265  ? 8   GLY A CA   1 
ATOM   135 C C    . GLY A 1 8  ? 6.23789   0.29406   6.44569   1.000 18.57688  ? 8   GLY A C    1 
ATOM   136 O O    . GLY A 1 8  ? 5.51631   0.71070   5.55405   1.000 19.07575  ? 8   GLY A O    1 
ATOM   137 H H    . GLY A 1 8  ? 4.35953   -2.05860  6.85733   1.000 26.42335  ? 8   GLY A H    1 
ATOM   138 H HA2  . GLY A 1 8  ? 5.14701   -0.43383  8.00002   1.000 26.59309  ? 8   GLY A HA2  1 
ATOM   139 H HA3  . GLY A 1 8  ? 6.56132   -1.12410  7.86695   1.000 26.59309  ? 8   GLY A HA3  1 
ATOM   140 N N    . SER A 1 9  ? 7.45361   0.76949   6.66937   1.000 18.92752  ? 9   SER A N    1 
ATOM   141 C CA   . SER A 1 9  ? 7.93844   1.89857   5.88933   1.000 17.67702  ? 9   SER A CA   1 
ATOM   142 C C    . SER A 1 9  ? 8.02555   1.52073   4.42011   1.000 17.12309  ? 9   SER A C    1 
ATOM   143 O O    . SER A 1 9  ? 7.93246   2.39010   3.54505   1.000 18.18352  ? 9   SER A O    1 
ATOM   144 C CB   . SER A 1 9  ? 9.30842   2.37331   6.36109   1.000 20.04854  ? 9   SER A CB   1 
ATOM   145 O OG   . SER A 1 9  ? 10.33386  1.42531   6.07597   1.000 21.78718  ? 9   SER A OG   1 
ATOM   146 H H    . SER A 1 9  ? 8.00627   0.46432   7.25337   1.000 22.73493  ? 9   SER A H    1 
ATOM   147 H HA   . SER A 1 9  ? 7.32910   2.64262   6.01581   1.000 21.23434  ? 9   SER A HA   1 
ATOM   148 H HB2  . SER A 1 9  ? 9.52084   3.20541   5.91011   1.000 24.08015  ? 9   SER A HB2  1 
ATOM   149 H HB3  . SER A 1 9  ? 9.27457   2.51496   7.32009   1.000 24.08015  ? 9   SER A HB3  1 
ATOM   150 H HG   . SER A 1 9  ? 11.06966  1.69955   6.37430   1.000 26.16652  ? 9   SER A HG   1 
ATOM   151 N N    . HIS A 1 10 ? 8.17241   0.23725   4.11867   1.000 16.49633  ? 10  HIS A N    1 
ATOM   152 C CA   . HIS A 1 10 ? 8.28956   -0.20436  2.73947   1.000 18.56077  ? 10  HIS A CA   1 
ATOM   153 C C    . HIS A 1 10 ? 6.96520   0.01734   2.00558   1.000 19.39484  ? 10  HIS A C    1 
ATOM   154 O O    . HIS A 1 10 ? 6.93757   0.34762   0.81163   1.000 19.23383  ? 10  HIS A O    1 
ATOM   155 C CB   . HIS A 1 10 ? 8.70650   -1.69305  2.70856   1.000 21.00584  ? 10  HIS A CB   1 
ATOM   156 C CG   . HIS A 1 10 ? 10.01992  -2.01150  3.38267   1.000 22.12242  ? 10  HIS A CG   1 
ATOM   157 N ND1  . HIS A 1 10 ? 10.60642  -3.26452  3.28902   1.000 25.32986  ? 10  HIS A ND1  1 
ATOM   158 C CD2  . HIS A 1 10 ? 10.85538  -1.26469  4.14964   1.000 22.74172  ? 10  HIS A CD2  1 
ATOM   159 C CE1  . HIS A 1 10 ? 11.74969  -3.26052  3.95343   1.000 27.63191  ? 10  HIS A CE1  1 
ATOM   160 N NE2  . HIS A 1 10 ? 11.93108  -2.06031  4.48123   1.000 23.79684  ? 10  HIS A NE2  1 
ATOM   161 H H    . HIS A 1 10 ? 8.20730   -0.39939  4.69579   1.000 19.81750  ? 10  HIS A H    1 
ATOM   162 H HA   . HIS A 1 10 ? 8.97895   0.30139   2.28135   1.000 22.29483  ? 10  HIS A HA   1 
ATOM   163 H HB2  . HIS A 1 10 ? 8.01922   -2.21221  3.15469   1.000 25.22892  ? 10  HIS A HB2  1 
ATOM   164 H HB3  . HIS A 1 10 ? 8.78248   -1.96995  1.78203   1.000 25.22892  ? 10  HIS A HB3  1 
ATOM   165 H HD2  . HIS A 1 10 ? 10.72574  -0.37966  4.40423   1.000 27.31197  ? 10  HIS A HD2  1 
ATOM   166 H HE1  . HIS A 1 10 ? 12.33056  -3.98207  4.03623   1.000 33.18020  ? 10  HIS A HE1  1 
ATOM   167 H HE2  . HIS A 1 10 ? 12.60787  -1.81720  4.95287   1.000 28.57812  ? 10  HIS A HE2  1 
ATOM   168 N N    . LEU A 1 11 ? 5.85081   -0.17302  2.71918   1.000 17.18208  ? 11  LEU A N    1 
ATOM   169 C CA   . LEU A 1 11 ? 4.52211   0.04152   2.17331   1.000 17.06172  ? 11  LEU A CA   1 
ATOM   170 C C    . LEU A 1 11 ? 4.22245   1.52184   1.99308   1.000 16.97601  ? 11  LEU A C    1 
ATOM   171 O O    . LEU A 1 11 ? 3.70533   1.93731   0.95340   1.000 17.09694  ? 11  LEU A O    1 
ATOM   172 C CB   . LEU A 1 11 ? 3.51519   -0.64298  3.09204   1.000 18.47247  ? 11  LEU A CB   1 
ATOM   173 C CG   . LEU A 1 11 ? 2.05528   -0.58014  2.64736   1.000 18.32381  ? 11  LEU A CG   1 
ATOM   174 C CD1  . LEU A 1 11 ? 1.80245   -0.96095  1.20947   1.000 18.83354  ? 11  LEU A CD1  1 
ATOM   175 C CD2  . LEU A 1 11 ? 1.28334   -1.47600  3.60556   1.000 22.11816  ? 11  LEU A CD2  1 
ATOM   176 H H    . LEU A 1 11 ? 5.84261   -0.43199  3.53922   1.000 20.64040  ? 11  LEU A H    1 
ATOM   177 H HA   . LEU A 1 11 ? 4.45177   -0.35488  1.29080   1.000 20.49597  ? 11  LEU A HA   1 
ATOM   178 H HB2  . LEU A 1 11 ? 3.75521   -1.58043  3.15918   1.000 22.18887  ? 11  LEU A HB2  1 
ATOM   179 H HB3  . LEU A 1 11 ? 3.56815   -0.22361  3.96508   1.000 22.18887  ? 11  LEU A HB3  1 
ATOM   180 H HG   . LEU A 1 11 ? 1.75187   0.34068   2.67800   1.000 22.01048  ? 11  LEU A HG   1 
ATOM   181 H HD11 . LEU A 1 11 ? 2.19247   -0.28701  0.63104   1.000 22.62216  ? 11  LEU A HD11 1 
ATOM   182 H HD12 . LEU A 1 11 ? 2.21073   -1.82331  1.03470   1.000 22.62216  ? 11  LEU A HD12 1 
ATOM   183 H HD13 . LEU A 1 11 ? 0.84541   -1.01165  1.05979   1.000 22.62216  ? 11  LEU A HD13 1 
ATOM   184 H HD21 . LEU A 1 11 ? 0.33860   -1.42806  3.39091   1.000 26.56370  ? 11  LEU A HD21 1 
ATOM   185 H HD22 . LEU A 1 11 ? 1.59873   -2.38813  3.50849   1.000 26.56370  ? 11  LEU A HD22 1 
ATOM   186 H HD23 . LEU A 1 11 ? 1.43218   -1.16942  4.51372   1.000 26.56370  ? 11  LEU A HD23 1 
ATOM   187 N N    A VAL A 1 12 ? 4.60009   2.32523   2.98344   0.540 17.12898  ? 12  VAL A N    1 
ATOM   188 N N    B VAL A 1 12 ? 4.52377   2.34623   2.98742   0.460 17.03327  ? 12  VAL A N    1 
ATOM   189 C CA   A VAL A 1 12 ? 4.38447   3.76126   2.93134   0.540 17.04814  ? 12  VAL A CA   1 
ATOM   190 C CA   B VAL A 1 12 ? 4.23586   3.75569   2.77483   0.460 16.68192  ? 12  VAL A CA   1 
ATOM   191 C C    A VAL A 1 12 ? 5.17256   4.39172   1.79660   0.540 16.08721  ? 12  VAL A C    1 
ATOM   192 C C    B VAL A 1 12 ? 5.10223   4.31502   1.65154   0.460 16.21679  ? 12  VAL A C    1 
ATOM   193 O O    A VAL A 1 12 ? 4.74632   5.38952   1.20750   0.540 15.13818  ? 12  VAL A O    1 
ATOM   194 O O    B VAL A 1 12 ? 4.60969   5.08137   0.82889   0.460 15.26635  ? 12  VAL A O    1 
ATOM   195 C CB   A VAL A 1 12 ? 4.78310   4.38412   4.28098   0.540 17.32736  ? 12  VAL A CB   1 
ATOM   196 C CB   B VAL A 1 12 ? 4.24981   4.59689   4.06454   0.460 19.40719  ? 12  VAL A CB   1 
ATOM   197 C CG1  A VAL A 1 12 ? 4.91035   5.87282   4.11712   0.540 19.84057  ? 12  VAL A CG1  1 
ATOM   198 C CG1  B VAL A 1 12 ? 3.22959   4.04861   5.04262   0.460 18.80538  ? 12  VAL A CG1  1 
ATOM   199 C CG2  A VAL A 1 12 ? 3.77199   4.01132   5.32844   0.540 20.59308  ? 12  VAL A CG2  1 
ATOM   200 C CG2  B VAL A 1 12 ? 5.60391   4.64047   4.70644   0.460 19.70838  ? 12  VAL A CG2  1 
ATOM   201 H H    A VAL A 1 12 ? 4.98736   2.05891   3.70364   0.540 20.57669  ? 12  VAL A H    1 
ATOM   202 H H    B VAL A 1 12 ? 4.87176   2.12962   3.74345   0.460 20.46184  ? 12  VAL A H    1 
ATOM   203 H HA   A VAL A 1 12 ? 3.44300   3.92407   2.76392   0.540 20.47968  ? 12  VAL A HA   1 
ATOM   204 H HA   B VAL A 1 12 ? 3.31253   3.81282   2.48309   0.460 20.04021  ? 12  VAL A HA   1 
ATOM   205 H HB   A VAL A 1 12 ? 5.64170   4.04545   4.57933   0.540 20.81474  ? 12  VAL A HB   1 
ATOM   206 H HB   B VAL A 1 12 ? 4.02128   5.50910   3.82674   0.460 23.31054  ? 12  VAL A HB   1 
ATOM   207 H HG11 A VAL A 1 12 ? 4.89010   6.28978   4.99270   0.540 23.83059  ? 12  VAL A HG11 1 
ATOM   208 H HG11 B VAL A 1 12 ? 2.74849   3.31922   4.62138   0.460 22.58837  ? 12  VAL A HG11 1 
ATOM   209 H HG12 A VAL A 1 12 ? 5.75096   6.07123   3.67563   0.540 23.83059  ? 12  VAL A HG12 1 
ATOM   210 H HG12 B VAL A 1 12 ? 3.69084   3.72764   5.83328   0.460 22.58837  ? 12  VAL A HG12 1 
ATOM   211 H HG13 A VAL A 1 12 ? 4.17020   6.19579   3.57976   0.540 23.83059  ? 12  VAL A HG13 1 
ATOM   212 H HG13 B VAL A 1 12 ? 2.61187   4.75629   5.28446   0.460 22.58837  ? 12  VAL A HG13 1 
ATOM   213 H HG21 A VAL A 1 12 ? 3.22095   3.28742   4.99196   0.540 24.73360  ? 12  VAL A HG21 1 
ATOM   214 H HG21 B VAL A 1 12 ? 5.52416   5.04423   5.58479   0.460 23.67196  ? 12  VAL A HG21 1 
ATOM   215 H HG22 A VAL A 1 12 ? 4.23805   3.72708   6.13025   0.540 24.73360  ? 12  VAL A HG22 1 
ATOM   216 H HG22 B VAL A 1 12 ? 5.94403   3.73572   4.78792   0.460 23.67196  ? 12  VAL A HG22 1 
ATOM   217 H HG23 A VAL A 1 12 ? 3.21957   4.78444   5.52343   0.540 24.73360  ? 12  VAL A HG23 1 
ATOM   218 H HG23 B VAL A 1 12 ? 6.19924   5.16900   4.15224   0.460 23.67196  ? 12  VAL A HG23 1 
ATOM   219 N N    . GLU A 1 13 ? 6.36243   3.85923   1.51844   1.000 16.04726  ? 13  GLU A N    1 
ATOM   220 C CA   . GLU A 1 13 ? 7.17189   4.35417   0.41201   1.000 17.80549  ? 13  GLU A CA   1 
ATOM   221 C C    . GLU A 1 13 ? 6.51398   4.04864   -0.91977  1.000 17.43627  ? 13  GLU A C    1 
ATOM   222 O O    . GLU A 1 13 ? 6.53131   4.87189   -1.83609  1.000 17.09765  ? 13  GLU A O    1 
ATOM   223 C CB   . GLU A 1 13 ? 8.52249   3.67301   0.50319   1.000 21.35461  ? 13  GLU A CB   1 
ATOM   224 C CG   . GLU A 1 13 ? 9.39877   3.75258   -0.68456  1.000 29.52895  ? 13  GLU A CG   1 
ATOM   225 C CD   . GLU A 1 13 ? 10.76752  3.10602   -0.40191  1.000 33.87231  ? 13  GLU A CD   1 
ATOM   226 O OE1  . GLU A 1 13 ? 11.35611  3.46820   0.62662   1.000 26.59207  ? 13  GLU A OE1  1 
ATOM   227 O OE2  . GLU A 1 13 ? 11.16544  2.16364   -1.14439  1.000 38.99812  ? 13  GLU A OE2  1 
ATOM   228 H H    . GLU A 1 13 ? 6.71926   3.21142   1.95731   1.000 19.27862  ? 13  GLU A H    1 
ATOM   229 H HA   . GLU A 1 13 ? 7.28154   5.31631   0.46821   1.000 21.38849  ? 13  GLU A HA   1 
ATOM   230 H HB2  . GLU A 1 13 ? 9.00983   4.07348   1.24010   1.000 25.64744  ? 13  GLU A HB2  1 
ATOM   231 H HB3  . GLU A 1 13 ? 8.37076   2.73116   0.67868   1.000 25.64744  ? 13  GLU A HB3  1 
ATOM   232 H HG2  . GLU A 1 13 ? 8.98345   3.28281   -1.42464  1.000 35.45665  ? 13  GLU A HG2  1 
ATOM   233 H HG3  . GLU A 1 13 ? 9.54057   4.68288   -0.91982  1.000 35.45665  ? 13  GLU A HG3  1 
ATOM   234 N N    . ALA A 1 14 ? 5.97050   2.85527   -1.05293  1.000 16.64190  ? 14  ALA A N    1 
ATOM   235 C CA   . ALA A 1 14 ? 5.27563   2.49857   -2.28040  1.000 17.10802  ? 14  ALA A CA   1 
ATOM   236 C C    . ALA A 1 14 ? 4.04574   3.36631   -2.52600  1.000 16.69703  ? 14  ALA A C    1 
ATOM   237 O O    . ALA A 1 14 ? 3.80920   3.82801   -3.65820  1.000 17.73525  ? 14  ALA A O    1 
ATOM   238 C CB   . ALA A 1 14 ? 4.88663   1.02374   -2.24219  1.000 20.81852  ? 14  ALA A CB   1 
ATOM   239 H H    A ALA A 1 14 ? 5.98702   2.23619   -0.45621  0.550 19.99219  ? 14  ALA A H    1 
ATOM   240 H H    B ALA A 1 14 ? 5.98702   2.23619   -0.45621  0.450 19.99219  ? 14  ALA A H    1 
ATOM   241 H HA   . ALA A 1 14 ? 5.88195   2.64338   -3.02357  1.000 20.55153  ? 14  ALA A HA   1 
ATOM   242 H HB1  . ALA A 1 14 ? 5.68596   0.48955   -2.11327  1.000 25.00413  ? 14  ALA A HB1  1 
ATOM   243 H HB2  . ALA A 1 14 ? 4.26986   0.87873   -1.50771  1.000 25.00413  ? 14  ALA A HB2  1 
ATOM   244 H HB3  . ALA A 1 14 ? 4.46254   0.78714   -3.08188  1.000 25.00413  ? 14  ALA A HB3  1 
ATOM   245 N N    . LEU A 1 15 ? 3.26936   3.62086   -1.47270  1.000 16.92286  ? 15  LEU A N    1 
ATOM   246 C CA   . LEU A 1 15 ? 2.13694   4.53697   -1.59468  1.000 17.35718  ? 15  LEU A CA   1 
ATOM   247 C C    . LEU A 1 15 ? 2.60101   5.90576   -2.03466  1.000 16.65532  ? 15  LEU A C    1 
ATOM   248 O O    . LEU A 1 15 ? 1.97596   6.53572   -2.90080  1.000 19.28690  ? 15  LEU A O    1 
ATOM   249 C CB   . LEU A 1 15 ? 1.40144   4.68007   -0.28100  1.000 18.84050  ? 15  LEU A CB   1 
ATOM   250 C CG   . LEU A 1 15 ? 0.49167   3.52071   0.08822   1.000 17.96710  ? 15  LEU A CG   1 
ATOM   251 C CD1  . LEU A 1 15 ? 0.13227   3.54879   1.55105   1.000 20.33678  ? 15  LEU A CD1  1 
ATOM   252 C CD2  . LEU A 1 15 ? -0.77572  3.50692   -0.72483  1.000 18.65201  ? 15  LEU A CD2  1 
ATOM   253 H H    . LEU A 1 15 ? 3.37446   3.28216   -0.68923  1.000 20.32934  ? 15  LEU A H    1 
ATOM   254 H HA   . LEU A 1 15 ? 1.52698   4.16272   -2.24949  1.000 20.85052  ? 15  LEU A HA   1 
ATOM   255 H HB2  . LEU A 1 15 ? 2.05803   4.76972   0.42735   1.000 22.63051  ? 15  LEU A HB2  1 
ATOM   256 H HB3  . LEU A 1 15 ? 0.85070   5.47731   -0.32570  1.000 22.63051  ? 15  LEU A HB3  1 
ATOM   257 H HG   . LEU A 1 15 ? 0.98615   2.70884   -0.10481  1.000 21.58243  ? 15  LEU A HG   1 
ATOM   258 H HD11 . LEU A 1 15 ? -0.46174  2.80677   1.74461   1.000 24.42604  ? 15  LEU A HD11 1 
ATOM   259 H HD12 . LEU A 1 15 ? 0.94333   3.46914   2.07711   1.000 24.42604  ? 15  LEU A HD12 1 
ATOM   260 H HD13 . LEU A 1 15 ? -0.31081  4.38812   1.75133   1.000 24.42604  ? 15  LEU A HD13 1 
ATOM   261 H HD21 . LEU A 1 15 ? -1.27811  2.70466   -0.51296  1.000 22.40432  ? 15  LEU A HD21 1 
ATOM   262 H HD22 . LEU A 1 15 ? -1.30003  4.29305   -0.50574  1.000 22.40432  ? 15  LEU A HD22 1 
ATOM   263 H HD23 . LEU A 1 15 ? -0.54641  3.51436   -1.66731  1.000 22.40432  ? 15  LEU A HD23 1 
ATOM   264 N N    . TYR A 1 16 ? 3.69383   6.39134   -1.42695  1.000 16.57372  ? 16  TYR A N    1 
ATOM   265 C CA   . TYR A 1 16 ? 4.20049   7.71486   -1.75551  1.000 16.71513  ? 16  TYR A CA   1 
ATOM   266 C C    . TYR A 1 16 ? 4.56675   7.79248   -3.22180  1.000 16.93717  ? 16  TYR A C    1 
ATOM   267 O O    . TYR A 1 16 ? 4.17790   8.73624   -3.91910  1.000 17.72858  ? 16  TYR A O    1 
ATOM   268 C CB   . TYR A 1 16 ? 5.39430   8.03139   -0.85932  1.000 16.85385  ? 16  TYR A CB   1 
ATOM   269 C CG   . TYR A 1 16 ? 6.23599   9.17692   -1.30007  1.000 16.90554  ? 16  TYR A CG   1 
ATOM   270 C CD1  . TYR A 1 16 ? 5.80869   10.48269  -1.13989  1.000 18.01847  ? 16  TYR A CD1  1 
ATOM   271 C CD2  . TYR A 1 16 ? 7.45211   8.95176   -1.91525  1.000 17.21398  ? 16  TYR A CD2  1 
ATOM   272 C CE1  . TYR A 1 16 ? 6.59643   11.53835  -1.54772  1.000 19.81396  ? 16  TYR A CE1  1 
ATOM   273 C CE2  . TYR A 1 16 ? 8.24525   9.97730   -2.32002  1.000 18.51408  ? 16  TYR A CE2  1 
ATOM   274 C CZ   . TYR A 1 16 ? 7.82368   11.28399  -2.15256  1.000 17.63939  ? 16  TYR A CZ   1 
ATOM   275 O OH   . TYR A 1 16 ? 8.59689   12.32092  -2.56383  1.000 19.88401  ? 16  TYR A OH   1 
ATOM   276 H H    . TYR A 1 16 ? 4.14960   5.97384   -0.82899  1.000 19.91037  ? 16  TYR A H    1 
ATOM   277 H HA   . TYR A 1 16 ? 3.51879   8.38440   -1.58847  1.000 20.08007  ? 16  TYR A HA   1 
ATOM   278 H HB2  . TYR A 1 16 ? 5.06334   8.24027   0.02822   1.000 20.24652  ? 16  TYR A HB2  1 
ATOM   279 H HB3  . TYR A 1 16 ? 5.96630   7.24876   -0.82442  1.000 20.24652  ? 16  TYR A HB3  1 
ATOM   280 H HD1  . TYR A 1 16 ? 4.98009   10.65064  -0.75244  1.000 21.64408  ? 16  TYR A HD1  1 
ATOM   281 H HD2  . TYR A 1 16 ? 7.73457   8.07689   -2.05564  1.000 20.67868  ? 16  TYR A HD2  1 
ATOM   282 H HE1  . TYR A 1 16 ? 6.30975   12.41373  -1.41955  1.000 23.79865  ? 16  TYR A HE1  1 
ATOM   283 H HE2  . TYR A 1 16 ? 9.07118   9.80109   -2.70947  1.000 22.23880  ? 16  TYR A HE2  1 
ATOM   284 H HH   . TYR A 1 16 ? 9.35826   12.04216  -2.78340  1.000 23.88272  ? 16  TYR A HH   1 
ATOM   285 N N    . LEU A 1 17 ? 5.28960   6.79083   -3.71539  1.000 16.90099  ? 17  LEU A N    1 
ATOM   286 C CA   . LEU A 1 17 ? 5.72932   6.80155   -5.10798  1.000 18.33604  ? 17  LEU A CA   1 
ATOM   287 C C    . LEU A 1 17 ? 4.57699   6.64515   -6.08357  1.000 18.45335  ? 17  LEU A C    1 
ATOM   288 O O    . LEU A 1 17 ? 4.53776   7.32148   -7.11613  1.000 21.49067  ? 17  LEU A O    1 
ATOM   289 C CB   . LEU A 1 17 ? 6.75257   5.70619   -5.34310  1.000 19.22759  ? 17  LEU A CB   1 
ATOM   290 C CG   . LEU A 1 17 ? 8.12446   5.94534   -4.73379  1.000 17.58201  ? 17  LEU A CG   1 
ATOM   291 C CD1  . LEU A 1 17 ? 8.98622   4.72398   -4.91968  1.000 23.48944  ? 17  LEU A CD1  1 
ATOM   292 C CD2  . LEU A 1 17 ? 8.80841   7.15385   -5.28082  1.000 25.00608  ? 17  LEU A CD2  1 
ATOM   293 H H    . LEU A 1 17 ? 5.53751   6.09828   -3.26984  1.000 20.30310  ? 17  LEU A H    1 
ATOM   294 H HA   . LEU A 1 17 ? 6.14429   7.66207   -5.27593  1.000 22.02516  ? 17  LEU A HA   1 
ATOM   295 H HB2  . LEU A 1 17 ? 6.40809   4.88234   -4.96428  1.000 23.09502  ? 17  LEU A HB2  1 
ATOM   296 H HB3  . LEU A 1 17 ? 6.87528   5.60549   -6.30002  1.000 23.09502  ? 17  LEU A HB3  1 
ATOM   297 H HG   . LEU A 1 17 ? 7.99893   6.11467   -3.78697  1.000 21.12031  ? 17  LEU A HG   1 
ATOM   298 H HD11 . LEU A 1 17 ? 8.56129   3.96844   -4.48438  1.000 28.20923  ? 17  LEU A HD11 1 
ATOM   299 H HD12 . LEU A 1 17 ? 9.08328   4.54740   -5.86852  1.000 28.20923  ? 17  LEU A HD12 1 
ATOM   300 H HD13 . LEU A 1 17 ? 9.85611   4.88793   -4.52305  1.000 28.20923  ? 17  LEU A HD13 1 
ATOM   301 H HD21 . LEU A 1 17 ? 9.72054   7.17670   -4.95155  1.000 30.02920  ? 17  LEU A HD21 1 
ATOM   302 H HD22 . LEU A 1 17 ? 8.80758   7.10581   -6.24962  1.000 30.02920  ? 17  LEU A HD22 1 
ATOM   303 H HD23 . LEU A 1 17 ? 8.33129   7.94620   -4.98851  1.000 30.02920  ? 17  LEU A HD23 1 
ATOM   304 N N    . VAL A 1 18 ? 3.63939   5.76276   -5.77771  1.000 18.28323  ? 18  VAL A N    1 
ATOM   305 C CA   . VAL A 1 18 ? 2.53329   5.50695   -6.70050  1.000 18.96638  ? 18  VAL A CA   1 
ATOM   306 C C    . VAL A 1 18 ? 1.57975   6.68922   -6.73827  1.000 19.41469  ? 18  VAL A C    1 
ATOM   307 O O    . VAL A 1 18 ? 1.14559   7.12546   -7.80794  1.000 21.47463  ? 18  VAL A O    1 
ATOM   308 C CB   . VAL A 1 18 ? 1.80571   4.20313   -6.31110  1.000 21.76423  ? 18  VAL A CB   1 
ATOM   309 C CG1  . VAL A 1 18 ? 0.43358   4.13792   -6.95372  1.000 24.83421  ? 18  VAL A CG1  1 
ATOM   310 C CG2  . VAL A 1 18 ? 2.66054   3.01262   -6.69100  1.000 22.54771  ? 18  VAL A CG2  1 
ATOM   311 H H    . VAL A 1 18 ? 3.61541   5.30132   -5.05239  1.000 21.96179  ? 18  VAL A H    1 
ATOM   312 H HA   . VAL A 1 18 ? 2.89757   5.39580   -7.59259  1.000 22.78156  ? 18  VAL A HA   1 
ATOM   313 H HB   . VAL A 1 18 ? 1.66665   4.18096   -5.35138  1.000 26.13899  ? 18  VAL A HB   1 
ATOM   314 H HG11 . VAL A 1 18 ? 0.48551   4.51073   -7.84771  1.000 29.82296  ? 18  VAL A HG11 1 
ATOM   315 H HG12 . VAL A 1 18 ? 0.14912   3.21161   -6.99763  1.000 29.82296  ? 18  VAL A HG12 1 
ATOM   316 H HG13 . VAL A 1 18 ? -0.19107  4.65070   -6.41727  1.000 29.82296  ? 18  VAL A HG13 1 
ATOM   317 H HG21 . VAL A 1 18 ? 3.55479   3.32144   -6.90515  1.000 27.07915  ? 18  VAL A HG21 1 
ATOM   318 H HG22 . VAL A 1 18 ? 2.69380   2.39612   -5.94285  1.000 27.07915  ? 18  VAL A HG22 1 
ATOM   319 H HG23 . VAL A 1 18 ? 2.26794   2.57536   -7.46273  1.000 27.07915  ? 18  VAL A HG23 1 
ATOM   320 N N    . CYS A 1 19 ? 1.23475   7.21978   -5.57801  1.000 18.64976  ? 19  CYS A N    1 
ATOM   321 C CA   . CYS A 1 19 ? 0.15516   8.19317   -5.50570  1.000 20.71046  ? 19  CYS A CA   1 
ATOM   322 C C    . CYS A 1 19 ? 0.61321   9.58704   -5.90335  1.000 22.18919  ? 19  CYS A C    1 
ATOM   323 O O    . CYS A 1 19 ? -0.20611  10.40711  -6.33447  1.000 23.46094  ? 19  CYS A O    1 
ATOM   324 C CB   . CYS A 1 19 ? -0.46953  8.19811   -4.11880  1.000 19.05613  ? 19  CYS A CB   1 
ATOM   325 S SG   . CYS A 1 19 ? -1.27758  6.64435   -3.70486  1.000 19.48466  ? 19  CYS A SG   1 
ATOM   326 H H    . CYS A 1 19 ? 1.60457   7.03678   -4.82347  1.000 22.40162  ? 19  CYS A H    1 
ATOM   327 H HA   . CYS A 1 19 ? -0.54167  7.92998   -6.12701  1.000 24.87446  ? 19  CYS A HA   1 
ATOM   328 H HB2  . CYS A 1 19 ? 0.22547   8.35845   -3.46142  1.000 22.88927  ? 19  CYS A HB2  1 
ATOM   329 H HB3  . CYS A 1 19 ? -1.13527  8.90231   -4.07626  1.000 22.88927  ? 19  CYS A HB3  1 
ATOM   330 N N    . GLY A 1 20 ? 1.89724   9.88772   -5.74552  1.000 21.98610  ? 20  GLY A N    1 
ATOM   331 C CA   . GLY A 1 20 ? 2.40246   11.17653  -6.16209  1.000 23.82678  ? 20  GLY A CA   1 
ATOM   332 C C    . GLY A 1 20 ? 1.62570   12.32257  -5.54719  1.000 23.76365  ? 20  GLY A C    1 
ATOM   333 O O    . GLY A 1 20 ? 1.30380   12.31766  -4.35679  1.000 26.17213  ? 20  GLY A O    1 
ATOM   334 H H    . GLY A 1 20 ? 2.48775   9.36492   -5.40260  1.000 26.40523  ? 20  GLY A H    1 
ATOM   335 H HA2  . GLY A 1 20 ? 3.33171   11.25918  -5.89646  1.000 28.61405  ? 20  GLY A HA2  1 
ATOM   336 H HA3  . GLY A 1 20 ? 2.34234   11.24912  -7.12750  1.000 28.61405  ? 20  GLY A HA3  1 
ATOM   337 N N    . GLU A 1 21 ? 1.33006   13.34353  -6.35869  1.000 27.16000  ? 21  GLU A N    1 
ATOM   338 C CA   . GLU A 1 21 ? 0.70033   14.55184  -5.82059  1.000 30.11326  ? 21  GLU A CA   1 
ATOM   339 C C    . GLU A 1 21 ? -0.73837  14.33375  -5.36856  1.000 29.67893  ? 21  GLU A C    1 
ATOM   340 O O    . GLU A 1 21 ? -1.29931  15.21652  -4.71464  1.000 31.23960  ? 21  GLU A O    1 
ATOM   341 C CB   . GLU A 1 21 ? 0.78141   15.71140  -6.81721  1.000 37.17008  ? 21  GLU A CB   1 
ATOM   342 C CG   . GLU A 1 21 ? 2.21222   16.17239  -7.08296  1.000 50.42281  ? 21  GLU A CG   1 
ATOM   343 C CD   . GLU A 1 21 ? 2.27821   17.51436  -7.80019  1.000 64.63864  ? 21  GLU A CD   1 
ATOM   344 O OE1  . GLU A 1 21 ? 3.34669   18.16784  -7.74676  1.000 65.17037  ? 21  GLU A OE1  1 
ATOM   345 O OE2  . GLU A 1 21 ? 1.26629   17.90664  -8.42888  1.000 62.76654  ? 21  GLU A OE2  1 
ATOM   346 H H    . GLU A 1 21 ? 1.48087   13.36014  -7.20521  1.000 32.61391  ? 21  GLU A H    1 
ATOM   347 H HA   . GLU A 1 21 ? 1.20735   14.82323  -5.03944  1.000 36.15782  ? 21  GLU A HA   1 
ATOM   348 H HB2  . GLU A 1 21 ? 0.39680   15.42800  -7.66140  1.000 44.62601  ? 21  GLU A HB2  1 
ATOM   349 H HB3  . GLU A 1 21 ? 0.28500   16.46576  -6.46309  1.000 44.62601  ? 21  GLU A HB3  1 
ATOM   350 H HG2  . GLU A 1 21 ? 2.67732   16.26208  -6.23648  1.000 60.52928  ? 21  GLU A HG2  1 
ATOM   351 H HG3  . GLU A 1 21 ? 2.65804   15.51381  -7.63831  1.000 60.52928  ? 21  GLU A HG3  1 
ATOM   352 N N    . ARG A 1 22 ? -1.34562  13.19225  -5.68660  1.000 29.48780  ? 22  ARG A N    1 
ATOM   353 C CA   . ARG A 1 22 ? -2.66229  12.90009  -5.13713  1.000 29.99382  ? 22  ARG A CA   1 
ATOM   354 C C    . ARG A 1 22 ? -2.61233  12.70749  -3.62536  1.000 31.01080  ? 22  ARG A C    1 
ATOM   355 O O    . ARG A 1 22 ? -3.61001  12.94501  -2.93915  1.000 36.36618  ? 22  ARG A O    1 
ATOM   356 C CB   . ARG A 1 22 ? -3.25635  11.64602  -5.76884  1.000 29.89157  ? 22  ARG A CB   1 
ATOM   357 C CG   . ARG A 1 22 ? -3.54348  11.75570  -7.25663  1.000 35.65619  ? 22  ARG A CG   1 
ATOM   358 C CD   . ARG A 1 22 ? -3.93094  10.40490  -7.88278  1.000 41.30269  ? 22  ARG A CD   1 
ATOM   359 N NE   . ARG A 1 22 ? -2.79700  9.51978   -8.15668  1.000 37.73076  ? 22  ARG A NE   1 
ATOM   360 C CZ   . ARG A 1 22 ? -2.91513  8.24380   -8.50215  1.000 36.68093  ? 22  ARG A CZ   1 
ATOM   361 N NH1  . ARG A 1 22 ? -4.10165  7.67116   -8.63137  1.000 34.84518  ? 22  ARG A NH1  1 
ATOM   362 N NH2  . ARG A 1 22 ? -1.81805  7.52710   -8.73337  1.000 30.51362  ? 22  ARG A NH2  1 
ATOM   363 H H    . ARG A 1 22 ? -1.02392  12.58636  -6.20526  1.000 35.40727  ? 22  ARG A H    1 
ATOM   364 H HA   . ARG A 1 22 ? -3.23749  13.65208  -5.34822  1.000 36.01449  ? 22  ARG A HA   1 
ATOM   365 H HB2  . ARG A 1 22 ? -2.63180  10.91413  -5.64563  1.000 35.89179  ? 22  ARG A HB2  1 
ATOM   366 H HB3  . ARG A 1 22 ? -4.09470  11.44518  -5.32417  1.000 35.89179  ? 22  ARG A HB3  1 
ATOM   367 H HG2  . ARG A 1 22 ? -4.27953  12.37251  -7.39328  1.000 42.80934  ? 22  ARG A HG2  1 
ATOM   368 H HG3  . ARG A 1 22 ? -2.74987  12.08057  -7.71000  1.000 42.80934  ? 22  ARG A HG3  1 
ATOM   369 H HD2  . ARG A 1 22 ? -4.52539  9.93968   -7.27360  1.000 49.58514  ? 22  ARG A HD2  1 
ATOM   370 H HD3  . ARG A 1 22 ? -4.38279  10.57145  -8.72478  1.000 49.58514  ? 22  ARG A HD3  1 
ATOM   371 H HE   . ARG A 1 22 ? -2.00469  9.84736   -8.08948  1.000 45.29882  ? 22  ARG A HE   1 
ATOM   372 H HH11 . ARG A 1 22 ? -4.81692  8.12741   -8.49060  1.000 41.83612  ? 22  ARG A HH11 1 
ATOM   373 H HH12 . ARG A 1 22 ? -4.15720  6.84291   -8.85610  1.000 41.83612  ? 22  ARG A HH12 1 
ATOM   374 H HH21 . ARG A 1 22 ? -1.04266  7.89146   -8.65841  1.000 36.63825  ? 22  ARG A HH21 1 
ATOM   375 H HH22 . ARG A 1 22 ? -1.88440  6.69954   -8.95775  1.000 36.63825  ? 22  ARG A HH22 1 
ATOM   376 N N    . GLY A 1 23 ? -1.48027  12.27152  -3.09179  1.000 25.14599  ? 23  GLY A N    1 
ATOM   377 C CA   . GLY A 1 23 ? -1.41599  11.85113  -1.70740  1.000 25.36143  ? 23  GLY A CA   1 
ATOM   378 C C    . GLY A 1 23 ? -2.15292  10.53738  -1.50150  1.000 21.84669  ? 23  GLY A C    1 
ATOM   379 O O    . GLY A 1 23 ? -2.66245  9.90487   -2.43307  1.000 21.15550  ? 23  GLY A O    1 
ATOM   380 H H    . GLY A 1 23 ? -0.73394  12.21044  -3.51472  1.000 30.19710  ? 23  GLY A H    1 
ATOM   381 H HA2  . GLY A 1 23 ? -0.48971  11.73305  -1.44479  1.000 30.45562  ? 23  GLY A HA2  1 
ATOM   382 H HA3  . GLY A 1 23 ? -1.82086  12.52722  -1.14182  1.000 30.45562  ? 23  GLY A HA3  1 
ATOM   383 N N    . PHE A 1 24 ? -2.20057  10.13129  -0.23475  1.000 21.51322  ? 24  PHE A N    1 
ATOM   384 C CA   . PHE A 1 24 ? -2.71747  8.82477   0.12585   1.000 19.65657  ? 24  PHE A CA   1 
ATOM   385 C C    . PHE A 1 24 ? -3.10619  8.81608   1.59298   1.000 21.37182  ? 24  PHE A C    1 
ATOM   386 O O    . PHE A 1 24 ? -2.79469  9.74023   2.35719   1.000 21.87045  ? 24  PHE A O    1 
ATOM   387 C CB   . PHE A 1 24 ? -1.69590  7.72708   -0.18327  1.000 19.18594  ? 24  PHE A CB   1 
ATOM   388 C CG   . PHE A 1 24 ? -0.42232  7.84798   0.59851   1.000 18.16425  ? 24  PHE A CG   1 
ATOM   389 C CD1  . PHE A 1 24 ? -0.31274  7.27082   1.85215   1.000 19.43960  ? 24  PHE A CD1  1 
ATOM   390 C CD2  . PHE A 1 24 ? 0.67869   8.52700   0.08077   1.000 18.61939  ? 24  PHE A CD2  1 
ATOM   391 C CE1  . PHE A 1 24 ? 0.85112   7.37079   2.56631   1.000 21.95341  ? 24  PHE A CE1  1 
ATOM   392 C CE2  . PHE A 1 24 ? 1.83331   8.62044   0.78056   1.000 19.27885  ? 24  PHE A CE2  1 
ATOM   393 C CZ   . PHE A 1 24 ? 1.92335   8.05809   2.03033   1.000 20.25822  ? 24  PHE A CZ   1 
ATOM   394 H H    . PHE A 1 24 ? -1.93641  10.60111  0.43538   1.000 25.83778  ? 24  PHE A H    1 
ATOM   395 H HA   . PHE A 1 24 ? -3.52399  8.65595   -0.38594  1.000 23.60980  ? 24  PHE A HA   1 
ATOM   396 H HB2  . PHE A 1 24 ? -2.09071  6.86607   0.02574   1.000 23.04504  ? 24  PHE A HB2  1 
ATOM   397 H HB3  . PHE A 1 24 ? -1.46962  7.76832   -1.12560  1.000 23.04504  ? 24  PHE A HB3  1 
ATOM   398 H HD1  . PHE A 1 24 ? -1.03633  6.81099   2.21249   1.000 23.34943  ? 24  PHE A HD1  1 
ATOM   399 H HD2  . PHE A 1 24 ? 0.61920   8.92227   -0.75895  1.000 22.36518  ? 24  PHE A HD2  1 
ATOM   400 H HE1  . PHE A 1 24 ? 0.91958   6.97862   3.40679   1.000 26.36600  ? 24  PHE A HE1  1 
ATOM   401 H HE2  . PHE A 1 24 ? 2.56444   9.06464   0.41583   1.000 23.15653  ? 24  PHE A HE2  1 
ATOM   402 H HZ   . PHE A 1 24 ? 2.71052   8.14035   2.51869   1.000 24.33177  ? 24  PHE A HZ   1 
ATOM   403 N N    . PHE A 1 25 ? -3.81509  7.76760   1.97551   1.000 21.93713  ? 25  PHE A N    1 
ATOM   404 C CA   . PHE A 1 25 ? -4.07458  7.46846   3.37707   1.000 23.20719  ? 25  PHE A CA   1 
ATOM   405 C C    . PHE A 1 25 ? -3.53256  6.08509   3.70992   1.000 23.79254  ? 25  PHE A C    1 
ATOM   406 O O    . PHE A 1 25 ? -3.66918  5.13950   2.92147   1.000 24.36558  ? 25  PHE A O    1 
ATOM   407 C CB   . PHE A 1 25 ? -5.54393  7.62627   3.81005   1.000 30.18759  ? 25  PHE A CB   1 
ATOM   408 C CG   . PHE A 1 25 ? -6.51864  6.88910   2.97361   1.000 33.70609  ? 25  PHE A CG   1 
ATOM   409 C CD1  . PHE A 1 25 ? -6.94304  7.41257   1.75612   1.000 37.72160  ? 25  PHE A CD1  1 
ATOM   410 C CD2  . PHE A 1 25 ? -7.06632  5.68894   3.41699   1.000 37.77509  ? 25  PHE A CD2  1 
ATOM   411 C CE1  . PHE A 1 25 ? -7.87004  6.72796   0.96720   1.000 39.21560  ? 25  PHE A CE1  1 
ATOM   412 C CE2  . PHE A 1 25 ? -8.00269  4.99844   2.63806   1.000 37.82990  ? 25  PHE A CE2  1 
ATOM   413 C CZ   . PHE A 1 25 ? -8.40531  5.52207   1.41263   1.000 40.21982  ? 25  PHE A CZ   1 
ATOM   414 H H    . PHE A 1 25 ? -4.16483  7.20109   1.43112   1.000 26.34647  ? 25  PHE A H    1 
ATOM   415 H HA   . PHE A 1 25 ? -3.59858  8.12158   3.91350   1.000 27.87053  ? 25  PHE A HA   1 
ATOM   416 H HB2  . PHE A 1 25 ? -5.63399  7.30026   4.71917   1.000 36.24701  ? 25  PHE A HB2  1 
ATOM   417 H HB3  . PHE A 1 25 ? -5.77758  8.56687   3.77022   1.000 36.24701  ? 25  PHE A HB3  1 
ATOM   418 H HD1  . PHE A 1 25 ? -6.60519  8.22838   1.46419   1.000 45.28783  ? 25  PHE A HD1  1 
ATOM   419 H HD2  . PHE A 1 25 ? -6.80739  5.34168   4.23996   1.000 45.35202  ? 25  PHE A HD2  1 
ATOM   420 H HE1  . PHE A 1 25 ? -8.12960  7.07706   0.14522   1.000 47.08063  ? 25  PHE A HE1  1 
ATOM   421 H HE2  . PHE A 1 25 ? -8.35487  4.19189   2.93862   1.000 45.41778  ? 25  PHE A HE2  1 
ATOM   422 H HZ   . PHE A 1 25 ? -9.02934  5.06827   0.89346   1.000 48.28569  ? 25  PHE A HZ   1 
ATOM   423 N N    . TYR A 1 26 ? -2.87200  5.99694   4.86317   1.000 23.01683  ? 26  TYR A N    1 
ATOM   424 C CA   . TYR A 1 26 ? -2.29067  4.76889   5.38374   1.000 22.06511  ? 26  TYR A CA   1 
ATOM   425 C C    . TYR A 1 26 ? -3.00660  4.45186   6.68131   1.000 23.47083  ? 26  TYR A C    1 
ATOM   426 O O    . TYR A 1 26 ? -2.84279  5.16642   7.67229   1.000 23.71094  ? 26  TYR A O    1 
ATOM   427 C CB   . TYR A 1 26 ? -0.80690  4.96268   5.63472   1.000 23.68808  ? 26  TYR A CB   1 
ATOM   428 C CG   . TYR A 1 26 ? -0.15593  3.76017   6.25598   1.000 21.00804  ? 26  TYR A CG   1 
ATOM   429 C CD1  . TYR A 1 26 ? -0.15145  2.54910   5.59020   1.000 23.67419  ? 26  TYR A CD1  1 
ATOM   430 C CD2  . TYR A 1 26 ? 0.44407   3.82197   7.50266   1.000 23.33752  ? 26  TYR A CD2  1 
ATOM   431 C CE1  . TYR A 1 26 ? 0.44556   1.43212   6.13605   1.000 26.26997  ? 26  TYR A CE1  1 
ATOM   432 C CE2  . TYR A 1 26 ? 1.04332   2.71047   8.06343   1.000 25.76276  ? 26  TYR A CE2  1 
ATOM   433 C CZ   . TYR A 1 26 ? 1.03736   1.52114   7.37875   1.000 25.23784  ? 26  TYR A CZ   1 
ATOM   434 O OH   . TYR A 1 26 ? 1.64189   0.41302   7.93205   1.000 31.15329  ? 26  TYR A OH   1 
ATOM   435 H H    . TYR A 1 26 ? -2.74349  6.66929   5.38377   1.000 27.64210  ? 26  TYR A H    1 
ATOM   436 H HA   . TYR A 1 26 ? -2.41593  4.03852   4.75782   1.000 26.50004  ? 26  TYR A HA   1 
ATOM   437 H HB2  . TYR A 1 26 ? -0.36495  5.13932   4.78951   1.000 28.44760  ? 26  TYR A HB2  1 
ATOM   438 H HB3  . TYR A 1 26 ? -0.68469  5.71371   6.23632   1.000 28.44760  ? 26  TYR A HB3  1 
ATOM   439 H HD1  . TYR A 1 26 ? -0.55946  2.48606   4.75687   1.000 28.43093  ? 26  TYR A HD1  1 
ATOM   440 H HD2  . TYR A 1 26 ? 0.44363   4.62569   7.97056   1.000 28.02693  ? 26  TYR A HD2  1 
ATOM   441 H HE1  . TYR A 1 26 ? 0.44908   0.62684   5.67085   1.000 31.54587  ? 26  TYR A HE1  1 
ATOM   442 H HE2  . TYR A 1 26 ? 1.44782   2.76788   8.89889   1.000 30.93722  ? 26  TYR A HE2  1 
ATOM   443 H HH   . TYR A 1 26 ? 1.88979   0.58262   8.71652   1.000 37.40586  ? 26  TYR A HH   1 
ATOM   444 N N    . THR A 1 27 ? -3.81521  3.39336   6.66769   1.000 25.11302  ? 27  THR A N    1 
ATOM   445 C CA   . THR A 1 27 ? -4.63597  3.00234   7.81025   1.000 29.95663  ? 27  THR A CA   1 
ATOM   446 C C    . THR A 1 27 ? -4.37126  1.53592   8.10134   1.000 28.98070  ? 27  THR A C    1 
ATOM   447 O O    . THR A 1 27 ? -5.12109  0.65518   7.65168   1.000 31.91469  ? 27  THR A O    1 
ATOM   448 C CB   . THR A 1 27 ? -6.12311  3.21070   7.52345   1.000 33.14009  ? 27  THR A CB   1 
ATOM   449 O OG1  . THR A 1 27 ? -6.33432  4.55778   7.07975   1.000 37.77353  ? 27  THR A OG1  1 
ATOM   450 C CG2  . THR A 1 27 ? -6.94038  2.92471   8.76951   1.000 38.18298  ? 27  THR A CG2  1 
ATOM   451 H H    . THR A 1 27 ? -3.90704  2.87308   5.98911   1.000 30.15754  ? 27  THR A H    1 
ATOM   452 H HA   . THR A 1 27 ? -4.38178  3.53794   8.57798   1.000 35.96987  ? 27  THR A HA   1 
ATOM   453 H HB   . THR A 1 27 ? -6.42226  2.60336   6.82880   1.000 39.79002  ? 27  THR A HB   1 
ATOM   454 H HG1  . THR A 1 27 ? -7.14405  4.67372   6.88870   1.000 45.35015  ? 27  THR A HG1  1 
ATOM   455 H HG21 . THR A 1 27 ? -7.88126  3.08016   8.59208   1.000 45.84149  ? 27  THR A HG21 1 
ATOM   456 H HG22 . THR A 1 27 ? -6.81956  2.00129   9.04081   1.000 45.84149  ? 27  THR A HG22 1 
ATOM   457 H HG23 . THR A 1 27 ? -6.65639  3.50510   9.49297   1.000 45.84149  ? 27  THR A HG23 1 
ATOM   458 N N    . PRO A 1 28 ? -3.33827  1.23176   8.87853   1.000 26.92867  ? 28  PRO A N    1 
ATOM   459 C CA   . PRO A 1 28 ? -2.93869  -0.17724  9.03590   1.000 29.62847  ? 28  PRO A CA   1 
ATOM   460 C C    . PRO A 1 28 ? -3.89730  -0.98680  9.88273   1.000 32.22438  ? 28  PRO A C    1 
ATOM   461 O O    . PRO A 1 28 ? -3.94329  -2.21585  9.73909   1.000 38.31963  ? 28  PRO A O    1 
ATOM   462 C CB   . PRO A 1 28 ? -1.57188  -0.08956  9.71876   1.000 32.82882  ? 28  PRO A CB   1 
ATOM   463 C CG   . PRO A 1 28 ? -1.51234  1.32221   10.29203  1.000 27.42937  ? 28  PRO A CG   1 
ATOM   464 C CD   . PRO A 1 28 ? -2.39735  2.18661   9.48155   1.000 30.94187  ? 28  PRO A CD   1 
ATOM   465 H HA   . PRO A 1 28 ? -2.84235  -0.58690  8.16195   1.000 35.57607  ? 28  PRO A HA   1 
ATOM   466 H HB2  . PRO A 1 28 ? -1.51060  -0.75380  10.42298  1.000 39.41649  ? 28  PRO A HB2  1 
ATOM   467 H HB3  . PRO A 1 28 ? -0.86697  -0.23052  9.06750   1.000 39.41649  ? 28  PRO A HB3  1 
ATOM   468 H HG2  . PRO A 1 28 ? -1.81443  1.30384   11.21361  1.000 32.93715  ? 28  PRO A HG2  1 
ATOM   469 H HG3  . PRO A 1 28 ? -0.59839  1.64431   10.24886  1.000 32.93715  ? 28  PRO A HG3  1 
ATOM   470 H HD2  . PRO A 1 28 ? -2.86488  2.82517   10.04240  1.000 37.15215  ? 28  PRO A HD2  1 
ATOM   471 H HD3  . PRO A 1 28 ? -1.89248  2.65329   8.79728   1.000 37.15215  ? 28  PRO A HD3  1 
ATOM   472 N N    . LYS A 1 29 ? -4.65048  -0.34193  10.77207  1.000 32.77352  ? 29  LYS A N    1 
ATOM   473 C CA   . LYS A 1 29 ? -5.55195  -1.03122  11.68587  1.000 38.66792  ? 29  LYS A CA   1 
ATOM   474 C C    . LYS A 1 29 ? -6.98056  -1.14422  11.15292  1.000 53.61858  ? 29  LYS A C    1 
ATOM   475 O O    . LYS A 1 29 ? -7.93193  -1.12042  11.94852  1.000 57.12337  ? 29  LYS A O    1 
ATOM   476 C CB   . LYS A 1 29 ? -5.54774  -0.32815  13.04127  1.000 47.33994  ? 29  LYS A CB   1 
ATOM   477 C CG   . LYS A 1 29 ? -4.18305  -0.28747  13.71789  1.000 51.13824  ? 29  LYS A CG   1 
ATOM   478 C CD   . LYS A 1 29 ? -3.80198  -1.63233  14.34320  1.000 60.97226  ? 29  LYS A CD   1 
ATOM   479 C CE   . LYS A 1 29 ? -2.78895  -2.40475  13.50422  1.000 55.30486  ? 29  LYS A CE   1 
ATOM   480 N NZ   . LYS A 1 29 ? -2.31720  -3.62448  14.23686  1.000 63.81407  ? 29  LYS A NZ   1 
ATOM   481 H H    . LYS A 1 29 ? -4.65503  0.51300   10.86521  1.000 39.35014  ? 29  LYS A H    1 
ATOM   482 H HA   . LYS A 1 29 ? -5.22094  -1.93477  11.80813  1.000 46.42341  ? 29  LYS A HA   1 
ATOM   483 H HB2  . LYS A 1 29 ? -5.84213  0.58766   12.91672  1.000 56.82984  ? 29  LYS A HB2  1 
ATOM   484 H HB3  . LYS A 1 29 ? -6.15692  -0.79466  13.63472  1.000 56.82984  ? 29  LYS A HB3  1 
ATOM   485 H HG2  . LYS A 1 29 ? -3.50832  -0.05962  13.05932  1.000 61.38779  ? 29  LYS A HG2  1 
ATOM   486 H HG3  . LYS A 1 29 ? -4.19728  0.37900   14.42254  1.000 61.38779  ? 29  LYS A HG3  1 
ATOM   487 H HD2  . LYS A 1 29 ? -3.41075  -1.47599  15.21692  1.000 73.18861  ? 29  LYS A HD2  1 
ATOM   488 H HD3  . LYS A 1 29 ? -4.59877  -2.17878  14.42945  1.000 73.18861  ? 29  LYS A HD3  1 
ATOM   489 H HE2  . LYS A 1 29 ? -3.20255  -2.68475  12.67270  1.000 66.38773  ? 29  LYS A HE2  1 
ATOM   490 H HE3  . LYS A 1 29 ? -2.02241  -1.83972  13.31967  1.000 66.38773  ? 29  LYS A HE3  1 
ATOM   491 H HZ1  . LYS A 1 29 ? -1.73433  -4.07377  13.73637  1.000 76.59879  ? 29  LYS A HZ1  1 
ATOM   492 H HZ2  . LYS A 1 29 ? -1.92209  -3.38824  14.99856  1.000 76.59879  ? 29  LYS A HZ2  1 
ATOM   493 H HZ3  . LYS A 1 29 ? -3.00781  -4.15448  14.42199  1.000 76.59879  ? 29  LYS A HZ3  1 
ATOM   494 N N    . ALA A 1 30 ? -7.16225  -1.26429  9.83464   1.000 56.58922  ? 30  ALA A N    1 
ATOM   495 C CA   . ALA A 1 30 ? -8.45565  -1.58240  9.23199   1.000 58.92166  ? 30  ALA A CA   1 
ATOM   496 C C    . ALA A 1 30 ? -8.40503  -3.03116  8.76088   1.000 63.37917  ? 30  ALA A C    1 
ATOM   497 O O    . ALA A 1 30 ? -7.53779  -3.38995  7.95430   1.000 62.02614  ? 30  ALA A O    1 
ATOM   498 C CB   . ALA A 1 30 ? -8.76993  -0.65665  8.05488   1.000 49.46630  ? 30  ALA A CB   1 
ATOM   499 H H    . ALA A 1 30 ? -6.53369  -1.16292  9.25651   1.000 67.92897  ? 30  ALA A H    1 
ATOM   500 H HA   . ALA A 1 30 ? -9.15842  -1.47645  9.89212   1.000 70.72790  ? 30  ALA A HA   1 
ATOM   501 H HB1  . ALA A 1 30 ? -8.06857  -0.74169  7.39023   1.000 59.38146  ? 30  ALA A HB1  1 
ATOM   502 H HB2  . ALA A 1 30 ? -9.62280  -0.91303  7.67045   1.000 59.38146  ? 30  ALA A HB2  1 
ATOM   503 H HB3  . ALA A 1 30 ? -8.81301  0.25793   8.37515   1.000 59.38146  ? 30  ALA A HB3  1 
ATOM   504 N N    . MET A 1 31 ? -9.32080  -3.85880  9.26614   1.000 66.74993  ? 31  MET A N    1 
ATOM   505 C CA   . MET A 1 31 ? -9.30553  -5.28099  8.93477   1.000 76.50344  ? 31  MET A CA   1 
ATOM   506 C C    . MET A 1 31 ? -9.56136  -5.48257  7.44154   1.000 75.11983  ? 31  MET A C    1 
ATOM   507 O O    . MET A 1 31 ? -10.28972 -4.71331  6.80149   1.000 65.70070  ? 31  MET A O    1 
ATOM   508 C CB   . MET A 1 31 ? -10.34907 -6.03476  9.76532   1.000 92.79225  ? 31  MET A CB   1 
ATOM   509 C CG   . MET A 1 31 ? -10.52022 -7.50224  9.37407   1.000 99.86382  ? 31  MET A CG   1 
ATOM   510 S SD   . MET A 1 31 ? -10.59326 -8.60846  10.79938  1.000 116.43217 ? 31  MET A SD   1 
ATOM   511 C CE   . MET A 1 31 ? -8.87195  -9.08043  10.94352  1.000 96.08617  ? 31  MET A CE   1 
ATOM   512 H H    . MET A 1 31 ? -9.95466  -3.62351  9.79760   1.000 80.12183  ? 31  MET A H    1 
ATOM   513 H HA   . MET A 1 31 ? -8.43677  -5.65197  9.15504   1.000 91.82603  ? 31  MET A HA   1 
ATOM   514 H HB2  . MET A 1 31 ? -10.08180 -6.00797  10.69739  1.000 111.37260 ? 31  MET A HB2  1 
ATOM   515 H HB3  . MET A 1 31 ? -11.20818 -5.59839  9.65387   1.000 111.37260 ? 31  MET A HB3  1 
ATOM   516 H HG2  . MET A 1 31 ? -11.34673 -7.60129  8.87610   1.000 119.85850 ? 31  MET A HG2  1 
ATOM   517 H HG3  . MET A 1 31 ? -9.76758  -7.77177  8.82472   1.000 119.85850 ? 31  MET A HG3  1 
ATOM   518 H HE1  . MET A 1 31 ? -8.77314  -9.68974  11.69177  1.000 115.32531 ? 31  MET A HE1  1 
ATOM   519 H HE2  . MET A 1 31 ? -8.59431  -9.51664  10.12283  1.000 115.32531 ? 31  MET A HE2  1 
ATOM   520 H HE3  . MET A 1 31 ? -8.33768  -8.28460  11.09221  1.000 115.32531 ? 31  MET A HE3  1 
ATOM   521 N N    . LYS A 1 32 ? -8.93479  -6.53327  6.88798   1.000 75.82655  ? 32  LYS A N    1 
ATOM   522 C CA   . LYS A 1 32 ? -8.83955  -6.76354  5.43817   1.000 67.94952  ? 32  LYS A CA   1 
ATOM   523 C C    . LYS A 1 32 ? -8.33984  -5.52167  4.68740   1.000 57.91297  ? 32  LYS A C    1 
ATOM   524 O O    . LYS A 1 32 ? -8.53129  -5.40474  3.46425   1.000 50.42507  ? 32  LYS A O    1 
ATOM   525 C CB   . LYS A 1 32 ? -10.15425 -7.27868  4.83958   1.000 76.76778  ? 32  LYS A CB   1 
ATOM   526 C CG   . LYS A 1 32 ? -10.55747 -8.67631  5.29622   1.000 83.31496  ? 32  LYS A CG   1 
ATOM   527 C CD   . LYS A 1 32 ? -11.69796 -9.21678  4.43348   1.000 89.76755  ? 32  LYS A CD   1 
ATOM   528 C CE   . LYS A 1 32 ? -12.03575 -10.67131 4.76136   1.000 93.40761  ? 32  LYS A CE   1 
ATOM   529 N NZ   . LYS A 1 32 ? -13.13475 -11.22160 3.89496   1.000 85.33910  ? 32  LYS A NZ   1 
ATOM   530 H H    . LYS A 1 32 ? -8.54444  -7.14626  7.34784   1.000 91.01377  ? 32  LYS A H    1 
ATOM   531 H HA   . LYS A 1 32 ? -8.18183  -7.46301  5.30008   1.000 81.56133  ? 32  LYS A HA   1 
ATOM   532 H HB2  . LYS A 1 32 ? -10.86702 -6.67154  5.09303   1.000 92.14325  ? 32  LYS A HB2  1 
ATOM   533 H HB3  . LYS A 1 32 ? -10.06527 -7.30115  3.87393   1.000 92.14325  ? 32  LYS A HB3  1 
ATOM   534 H HG2  . LYS A 1 32 ? -9.79899  -9.27557  5.21562   1.000 99.99985  ? 32  LYS A HG2  1 
ATOM   535 H HG3  . LYS A 1 32 ? -10.85724 -8.64272  6.21811   1.000 99.99985  ? 32  LYS A HG3  1 
ATOM   536 H HD2  . LYS A 1 32 ? -12.49256 -8.68145  4.58488   1.000 107.74297 ? 32  LYS A HD2  1 
ATOM   537 H HD3  . LYS A 1 32 ? -11.43979 -9.17058  3.49961   1.000 107.74297 ? 32  LYS A HD3  1 
ATOM   538 H HE2  . LYS A 1 32 ? -11.24570 -11.21776 4.62683   1.000 112.11104 ? 32  LYS A HE2  1 
ATOM   539 H HE3  . LYS A 1 32 ? -12.32525 -10.72843 5.68538   1.000 112.11104 ? 32  LYS A HE3  1 
ATOM   540 H HZ1  . LYS A 1 32 ? -12.88841 -11.19934 3.04002   1.000 102.42883 ? 32  LYS A HZ1  1 
ATOM   541 H HZ2  . LYS A 1 32 ? -13.30956 -12.06386 4.12333   1.000 102.42883 ? 32  LYS A HZ2  1 
ATOM   542 H HZ3  . LYS A 1 32 ? -13.87368 -10.73580 3.99537   1.000 102.42883 ? 32  LYS A HZ3  1 
ATOM   543 N N    . GLY A 1 33 ? -7.69481  -4.60040  5.42062   1.000 35.32064  ? 33  GLY A N    1 
ATOM   544 C CA   . GLY A 1 33 ? -7.21340  -3.35057  4.87676   1.000 33.08612  ? 33  GLY A CA   1 
ATOM   545 C C    . GLY A 1 33 ? -5.87850  -3.53188  4.19516   1.000 27.75078  ? 33  GLY A C    1 
ATOM   546 O O    . GLY A 1 33 ? -5.50349  -4.63249  3.78347   1.000 26.72220  ? 33  GLY A O    1 
ATOM   547 H H    . GLY A 1 33 ? -7.52548  -4.69135  6.25887   1.000 42.40668  ? 33  GLY A H    1 
ATOM   548 H HA2  . GLY A 1 33 ? -7.84986  -3.01041  4.22859   1.000 39.72525  ? 33  GLY A HA2  1 
ATOM   549 H HA3  . GLY A 1 33 ? -7.11243  -2.70173  5.59071   1.000 39.72525  ? 33  GLY A HA3  1 
ATOM   550 N N    . ILE A 1 34 ? -5.14242  -2.42510  4.08739   1.000 26.24103  ? 34  ILE A N    1 
ATOM   551 C CA   . ILE A 1 34 ? -3.93652  -2.42161  3.27160   1.000 24.19038  ? 34  ILE A CA   1 
ATOM   552 C C    . ILE A 1 34 ? -2.88613  -3.40346  3.78435   1.000 21.36240  ? 34  ILE A C    1 
ATOM   553 O O    . ILE A 1 34 ? -2.15766  -3.99577  2.98541   1.000 22.58704  ? 34  ILE A O    1 
ATOM   554 C CB   . ILE A 1 34 ? -3.37080  -0.99216  3.12612   1.000 22.99869  ? 34  ILE A CB   1 
ATOM   555 C CG1  . ILE A 1 34 ? -2.35327  -0.97496  2.00664   1.000 22.52532  ? 34  ILE A CG1  1 
ATOM   556 C CG2  . ILE A 1 34 ? -2.78124  -0.50935  4.45214   1.000 24.56020  ? 34  ILE A CG2  1 
ATOM   557 C CD1  . ILE A 1 34 ? -1.85889  0.36566   1.67539   1.000 25.03541  ? 34  ILE A CD1  1 
ATOM   558 H H    . ILE A 1 34 ? -5.31895  -1.67618  4.47152   1.000 31.51115  ? 34  ILE A H    1 
ATOM   559 H HA   . ILE A 1 34 ? -4.19259  -2.72722  2.38733   1.000 29.05036  ? 34  ILE A HA   1 
ATOM   560 H HB   . ILE A 1 34 ? -4.08545  -0.37757  2.89708   1.000 27.62034  ? 34  ILE A HB   1 
ATOM   561 H HG12 . ILE A 1 34 ? -1.59131  -1.51443  2.26987   1.000 27.05229  ? 34  ILE A HG12 1 
ATOM   562 H HG13 . ILE A 1 34 ? -2.76188  -1.34501  1.20851   1.000 27.05229  ? 34  ILE A HG13 1 
ATOM   563 H HG21 . ILE A 1 34 ? -1.93603  -0.96017  4.60473   1.000 29.49415  ? 34  ILE A HG21 1 
ATOM   564 H HG22 . ILE A 1 34 ? -2.64100  0.44930   4.40498   1.000 29.49415  ? 34  ILE A HG22 1 
ATOM   565 H HG23 . ILE A 1 34 ? -3.40146  -0.71809  5.16813   1.000 29.49415  ? 34  ILE A HG23 1 
ATOM   566 H HD11 . ILE A 1 34 ? -1.33296  0.31622   0.86184   1.000 30.06439  ? 34  ILE A HD11 1 
ATOM   567 H HD12 . ILE A 1 34 ? -2.61582  0.95796   1.54445   1.000 30.06439  ? 34  ILE A HD12 1 
ATOM   568 H HD13 . ILE A 1 34 ? -1.30856  0.68874   2.40591   1.000 30.06439  ? 34  ILE A HD13 1 
ATOM   569 N N    . VAL A 1 35 ? -2.78591  -3.59580  5.09485   1.000 23.86042  ? 35  VAL A N    1 
ATOM   570 C CA   . VAL A 1 35 ? -1.80610  -4.53952  5.62666   1.000 23.62185  ? 35  VAL A CA   1 
ATOM   571 C C    . VAL A 1 35 ? -2.13833  -5.95732  5.18006   1.000 26.31770  ? 35  VAL A C    1 
ATOM   572 O O    . VAL A 1 35 ? -1.26122  -6.71564  4.74578   1.000 24.28282  ? 35  VAL A O    1 
ATOM   573 C CB   . VAL A 1 35 ? -1.72683  -4.42722  7.15805   1.000 27.57414  ? 35  VAL A CB   1 
ATOM   574 C CG1  . VAL A 1 35 ? -0.82417  -5.51774  7.70382   1.000 28.84801  ? 35  VAL A CG1  1 
ATOM   575 C CG2  . VAL A 1 35 ? -1.20668  -3.05814  7.55478   1.000 28.92666  ? 35  VAL A CG2  1 
ATOM   576 H H    . VAL A 1 35 ? -3.26455  -3.19998  5.68969   1.000 28.65441  ? 35  VAL A H    1 
ATOM   577 H HA   . VAL A 1 35 ? -0.93385  -4.31130  5.26891   1.000 28.36813  ? 35  VAL A HA   1 
ATOM   578 H HB   . VAL A 1 35 ? -2.61196  -4.53709  7.53934   1.000 33.11088  ? 35  VAL A HB   1 
ATOM   579 H HG11 . VAL A 1 35 ? -0.64618  -5.34084  8.64080   1.000 34.63951  ? 35  VAL A HG11 1 
ATOM   580 H HG12 . VAL A 1 35 ? -1.26967  -6.37400  7.60767   1.000 34.63951  ? 35  VAL A HG12 1 
ATOM   581 H HG13 . VAL A 1 35 ? 0.00703   -5.51933  7.20380   1.000 34.63951  ? 35  VAL A HG13 1 
ATOM   582 H HG21 . VAL A 1 35 ? -1.13620  -2.50494  6.76113   1.000 34.73390  ? 35  VAL A HG21 1 
ATOM   583 H HG22 . VAL A 1 35 ? -1.82497  -2.65576  8.18463   1.000 34.73390  ? 35  VAL A HG22 1 
ATOM   584 H HG23 . VAL A 1 35 ? -0.33410  -3.15892  7.96632   1.000 34.73390  ? 35  VAL A HG23 1 
ATOM   585 N N    . GLU A 1 36 ? -3.41249  -6.33054  5.25627   1.000 25.60972  ? 36  GLU A N    1 
ATOM   586 C CA   . GLU A 1 36 ? -3.81115  -7.66666  4.84956   1.000 24.06047  ? 36  GLU A CA   1 
ATOM   587 C C    . GLU A 1 36 ? -3.55017  -7.88367  3.36648   1.000 26.54893  ? 36  GLU A C    1 
ATOM   588 O O    . GLU A 1 36 ? -3.15719  -8.98075  2.95252   1.000 31.11202  ? 36  GLU A O    1 
ATOM   589 C CB   . GLU A 1 36 ? -5.28807  -7.88130  5.17904   1.000 29.58846  ? 36  GLU A CB   1 
ATOM   590 C CG   . GLU A 1 36 ? -5.60964  -7.96783  6.68453   1.000 38.80592  ? 36  GLU A CG   1 
ATOM   591 C CD   . GLU A 1 36 ? -5.31702  -6.67034  7.46042   1.000 44.05841  ? 36  GLU A CD   1 
ATOM   592 O OE1  . GLU A 1 36 ? -5.61675  -5.56581  6.94149   1.000 39.85055  ? 36  GLU A OE1  1 
ATOM   593 O OE2  . GLU A 1 36 ? -4.77812  -6.75770  8.59007   1.000 48.55513  ? 36  GLU A OE2  1 
ATOM   594 H H    . GLU A 1 36 ? -4.05594  -5.83365  5.53676   1.000 30.75357  ? 36  GLU A H    1 
ATOM   595 H HA   . GLU A 1 36 ? -3.29348  -8.32267  5.34209   1.000 28.89447  ? 36  GLU A HA   1 
ATOM   596 H HB2  . GLU A 1 36 ? -5.79555  -7.13927  4.81469   1.000 35.52806  ? 36  GLU A HB2  1 
ATOM   597 H HB3  . GLU A 1 36 ? -5.57662  -8.71267  4.77102   1.000 35.52806  ? 36  GLU A HB3  1 
ATOM   598 H HG2  . GLU A 1 36 ? -6.55258  -8.16892  6.79081   1.000 46.58902  ? 36  GLU A HG2  1 
ATOM   599 H HG3  . GLU A 1 36 ? -5.07342  -8.67408  7.07772   1.000 46.58902  ? 36  GLU A HG3  1 
ATOM   600 N N    . GLN A 1 37 ? -3.74525  -6.85175  2.54944   1.000 23.87560  ? 37  GLN A N    1 
ATOM   601 C CA   . GLN A 1 37 ? -3.66067  -7.02569  1.11067   1.000 23.09648  ? 37  GLN A CA   1 
ATOM   602 C C    . GLN A 1 37 ? -2.25053  -6.85987  0.57033   1.000 21.32424  ? 37  GLN A C    1 
ATOM   603 O O    . GLN A 1 37 ? -1.93336  -7.42438  -0.48414  1.000 22.58707  ? 37  GLN A O    1 
ATOM   604 C CB   . GLN A 1 37 ? -4.55792  -6.01340  0.39910   1.000 25.96821  ? 37  GLN A CB   1 
ATOM   605 C CG   . GLN A 1 37 ? -6.02098  -6.10781  0.76912   1.000 27.11003  ? 37  GLN A CG   1 
ATOM   606 C CD   . GLN A 1 37 ? -6.53528  -7.53481  0.81598   1.000 25.88021  ? 37  GLN A CD   1 
ATOM   607 O OE1  . GLN A 1 37 ? -6.18586  -8.38663  -0.01594  1.000 25.98146  ? 37  GLN A OE1  1 
ATOM   608 N NE2  . GLN A 1 37 ? -7.39513  -7.80158  1.77722   1.000 32.93366  ? 37  GLN A NE2  1 
ATOM   609 H H    . GLN A 1 37 ? -3.92587  -6.05067  2.80489   1.000 28.67263  ? 37  GLN A H    1 
ATOM   610 H HA   . GLN A 1 37 ? -3.96928  -7.92154  0.90308   1.000 27.73768  ? 37  GLN A HA   1 
ATOM   611 H HB2  . GLN A 1 37 ? -4.25531  -5.11974  0.62429   1.000 31.18376  ? 37  GLN A HB2  1 
ATOM   612 H HB3  . GLN A 1 37 ? -4.48736  -6.15629  -0.55771  1.000 31.18376  ? 37  GLN A HB3  1 
ATOM   613 H HG2  . GLN A 1 37 ? -6.14908  -5.71590  1.64712   1.000 32.55394  ? 37  GLN A HG2  1 
ATOM   614 H HG3  . GLN A 1 37 ? -6.54363  -5.62417  0.11047   1.000 32.55394  ? 37  GLN A HG3  1 
ATOM   615 H HE21 . GLN A 1 37 ? -7.63008  -7.18395  2.32761   1.000 39.54230  ? 37  GLN A HE21 1 
ATOM   616 H HE22 . GLN A 1 37 ? -7.72164  -8.59342  1.85453   1.000 39.54230  ? 37  GLN A HE22 1 
ATOM   617 N N    . CYS A 1 38 ? -1.38888  -6.11225  1.26897   1.000 19.66466  ? 38  CYS A N    1 
ATOM   618 C CA   . CYS A 1 38 ? -0.10545  -5.72840  0.71811   1.000 18.13676  ? 38  CYS A CA   1 
ATOM   619 C C    . CYS A 1 38 ? 1.08153   -6.19158  1.51616   1.000 20.02801  ? 38  CYS A C    1 
ATOM   620 O O    . CYS A 1 38 ? 2.17706   -6.25705  0.95299   1.000 19.57416  ? 38  CYS A O    1 
ATOM   621 C CB   . CYS A 1 38 ? -0.02627  -4.20995  0.53265   1.000 18.72460  ? 38  CYS A CB   1 
ATOM   622 S SG   . CYS A 1 38 ? -0.85456  -3.68744  -0.96006  1.000 20.70450  ? 38  CYS A SG   1 
ATOM   623 H H    . CYS A 1 38 ? -1.53396  -5.81944  2.06446   1.000 23.61950  ? 38  CYS A H    1 
ATOM   624 H HA   . CYS A 1 38 ? -0.02479  -6.12942  -0.16143  1.000 21.78602  ? 38  CYS A HA   1 
ATOM   625 H HB2  . CYS A 1 38 ? -0.45128  -3.77266  1.28699   1.000 22.49143  ? 38  CYS A HB2  1 
ATOM   626 H HB3  . CYS A 1 38 ? 0.90436   -3.94248  0.47532   1.000 22.49143  ? 38  CYS A HB3  1 
ATOM   627 N N    . CYS A 1 39 ? 0.90509   -6.48153  2.80337   1.000 19.99304  ? 39  CYS A N    1 
ATOM   628 C CA   . CYS A 1 39 ? 1.98707   -6.88777  3.69088   1.000 21.32366  ? 39  CYS A CA   1 
ATOM   629 C C    . CYS A 1 39 ? 1.93295   -8.38595  3.94331   1.000 22.98209  ? 39  CYS A C    1 
ATOM   630 O O    . CYS A 1 39 ? 2.88097   -9.11036  3.64720   1.000 24.29906  ? 39  CYS A O    1 
ATOM   631 C CB   . CYS A 1 39 ? 1.90447   -6.09217  4.99379   1.000 21.26550  ? 39  CYS A CB   1 
ATOM   632 S SG   . CYS A 1 39 ? 2.99840   -6.66987  6.32828   1.000 24.41717  ? 39  CYS A SG   1 
ATOM   633 H H    . CYS A 1 39 ? 0.14140   -6.44865  3.19744   1.000 24.01356  ? 39  CYS A H    1 
ATOM   634 H HA   . CYS A 1 39 ? 2.84631   -6.68562  3.28872   1.000 25.61031  ? 39  CYS A HA   1 
ATOM   635 H HB2  . CYS A 1 39 ? 2.14017   -5.17044  4.80464   1.000 25.54051  ? 39  CYS A HB2  1 
ATOM   636 H HB3  . CYS A 1 39 ? 0.99382   -6.14060  5.32437   1.000 25.54051  ? 39  CYS A HB3  1 
ATOM   637 N N    . THR A 1 40 ? 0.81532   -8.88019  4.44695   1.000 22.41097  ? 40  THR A N    1 
ATOM   638 C CA   . THR A 1 40 ? 0.69902   -10.30496 4.68321   1.000 24.27768  ? 40  THR A CA   1 
ATOM   639 C C    . THR A 1 40 ? 0.31907   -11.08390 3.43284   1.000 24.57083  ? 40  THR A C    1 
ATOM   640 O O    . THR A 1 40 ? 0.39933   -12.31038 3.44684   1.000 28.41445  ? 40  THR A O    1 
ATOM   641 C CB   . THR A 1 40 ? -0.23685  -10.57847 5.85622   1.000 28.38225  ? 40  THR A CB   1 
ATOM   642 O OG1  . THR A 1 40 ? -1.54077  -10.08057 5.57776   1.000 33.40315  ? 40  THR A OG1  1 
ATOM   643 C CG2  . THR A 1 40 ? 0.25693   -9.88772  7.09697   1.000 33.28523  ? 40  THR A CG2  1 
ATOM   644 H H    . THR A 1 40 ? 0.12126   -8.41773  4.65671   1.000 26.91507  ? 40  THR A H    1 
ATOM   645 H HA   . THR A 1 40 ? 1.55898   -10.65857 4.95950   1.000 29.15512  ? 40  THR A HA   1 
ATOM   646 H HB   . THR A 1 40 ? -0.27015  -11.53670 6.00310   1.000 34.08060  ? 40  THR A HB   1 
ATOM   647 H HG1  . THR A 1 40 ? -2.03326  -10.17196 6.25207   1.000 40.10569  ? 40  THR A HG1  1 
ATOM   648 H HG21 . THR A 1 40 ? 0.22163   -8.92576  6.97749   1.000 39.96419  ? 40  THR A HG21 1 
ATOM   649 H HG22 . THR A 1 40 ? -0.29704  -10.13131 7.85505   1.000 39.96419  ? 40  THR A HG22 1 
ATOM   650 H HG23 . THR A 1 40 ? 1.17307   -10.14883 7.27974   1.000 39.96419  ? 40  THR A HG23 1 
ATOM   651 N N    A SER A 1 41 ? -0.11288  -10.41663 2.37249   0.570 23.08112  ? 41  SER A N    1 
ATOM   652 N N    B SER A 1 41 ? -0.09372  -10.40188 2.37261   0.430 23.19577  ? 41  SER A N    1 
ATOM   653 C CA   A SER A 1 41 ? -0.22963  -10.99926 1.04401   0.570 23.19609  ? 41  SER A CA   1 
ATOM   654 C CA   B SER A 1 41 ? -0.26184  -10.96609 1.04370   0.430 23.26795  ? 41  SER A CA   1 
ATOM   655 C C    A SER A 1 41 ? 0.46568   -10.04527 0.08474   0.570 21.26350  ? 41  SER A C    1 
ATOM   656 C C    B SER A 1 41 ? 0.48728   -10.05410 0.08587   0.430 21.36518  ? 41  SER A C    1 
ATOM   657 O O    A SER A 1 41 ? 0.86974   -8.94089  0.45274   0.570 21.08000  ? 41  SER A O    1 
ATOM   658 O O    B SER A 1 41 ? 0.95097   -8.97666  0.46087   0.430 21.07724  ? 41  SER A O    1 
ATOM   659 C CB   A SER A 1 41 ? -1.69243  -11.24483 0.66098   0.570 23.29319  ? 41  SER A CB   1 
ATOM   660 C CB   B SER A 1 41 ? -1.74285  -11.05714 0.67660   0.430 23.26128  ? 41  SER A CB   1 
ATOM   661 O OG   A SER A 1 41 ? -2.37976  -10.03578 0.40904   0.570 23.64217  ? 41  SER A OG   1 
ATOM   662 O OG   B SER A 1 41 ? -2.44405  -11.81908 1.63887   0.430 27.26920  ? 41  SER A OG   1 
ATOM   663 H H    A SER A 1 41 ? -0.35404  -9.59154  2.39842   0.570 27.71925  ? 41  SER A H    1 
ATOM   664 H H    B SER A 1 41 ? -0.29296  -9.56575  2.40103   0.430 27.85683  ? 41  SER A H    1 
ATOM   665 H HA   A SER A 1 41 ? 0.20581   -11.86465 0.99514   0.570 27.85721  ? 41  SER A HA   1 
ATOM   666 H HA   B SER A 1 41 ? 0.10349   -11.86274 0.98493   0.430 27.94345  ? 41  SER A HA   1 
ATOM   667 H HB2  A SER A 1 41 ? -1.71749  -11.79060 -0.14053  0.570 27.97374  ? 41  SER A HB2  1 
ATOM   668 H HB2  B SER A 1 41 ? -2.11761  -10.16301 0.64531   0.430 27.93544  ? 41  SER A HB2  1 
ATOM   669 H HB3  A SER A 1 41 ? -2.13254  -11.70739 1.39121   0.570 27.97374  ? 41  SER A HB3  1 
ATOM   670 H HB3  B SER A 1 41 ? -1.82930  -11.48364 -0.19030  0.430 27.93544  ? 41  SER A HB3  1 
ATOM   671 H HG   A SER A 1 41 ? -3.18001  -10.19625 0.21040   0.570 28.39251  ? 41  SER A HG   1 
ATOM   672 H HG   B SER A 1 41 ? -3.24636  -11.90746 1.40628   0.430 32.74495  ? 41  SER A HG   1 
ATOM   673 N N    . ILE A 1 42 ? 0.60338   -10.48377 -1.15930  1.000 20.46706  ? 42  ILE A N    1 
ATOM   674 C CA   . ILE A 1 42 ? 1.37935   -9.74964  -2.14057  1.000 22.00992  ? 42  ILE A CA   1 
ATOM   675 C C    . ILE A 1 42 ? 0.58806   -8.53620  -2.59336  1.000 19.19092  ? 42  ILE A C    1 
ATOM   676 O O    . ILE A 1 42 ? -0.55707  -8.65074  -3.02791  1.000 20.09848  ? 42  ILE A O    1 
ATOM   677 C CB   . ILE A 1 42 ? 1.78309   -10.64502 -3.31737  1.000 23.12867  ? 42  ILE A CB   1 
ATOM   678 C CG1  . ILE A 1 42 ? 2.65996   -11.80844 -2.84159  1.000 25.33419  ? 42  ILE A CG1  1 
ATOM   679 C CG2  . ILE A 1 42 ? 2.52299   -9.85777  -4.38319  1.000 25.19252  ? 42  ILE A CG2  1 
ATOM   680 C CD1  . ILE A 1 42 ? 2.93624   -12.82866 -3.90601  1.000 30.29262  ? 42  ILE A CD1  1 
ATOM   681 H H    A ILE A 1 42 ? 0.25399   -11.20947 -1.46078  0.570 24.58238  ? 42  ILE A H    1 
ATOM   682 H H    B ILE A 1 42 ? 0.24003   -11.20201 -1.46213  0.430 24.58238  ? 42  ILE A H    1 
ATOM   683 H HA   . ILE A 1 42 ? 2.19854   -9.43712  -1.72564  1.000 26.43381  ? 42  ILE A HA   1 
ATOM   684 H HB   . ILE A 1 42 ? 0.96442   -10.99707 -3.70042  1.000 27.77632  ? 42  ILE A HB   1 
ATOM   685 H HG12 . ILE A 1 42 ? 3.51196   -11.45490 -2.54155  1.000 30.42294  ? 42  ILE A HG12 1 
ATOM   686 H HG13 . ILE A 1 42 ? 2.21101   -12.25853 -2.10896  1.000 30.42294  ? 42  ILE A HG13 1 
ATOM   687 H HG21 . ILE A 1 42 ? 3.26137   -9.38348  -3.96996  1.000 30.25293  ? 42  ILE A HG21 1 
ATOM   688 H HG22 . ILE A 1 42 ? 2.85886   -10.47274 -5.05393  1.000 30.25293  ? 42  ILE A HG22 1 
ATOM   689 H HG23 . ILE A 1 42 ? 1.91066   -9.22562  -4.79103  1.000 30.25293  ? 42  ILE A HG23 1 
ATOM   690 H HD11 . ILE A 1 42 ? 3.59929   -12.47407 -4.51882  1.000 36.37305  ? 42  ILE A HD11 1 
ATOM   691 H HD12 . ILE A 1 42 ? 3.27081   -13.63783 -3.48864  1.000 36.37305  ? 42  ILE A HD12 1 
ATOM   692 H HD13 . ILE A 1 42 ? 2.11312   -13.01842 -4.38282  1.000 36.37305  ? 42  ILE A HD13 1 
ATOM   693 N N    . CYS A 1 43 ? 1.22757   -7.38951  -2.54291  1.000 19.27206  ? 43  CYS A N    1 
ATOM   694 C CA   . CYS A 1 43 ? 0.62861   -6.13268  -2.94911  1.000 18.73679  ? 43  CYS A CA   1 
ATOM   695 C C    . CYS A 1 43 ? 0.51908   -6.06117  -4.45913  1.000 20.70461  ? 43  CYS A C    1 
ATOM   696 O O    . CYS A 1 43 ? 1.02175   -6.90426  -5.19300  1.000 21.77518  ? 43  CYS A O    1 
ATOM   697 C CB   . CYS A 1 43 ? 1.48581   -4.97744  -2.43008  1.000 19.34567  ? 43  CYS A CB   1 
ATOM   698 S SG   . CYS A 1 43 ? 0.71488   -3.37556  -2.30918  1.000 21.55450  ? 43  CYS A SG   1 
ATOM   699 H H    . CYS A 1 43 ? 2.03809   -7.30455  -2.26824  1.000 23.14838  ? 43  CYS A H    1 
ATOM   700 H HA   . CYS A 1 43 ? -0.26572  -6.05764  -2.58107  1.000 22.50605  ? 43  CYS A HA   1 
ATOM   701 H HB2  . CYS A 1 43 ? 1.79088   -5.21009  -1.53918  1.000 23.23671  ? 43  CYS A HB2  1 
ATOM   702 H HB3  . CYS A 1 43 ? 2.24512   -4.87930  -3.02568  1.000 23.23671  ? 43  CYS A HB3  1 
ATOM   703 N N    . SER A 1 44 ? -0.18982  -5.04603  -4.92496  1.000 21.71588  ? 44  SER A N    1 
ATOM   704 C CA   . SER A 1 44 ? -0.37079  -4.81361  -6.35441  1.000 23.58847  ? 44  SER A CA   1 
ATOM   705 C C    . SER A 1 44 ? -0.62137  -3.32181  -6.56753  1.000 20.72395  ? 44  SER A C    1 
ATOM   706 O O    . SER A 1 44 ? -1.03036  -2.60812  -5.65179  1.000 21.96744  ? 44  SER A O    1 
ATOM   707 C CB   . SER A 1 44 ? -1.54379  -5.61741  -6.90283  1.000 26.59808  ? 44  SER A CB   1 
ATOM   708 O OG   . SER A 1 44 ? -2.73938  -5.12129  -6.33772  1.000 25.47173  ? 44  SER A OG   1 
ATOM   709 H H    . SER A 1 44 ? -0.58442  -4.46556  -4.42803  1.000 26.08097  ? 44  SER A H    1 
ATOM   710 H HA   . SER A 1 44 ? 0.43230   -5.07315  -6.83253  1.000 28.32807  ? 44  SER A HA   1 
ATOM   711 H HB2  . SER A 1 44 ? -1.57810  -5.52316  -7.86764  1.000 31.93960  ? 44  SER A HB2  1 
ATOM   712 H HB3  . SER A 1 44 ? -1.43604  -6.55144  -6.66436  1.000 31.93960  ? 44  SER A HB3  1 
ATOM   713 H HG   . SER A 1 44 ? -3.40126  -5.40839  -6.76792  1.000 30.58798  ? 44  SER A HG   1 
ATOM   714 N N    . LEU A 1 45 ? -0.38491  -2.86316  -7.80331  1.000 21.49427  ? 45  LEU A N    1 
ATOM   715 C CA   . LEU A 1 45 ? -0.59443  -1.45358  -8.11192  1.000 20.65522  ? 45  LEU A CA   1 
ATOM   716 C C    . LEU A 1 45 ? -2.05577  -1.11388  -7.96879  1.000 19.72250  ? 45  LEU A C    1 
ATOM   717 O O    . LEU A 1 45 ? -2.42288  -0.06848  -7.41381  1.000 19.95083  ? 45  LEU A O    1 
ATOM   718 C CB   . LEU A 1 45 ? -0.15761  -1.16431  -9.54762  1.000 20.48839  ? 45  LEU A CB   1 
ATOM   719 C CG   . LEU A 1 45 ? -0.36672  0.28311   -9.99463  1.000 20.77707  ? 45  LEU A CG   1 
ATOM   720 C CD1  . LEU A 1 45 ? 0.37595   1.24864   -9.14509  1.000 19.57098  ? 45  LEU A CD1  1 
ATOM   721 C CD2  . LEU A 1 45 ? 0.10769   0.43098   -11.40222 1.000 20.37477  ? 45  LEU A CD2  1 
ATOM   722 H H    . LEU A 1 45 ? -0.10884  -3.34033  -8.46338  1.000 25.81503  ? 45  LEU A H    1 
ATOM   723 H HA   . LEU A 1 45 ? -0.06421  -0.91013  -7.50825  1.000 24.80817  ? 45  LEU A HA   1 
ATOM   724 H HB2  . LEU A 1 45 ? 0.78851   -1.36263  -9.62788  1.000 24.60798  ? 45  LEU A HB2  1 
ATOM   725 H HB3  . LEU A 1 45 ? -0.66765  -1.73288  -10.14553 1.000 24.60798  ? 45  LEU A HB3  1 
ATOM   726 H HG   . LEU A 1 45 ? -1.31194  0.48771   -9.91986  1.000 24.95439  ? 45  LEU A HG   1 
ATOM   727 H HD11 . LEU A 1 45 ? -0.06173  1.31137   -8.28171  1.000 23.50708  ? 45  LEU A HD11 1 
ATOM   728 H HD12 . LEU A 1 45 ? 1.28671   0.93451   -9.03219  1.000 23.50708  ? 45  LEU A HD12 1 
ATOM   729 H HD13 . LEU A 1 45 ? 0.37664   2.11598   -9.57938  1.000 23.50708  ? 45  LEU A HD13 1 
ATOM   730 H HD21 . LEU A 1 45 ? 1.07035   0.31416   -11.42494 1.000 24.47163  ? 45  LEU A HD21 1 
ATOM   731 H HD22 . LEU A 1 45 ? -0.32046  -0.24359  -11.95228 1.000 24.47163  ? 45  LEU A HD22 1 
ATOM   732 H HD23 . LEU A 1 45 ? -0.12577  1.31620   -11.72281 1.000 24.47163  ? 45  LEU A HD23 1 
ATOM   733 N N    . TYR A 1 46 ? -2.90028  -2.03394  -8.38557  1.000 21.42400  ? 46  TYR A N    1 
ATOM   734 C CA   . TYR A 1 46 ? -4.32556  -1.81516  -8.28723  1.000 21.14327  ? 46  TYR A CA   1 
ATOM   735 C C    . TYR A 1 46 ? -4.73381  -1.54447  -6.84836  1.000 23.83394  ? 46  TYR A C    1 
ATOM   736 O O    . TYR A 1 46 ? -5.48067  -0.59430  -6.56380  1.000 23.86382  ? 46  TYR A O    1 
ATOM   737 C CB   . TYR A 1 46 ? -5.07640  -3.02828  -8.80727  1.000 24.03290  ? 46  TYR A CB   1 
ATOM   738 C CG   . TYR A 1 46 ? -6.56020  -2.83109  -8.77115  1.000 26.84549  ? 46  TYR A CG   1 
ATOM   739 C CD1  . TYR A 1 46 ? -7.26743  -2.90166  -7.55480  1.000 25.62769  ? 46  TYR A CD1  1 
ATOM   740 C CD2  . TYR A 1 46 ? -7.26459  -2.56221  -9.92729  1.000 24.73281  ? 46  TYR A CD2  1 
ATOM   741 C CE1  . TYR A 1 46 ? -8.62457  -2.73106  -7.51892  1.000 28.25132  ? 46  TYR A CE1  1 
ATOM   742 C CE2  . TYR A 1 46 ? -8.64515  -2.39503  -9.90604  1.000 28.52250  ? 46  TYR A CE2  1 
ATOM   743 C CZ   . TYR A 1 46 ? -9.28929  -2.45442  -8.67535  1.000 27.73930  ? 46  TYR A CZ   1 
ATOM   744 O OH   . TYR A 1 46 ? -10.63293 -2.28390  -8.64018  1.000 31.12411  ? 46  TYR A OH   1 
ATOM   745 H H    . TYR A 1 46 ? -2.67577  -2.79031  -8.72776  1.000 25.73071  ? 46  TYR A H    1 
ATOM   746 H HA   . TYR A 1 46 ? -4.55723  -1.04687  -8.83216  1.000 25.39383  ? 46  TYR A HA   1 
ATOM   747 H HB2  . TYR A 1 46 ? -4.81506  -3.19421  -9.72654  1.000 28.86139  ? 46  TYR A HB2  1 
ATOM   748 H HB3  . TYR A 1 46 ? -4.85937  -3.79687  -8.25676  1.000 28.86139  ? 46  TYR A HB3  1 
ATOM   749 H HD1  . TYR A 1 46 ? -6.80521  -3.06656  -6.76482  1.000 30.77513  ? 46  TYR A HD1  1 
ATOM   750 H HD2  . TYR A 1 46 ? -6.80813  -2.49161  -10.73448 1.000 29.70128  ? 46  TYR A HD2  1 
ATOM   751 H HE1  . TYR A 1 46 ? -9.08723  -2.80306  -6.71540  1.000 33.92349  ? 46  TYR A HE1  1 
ATOM   752 H HE2  . TYR A 1 46 ? -9.12252  -2.24809  -10.69053 1.000 34.24890  ? 46  TYR A HE2  1 
ATOM   753 H HH   . TYR A 1 46 ? -10.90643 -2.31993  -7.84676  1.000 37.37084  ? 46  TYR A HH   1 
ATOM   754 N N    . GLN A 1 47 ? -4.21854  -2.35039  -5.90542  1.000 22.59678  ? 47  GLN A N    1 
ATOM   755 C CA   . GLN A 1 47 ? -4.60692  -2.18200  -4.50692  1.000 22.37473  ? 47  GLN A CA   1 
ATOM   756 C C    . GLN A 1 47 ? -4.00654  -0.92037  -3.91275  1.000 22.31155  ? 47  GLN A C    1 
ATOM   757 O O    . GLN A 1 47 ? -4.66603  -0.21412  -3.14162  1.000 22.42306  ? 47  GLN A O    1 
ATOM   758 C CB   . GLN A 1 47 ? -4.17907  -3.40161  -3.69049  1.000 24.99923  ? 47  GLN A CB   1 
ATOM   759 C CG   . GLN A 1 47 ? -5.06471  -4.63936  -3.90447  1.000 31.25643  ? 47  GLN A CG   1 
ATOM   760 C CD   . GLN A 1 47 ? -6.43273  -4.44701  -3.30900  1.000 33.03502  ? 47  GLN A CD   1 
ATOM   761 O OE1  . GLN A 1 47 ? -6.55136  -3.97365  -2.17024  1.000 37.61883  ? 47  GLN A OE1  1 
ATOM   762 N NE2  . GLN A 1 47 ? -7.48194  -4.75866  -4.08299  1.000 36.93473  ? 47  GLN A NE2  1 
ATOM   763 H H    . GLN A 1 47 ? -3.65660  -2.98504  -6.05052  1.000 27.13805  ? 47  GLN A H    1 
ATOM   764 H HA   . GLN A 1 47 ? -5.57322  -2.10904  -4.46392  1.000 26.87158  ? 47  GLN A HA   1 
ATOM   765 H HB2  . GLN A 1 47 ? -3.27276  -3.64052  -3.94034  1.000 30.02098  ? 47  GLN A HB2  1 
ATOM   766 H HB3  . GLN A 1 47 ? -4.21418  -3.17295  -2.74849  1.000 30.02098  ? 47  GLN A HB3  1 
ATOM   767 H HG2  . GLN A 1 47 ? -5.16563  -4.80140  -4.85550  1.000 37.52962  ? 47  GLN A HG2  1 
ATOM   768 H HG3  . GLN A 1 47 ? -4.65169  -5.40707  -3.47912  1.000 37.52962  ? 47  GLN A HG3  1 
ATOM   769 H HE21 . GLN A 1 47 ? -7.35517  -5.05358  -4.88083  1.000 44.34358  ? 47  GLN A HE21 1 
ATOM   770 H HE22 . GLN A 1 47 ? -8.28181  -4.66368  -3.78170  1.000 44.34358  ? 47  GLN A HE22 1 
ATOM   771 N N    . LEU A 1 48 ? -2.74868  -0.61750  -4.22799  1.000 20.33798  ? 48  LEU A N    1 
ATOM   772 C CA   . LEU A 1 48 ? -2.15797  0.61881   -3.72759  1.000 20.03327  ? 48  LEU A CA   1 
ATOM   773 C C    . LEU A 1 48 ? -2.96937  1.82700   -4.14794  1.000 17.73499  ? 48  LEU A C    1 
ATOM   774 O O    . LEU A 1 48 ? -3.20749  2.73029   -3.33851  1.000 18.73846  ? 48  LEU A O    1 
ATOM   775 C CB   . LEU A 1 48 ? -0.72091  0.78393   -4.19912  1.000 21.27929  ? 48  LEU A CB   1 
ATOM   776 C CG   . LEU A 1 48 ? 0.29708   -0.14299  -3.53946  1.000 20.13307  ? 48  LEU A CG   1 
ATOM   777 C CD1  . LEU A 1 48 ? 1.59177   -0.07955  -4.33831  1.000 22.41965  ? 48  LEU A CD1  1 
ATOM   778 C CD2  . LEU A 1 48 ? 0.51675   0.18391   -2.10767  1.000 20.62685  ? 48  LEU A CD2  1 
ATOM   779 H H    . LEU A 1 48 ? -2.22967  -1.09820  -4.71701  1.000 24.42748  ? 48  LEU A H    1 
ATOM   780 H HA   . LEU A 1 48 ? -2.14717  0.56162   -2.75935  1.000 24.06184  ? 48  LEU A HA   1 
ATOM   781 H HB2  . LEU A 1 48 ? -0.69209  0.61312   -5.15352  1.000 25.55706  ? 48  LEU A HB2  1 
ATOM   782 H HB3  . LEU A 1 48 ? -0.44342  1.69530   -4.01667  1.000 25.55706  ? 48  LEU A HB3  1 
ATOM   783 H HG   . LEU A 1 48 ? -0.04026  -1.05244  -3.54261  1.000 24.18160  ? 48  LEU A HG   1 
ATOM   784 H HD11 . LEU A 1 48 ? 1.39693   -0.26334  -5.27059  1.000 26.92549  ? 48  LEU A HD11 1 
ATOM   785 H HD12 . LEU A 1 48 ? 1.97482   0.80713   -4.24901  1.000 26.92549  ? 48  LEU A HD12 1 
ATOM   786 H HD13 . LEU A 1 48 ? 2.20911   -0.74296  -3.99238  1.000 26.92549  ? 48  LEU A HD13 1 
ATOM   787 H HD21 . LEU A 1 48 ? 1.17646   -0.42604  -1.74208  1.000 24.77413  ? 48  LEU A HD21 1 
ATOM   788 H HD22 . LEU A 1 48 ? 0.83598   1.09719   -2.03763  1.000 24.77413  ? 48  LEU A HD22 1 
ATOM   789 H HD23 . LEU A 1 48 ? -0.32203  0.08913   -1.62980  1.000 24.77413  ? 48  LEU A HD23 1 
ATOM   790 N N    . GLU A 1 49 ? -3.42639  1.85793   -5.39769  1.000 18.34961  ? 49  GLU A N    1 
ATOM   791 C CA   . GLU A 1 49 ? -4.13058  3.04348   -5.88183  1.000 19.46422  ? 49  GLU A CA   1 
ATOM   792 C C    . GLU A 1 49 ? -5.48746  3.19878   -5.22212  1.000 20.41668  ? 49  GLU A C    1 
ATOM   793 O O    . GLU A 1 49 ? -6.03187  4.31059   -5.20585  1.000 22.62252  ? 49  GLU A O    1 
ATOM   794 C CB   . GLU A 1 49 ? -4.24187  3.04512   -7.38841  1.000 20.62657  ? 49  GLU A CB   1 
ATOM   795 C CG   . GLU A 1 49 ? -2.91573  3.34823   -8.06224  1.000 20.76781  ? 49  GLU A CG   1 
ATOM   796 C CD   . GLU A 1 49 ? -3.06561  3.87948   -9.46751  1.000 21.02142  ? 49  GLU A CD   1 
ATOM   797 O OE1  . GLU A 1 49 ? -4.05455  3.61419   -10.12170 1.000 24.01475  ? 49  GLU A OE1  1 
ATOM   798 O OE2  . GLU A 1 49 ? -2.16243  4.60721   -9.91537  1.000 23.43676  ? 49  GLU A OE2  1 
ATOM   799 H H    . GLU A 1 49 ? -3.34438  1.22250   -5.97137  1.000 22.04144  ? 49  GLU A H    1 
ATOM   800 H HA   . GLU A 1 49 ? -3.60550  3.82869   -5.66129  1.000 23.37898  ? 49  GLU A HA   1 
ATOM   801 H HB2  . GLU A 1 49 ? -4.53961  2.17118   -7.68588  1.000 24.77380  ? 49  GLU A HB2  1 
ATOM   802 H HB3  . GLU A 1 49 ? -4.88066  3.72307   -7.65899  1.000 24.77380  ? 49  GLU A HB3  1 
ATOM   803 H HG2  . GLU A 1 49 ? -2.44420  4.01634   -7.54051  1.000 24.94328  ? 49  GLU A HG2  1 
ATOM   804 H HG3  . GLU A 1 49 ? -2.39285  2.53245   -8.10696  1.000 24.94328  ? 49  GLU A HG3  1 
ATOM   805 N N    . ASN A 1 50 ? -6.01894  2.11738   -4.65181  1.000 21.19220  ? 50  ASN A N    1 
ATOM   806 C CA   . ASN A 1 50 ? -7.22202  2.23678   -3.84994  1.000 24.28972  ? 50  ASN A CA   1 
ATOM   807 C C    . ASN A 1 50 ? -7.03643  3.20531   -2.68562  1.000 22.66927  ? 50  ASN A C    1 
ATOM   808 O O    . ASN A 1 50 ? -8.02158  3.68774   -2.13055  1.000 24.32898  ? 50  ASN A O    1 
ATOM   809 C CB   . ASN A 1 50 ? -7.53228  0.87899   -3.21637  1.000 25.24517  ? 50  ASN A CB   1 
ATOM   810 C CG   . ASN A 1 50 ? -8.37896  0.00279   -4.08668  1.000 30.46087  ? 50  ASN A CG   1 
ATOM   811 O OD1  . ASN A 1 50 ? -9.15863  0.48094   -4.89385  1.000 28.16048  ? 50  ASN A OD1  1 
ATOM   812 N ND2  . ASN A 1 50 ? -8.26884  -1.32047  -3.87626  1.000 30.37456  ? 50  ASN A ND2  1 
ATOM   813 H H    . ASN A 1 50 ? -5.70405  1.31965   -4.71565  1.000 25.45254  ? 50  ASN A H    1 
ATOM   814 H HA   . ASN A 1 50 ? -7.94353  2.53371   -4.42628  1.000 29.16957  ? 50  ASN A HA   1 
ATOM   815 H HB2  . ASN A 1 50 ? -6.69850  0.41356   -3.04585  1.000 30.31611  ? 50  ASN A HB2  1 
ATOM   816 H HB3  . ASN A 1 50 ? -8.00876  1.02194   -2.38365  1.000 30.31611  ? 50  ASN A HB3  1 
ATOM   817 H HD21 . ASN A 1 50 ? -7.73520  -1.61657  -3.27033  1.000 36.47138  ? 50  ASN A HD21 1 
ATOM   818 H HD22 . ASN A 1 50 ? -8.73204  -1.87083  -4.34757  1.000 36.47138  ? 50  ASN A HD22 1 
ATOM   819 N N    . TYR A 1 51 ? -5.80421  3.45584   -2.26185  1.000 20.11925  ? 51  TYR A N    1 
ATOM   820 C CA   . TYR A 1 51 ? -5.50764  4.28269   -1.10361  1.000 20.91900  ? 51  TYR A CA   1 
ATOM   821 C C    . TYR A 1 51 ? -4.95947  5.65359   -1.46284  1.000 21.92900  ? 51  TYR A C    1 
ATOM   822 O O    . TYR A 1 51 ? -4.63753  6.42976   -0.55332  1.000 23.34272  ? 51  TYR A O    1 
ATOM   823 C CB   . TYR A 1 51 ? -4.55227  3.54481   -0.15714  1.000 21.36647  ? 51  TYR A CB   1 
ATOM   824 C CG   . TYR A 1 51 ? -5.21549  2.29220   0.35956   1.000 20.43277  ? 51  TYR A CG   1 
ATOM   825 C CD1  . TYR A 1 51 ? -6.08492  2.35048   1.43658   1.000 24.96780  ? 51  TYR A CD1  1 
ATOM   826 C CD2  . TYR A 1 51 ? -5.01935  1.06429   -0.24827  1.000 24.86781  ? 51  TYR A CD2  1 
ATOM   827 C CE1  . TYR A 1 51 ? -6.73831  1.22586   1.90576   1.000 25.84853  ? 51  TYR A CE1  1 
ATOM   828 C CE2  . TYR A 1 51 ? -5.66081  -0.06137  0.21971   1.000 26.05893  ? 51  TYR A CE2  1 
ATOM   829 C CZ   . TYR A 1 51 ? -6.52108  0.02363   1.29946   1.000 26.67990  ? 51  TYR A CZ   1 
ATOM   830 O OH   . TYR A 1 51 ? -7.18235  -1.09605  1.78954   1.000 34.60063  ? 51  TYR A OH   1 
ATOM   831 H H    . TYR A 1 51 ? -5.09850  3.14617   -2.64353  1.000 24.16501  ? 51  TYR A H    1 
ATOM   832 H HA   . TYR A 1 51 ? -6.33171  4.43543   -0.61528  1.000 25.12471  ? 51  TYR A HA   1 
ATOM   833 H HB2  . TYR A 1 51 ? -3.74474  3.29759   -0.63431  1.000 25.66167  ? 51  TYR A HB2  1 
ATOM   834 H HB3  . TYR A 1 51 ? -4.33135  4.11548   0.59548   1.000 25.66167  ? 51  TYR A HB3  1 
ATOM   835 H HD1  . TYR A 1 51 ? -6.23303  3.16768   1.85509   1.000 29.98327  ? 51  TYR A HD1  1 
ATOM   836 H HD2  . TYR A 1 51 ? -4.44888  0.99853   -0.97980  1.000 29.86328  ? 51  TYR A HD2  1 
ATOM   837 H HE1  . TYR A 1 51 ? -7.32061  1.28864   2.62817   1.000 31.04015  ? 51  TYR A HE1  1 
ATOM   838 H HE2  . TYR A 1 51 ? -5.51478  -0.88227  -0.19225  1.000 31.29262  ? 51  TYR A HE2  1 
ATOM   839 H HH   . TYR A 1 51 ? -7.00709  -1.76489  1.31254   1.000 41.54266  ? 51  TYR A HH   1 
ATOM   840 N N    . CYS A 1 52 ? -4.82331  5.98339   -2.74300  1.000 22.29573  ? 52  CYS A N    1 
ATOM   841 C CA   . CYS A 1 52 ? -4.52634  7.35380   -3.12927  1.000 22.30311  ? 52  CYS A CA   1 
ATOM   842 C C    . CYS A 1 52 ? -5.76119  8.23008   -2.92785  1.000 25.76796  ? 52  CYS A C    1 
ATOM   843 O O    . CYS A 1 52 ? -6.89973  7.75938   -3.03554  1.000 26.79219  ? 52  CYS A O    1 
ATOM   844 C CB   . CYS A 1 52 ? -4.12539  7.42744   -4.60248  1.000 24.90136  ? 52  CYS A CB   1 
ATOM   845 S SG   . CYS A 1 52 ? -2.72592  6.42779   -5.13989  1.000 21.65884  ? 52  CYS A SG   1 
ATOM   846 H H    . CYS A 1 52 ? -4.89782  5.43512   -3.40137  1.000 26.77678  ? 52  CYS A H    1 
ATOM   847 H HA   . CYS A 1 52 ? -3.79213  7.68304   -2.58756  1.000 26.78564  ? 52  CYS A HA   1 
ATOM   848 H HB2  . CYS A 1 52 ? -4.88846  7.14717   -5.13169  1.000 29.90354  ? 52  CYS A HB2  1 
ATOM   849 H HB3  . CYS A 1 52 ? -3.90318  8.35002   -4.80341  1.000 29.90354  ? 52  CYS A HB3  1 
ATOM   850 N N    . ASN A 1 53 ? -5.54508  9.52060   -2.66857  1.000 28.56271  ? 53  ASN A N    1 
ATOM   851 C CA   . ASN A 1 53 ? -6.67474  10.44983  -2.67557  1.000 31.58646  ? 53  ASN A CA   1 
ATOM   852 C C    . ASN A 1 53 ? -7.03794  10.87304  -4.09829  1.000 35.39484  ? 53  ASN A C    1 
ATOM   853 O O    . ASN A 1 53 ? -6.53739  10.38132  -5.10890  1.000 35.74779  ? 53  ASN A O    1 
ATOM   854 C CB   . ASN A 1 53 ? -6.52410  11.72748  -1.81894  1.000 35.15292  ? 53  ASN A CB   1 
ATOM   855 C CG   . ASN A 1 53 ? -5.84629  11.48214  -0.50683  1.000 34.76738  ? 53  ASN A CG   1 
ATOM   856 O OD1  . ASN A 1 53 ? -6.37708  10.77842  0.35360   1.000 43.82561  ? 53  ASN A OD1  1 
ATOM   857 N ND2  . ASN A 1 53 ? -4.73885  12.17352  -0.27972  1.000 37.84581  ? 53  ASN A ND2  1 
ATOM   858 O OXT  . ASN A 1 53 ? -7.86294  11.76325  -4.24633  1.000 49.42404  ? 53  ASN A OXT  1 
ATOM   859 H H    . ASN A 1 53 ? -4.77953  9.87030   -2.49177  1.000 34.29716  ? 53  ASN A H    1 
ATOM   860 H HA   . ASN A 1 53 ? -7.39062  9.94572   -2.25809  1.000 37.92565  ? 53  ASN A HA   1 
ATOM   861 H HB2  . ASN A 1 53 ? -5.99548  12.37516  -2.31084  1.000 42.20542  ? 53  ASN A HB2  1 
ATOM   862 H HB3  . ASN A 1 53 ? -7.40546  12.08892  -1.63598  1.000 42.20542  ? 53  ASN A HB3  1 
ATOM   863 H HD21 . ASN A 1 53 ? -4.44801  12.72607  -0.87108  1.000 45.43688  ? 53  ASN A HD21 1 
ATOM   864 H HD22 . ASN A 1 53 ? -4.31098  12.06966  0.45903   1.000 45.43688  ? 53  ASN A HD22 1 
HETATM 865 O O    . HOH B 2 .  ? 11.29600  4.89533   1.80168   1.000 42.15467  ? 101 HOH A O    1 
HETATM 866 O O    . HOH B 2 .  ? -2.44841  -9.12739  -1.74945  1.000 23.13768  ? 102 HOH A O    1 
HETATM 867 O O    . HOH B 2 .  ? 2.44215   0.18229   10.32444  1.000 37.55835  ? 103 HOH A O    1 
HETATM 868 O O    . HOH B 2 .  ? -3.25062  -11.42695 4.01001   1.000 35.90472  ? 104 HOH A O    1 
HETATM 869 O O    . HOH B 2 .  ? -8.17530  -3.16182  -0.33597  1.000 39.33572  ? 105 HOH A O    1 
HETATM 870 O O    . HOH B 2 .  ? -4.85363  -2.90227  7.31889   1.000 32.13409  ? 106 HOH A O    1 
HETATM 871 O O    . HOH B 2 .  ? -4.30176  -8.59918  -1.90381  1.000 24.98720  ? 107 HOH A O    1 
HETATM 872 O O    . HOH B 2 .  ? 2.37749   10.60998  -2.57367  1.000 28.16562  ? 108 HOH A O    1 
HETATM 873 O O    . HOH B 2 .  ? -4.11079  -4.79532  10.50127  1.000 54.64469  ? 109 HOH A O    1 
HETATM 874 O O    . HOH B 2 .  ? 0.47156   -4.66902  -9.82990  1.000 24.91884  ? 110 HOH A O    1 
HETATM 875 O O    . HOH B 2 .  ? -5.97614  0.12862   5.11775   1.000 27.75143  ? 111 HOH A O    1 
HETATM 876 O O    . HOH B 2 .  ? 0.39796   5.59551   -10.01401 1.000 35.37156  ? 112 HOH A O    1 
HETATM 877 O O    . HOH B 2 .  ? 10.31956  1.28312   -3.60437  1.000 38.34120  ? 113 HOH A O    1 
HETATM 878 O O    . HOH B 2 .  ? 0.92407   -8.33790  -7.54273  1.000 26.45084  ? 114 HOH A O    1 
HETATM 879 O O    . HOH B 2 .  ? -7.94561  6.28517   -5.64657  1.000 50.24069  ? 115 HOH A O    1 
HETATM 880 O O    . HOH B 2 .  ? -2.59980  -7.11211  -4.39514  1.000 30.47803  ? 116 HOH A O    1 
HETATM 881 O O    . HOH B 2 .  ? -8.56516  -10.22187 2.58294   1.000 33.74384  ? 117 HOH A O    1 
HETATM 882 O O    . HOH B 2 .  ? 7.63396   14.82845  -3.38851  1.000 31.01595  ? 118 HOH A O    1 
HETATM 883 O O    . HOH B 2 .  ? -11.35039 -0.85273  -6.32286  1.000 36.41981  ? 119 HOH A O    1 
HETATM 884 O O    . HOH B 2 .  ? 10.45011  -4.86137  0.96588   1.000 47.14354  ? 120 HOH A O    1 
HETATM 885 O O    . HOH B 2 .  ? 2.45176   -2.43043  7.21574   1.000 28.10914  ? 121 HOH A O    1 
HETATM 886 O O    . HOH B 2 .  ? -4.26365  2.37313   4.01216   1.000 25.96361  ? 122 HOH A O    1 
HETATM 887 O O    . HOH B 2 .  ? 9.29549   -0.44577  -0.64250  1.000 27.90947  ? 123 HOH A O    1 
HETATM 888 O O    . HOH B 2 .  ? -5.04668  2.47116   11.28739  1.000 41.47283  ? 124 HOH A O    1 
HETATM 889 O O    . HOH B 2 .  ? 4.86833   -10.29952 5.37304   1.000 41.98465  ? 125 HOH A O    1 
HETATM 890 O O    . HOH B 2 .  ? -11.69631 -1.37224  -11.17732 1.000 34.75255  ? 126 HOH A O    1 
HETATM 891 O O    . HOH B 2 .  ? 1.98174   12.89949  -9.18792  1.000 40.03009  ? 127 HOH A O    1 
HETATM 892 O O    . HOH B 2 .  ? 11.33292  -2.62699  -8.72798  0.33  25.94598  ? 128 HOH A O    1 
HETATM 893 O O    . HOH B 2 .  ? 7.59268   -10.58745 -1.45683  1.000 34.71788  ? 129 HOH A O    1 
HETATM 894 O O    . HOH B 2 .  ? 7.68877   -5.65728  -7.65611  1.000 36.10762  ? 130 HOH A O    1 
HETATM 895 O O    . HOH B 2 .  ? 8.42131   -5.32237  3.37654   1.000 31.79441  ? 131 HOH A O    1 
HETATM 896 O O    . HOH B 2 .  ? -2.01784  -4.27030  -10.23136 1.000 25.62872  ? 132 HOH A O    1 
HETATM 897 O O    . HOH B 2 .  ? 7.21620   -5.15083  -10.55017 1.000 36.07279  ? 133 HOH A O    1 
HETATM 898 O O    . HOH B 2 .  ? -2.75088  -9.09763  8.21720   1.000 49.27200  ? 134 HOH A O    1 
HETATM 899 O O    . HOH B 2 .  ? -1.09266  -14.59383 1.89328   1.000 55.18538  ? 135 HOH A O    1 
HETATM 900 O O    . HOH B 2 .  ? 8.78064   5.28922   4.34435   1.000 36.90950  ? 136 HOH A O    1 
HETATM 901 O O    . HOH B 2 .  ? 2.56604   -14.15782 4.73465   1.000 47.95943  ? 137 HOH A O    1 
HETATM 902 O O    . HOH B 2 .  ? 11.54712  3.79591   4.41816   1.000 36.55819  ? 138 HOH A O    1 
HETATM 903 O O    . HOH B 2 .  ? 6.01204   -1.84087  -9.88543  1.000 42.74779  ? 139 HOH A O    1 
HETATM 904 O O    . HOH B 2 .  ? -8.56588  4.49974   -7.28235  1.000 47.80799  ? 140 HOH A O    1 
HETATM 905 O O    . HOH B 2 .  ? -5.74054  8.86449   -11.29127 1.000 46.57300  ? 141 HOH A O    1 
HETATM 906 O O    . HOH B 2 .  ? -10.09481 1.99118   0.08347   1.000 45.03555  ? 142 HOH A O    1 
HETATM 907 O O    . HOH B 2 .  ? 3.43892   16.90160  -4.14253  1.000 50.64649  ? 143 HOH A O    1 
HETATM 908 O O    . HOH B 2 .  ? 6.69760   5.57598   -9.84227  1.000 42.97948  ? 144 HOH A O    1 
HETATM 909 O O    . HOH B 2 .  ? -8.83990  0.69957   4.90646   1.000 44.00027  ? 145 HOH A O    1 
HETATM 910 O O    . HOH B 2 .  ? -10.87563 -2.88088  -1.13879  1.000 44.79774  ? 146 HOH A O    1 
HETATM 911 O O    . HOH B 2 .  ? -7.73071  9.51516   -9.55415  1.000 46.46188  ? 147 HOH A O    1 
HETATM 912 O O    . HOH B 2 .  ? 0.76168   -2.89169  11.10137  1.000 45.23674  ? 148 HOH A O    1 
HETATM 913 O O    . HOH B 2 .  ? 2.31171   -4.18825  9.27001   1.000 37.27777  ? 149 HOH A O    1 
HETATM 914 O O    . HOH B 2 .  ? -11.15489 2.16178   1.52825   1.000 54.89009  ? 150 HOH A O    1 
# 
loop_
_atom_site_anisotrop.id 
_atom_site_anisotrop.type_symbol 
_atom_site_anisotrop.pdbx_label_atom_id 
_atom_site_anisotrop.pdbx_label_alt_id 
_atom_site_anisotrop.pdbx_label_comp_id 
_atom_site_anisotrop.pdbx_label_asym_id 
_atom_site_anisotrop.pdbx_label_seq_id 
_atom_site_anisotrop.pdbx_PDB_ins_code 
_atom_site_anisotrop.U[1][1] 
_atom_site_anisotrop.U[2][2] 
_atom_site_anisotrop.U[3][3] 
_atom_site_anisotrop.U[1][2] 
_atom_site_anisotrop.U[1][3] 
_atom_site_anisotrop.U[2][3] 
_atom_site_anisotrop.pdbx_auth_seq_id 
_atom_site_anisotrop.pdbx_auth_comp_id 
_atom_site_anisotrop.pdbx_auth_asym_id 
_atom_site_anisotrop.pdbx_auth_atom_id 
1   N N   . PHE A 1  ? 0.34876 0.30094 0.29477 -0.00128 0.05504  -0.05329 1  PHE A N   
2   C CA  . PHE A 1  ? 0.33573 0.30079 0.30648 0.00122  0.04308  -0.04503 1  PHE A CA  
3   C C   . PHE A 1  ? 0.33503 0.29282 0.29481 -0.00332 0.02869  -0.04052 1  PHE A C   
4   O O   . PHE A 1  ? 0.38948 0.35213 0.36234 -0.00190 0.02012  -0.03494 1  PHE A O   
5   C CB  . PHE A 1  ? 0.34247 0.32588 0.32598 -0.00212 0.04338  -0.03874 1  PHE A CB  
6   C CG  . PHE A 1  ? 0.34152 0.32137 0.30277 -0.01037 0.04029  -0.03475 1  PHE A CG  
7   C CD1 . PHE A 1  ? 0.37539 0.34688 0.31404 -0.01492 0.04976  -0.03672 1  PHE A CD1 
8   C CD2 . PHE A 1  ? 0.36176 0.34523 0.32386 -0.01307 0.02819  -0.02905 1  PHE A CD2 
9   C CE1 . PHE A 1  ? 0.37092 0.33641 0.28955 -0.02126 0.04382  -0.03097 1  PHE A CE1 
10  C CE2 . PHE A 1  ? 0.34784 0.32722 0.29447 -0.01796 0.02440  -0.02556 1  PHE A CE2 
11  C CZ  . PHE A 1  ? 0.34929 0.31920 0.27517 -0.02162 0.03058  -0.02548 1  PHE A CZ  
23  N N   A VAL A 2  ? 0.33143 0.27874 0.26730 -0.00979 0.02576  -0.04270 2  VAL A N   
24  N N   B VAL A 2  ? 0.33319 0.28026 0.26883 -0.00970 0.02615  -0.04294 2  VAL A N   
25  C CA  A VAL A 2  ? 0.30748 0.25399 0.23993 -0.01524 0.01382  -0.03876 2  VAL A CA  
26  C CA  B VAL A 2  ? 0.31117 0.25701 0.24206 -0.01542 0.01421  -0.03923 2  VAL A CA  
27  C C   A VAL A 2  ? 0.33238 0.26216 0.25948 -0.01707 0.01041  -0.04236 2  VAL A C   
28  C C   B VAL A 2  ? 0.33169 0.26213 0.26101 -0.01613 0.01086  -0.04197 2  VAL A C   
29  O O   A VAL A 2  ? 0.34011 0.27082 0.26909 -0.02282 0.00257  -0.03827 2  VAL A O   
30  O O   B VAL A 2  ? 0.31485 0.24679 0.24925 -0.02015 0.00357  -0.03679 2  VAL A O   
31  C CB  A VAL A 2  ? 0.30642 0.25574 0.22464 -0.02164 0.00800  -0.03744 2  VAL A CB  
32  C CB  B VAL A 2  ? 0.30917 0.25342 0.22111 -0.02202 0.00948  -0.03975 2  VAL A CB  
33  C CG1 A VAL A 2  ? 0.30367 0.26438 0.22686 -0.02030 0.00997  -0.03253 2  VAL A CG1 
34  C CG1 B VAL A 2  ? 0.36285 0.31059 0.27788 -0.02781 -0.00149 -0.03753 2  VAL A CG1 
35  C CG2 A VAL A 2  ? 0.36044 0.29394 0.25338 -0.02545 0.00901  -0.04423 2  VAL A CG2 
36  C CG2 B VAL A 2  ? 0.30602 0.26044 0.21860 -0.02163 0.01088  -0.03475 2  VAL A CG2 
55  N N   . ASN A 3  ? 0.33567 0.24916 0.25669 -0.01300 0.01741  -0.05047 3  ASN A N   
56  C CA  . ASN A 3  ? 0.35680 0.24802 0.27035 -0.01554 0.01388  -0.05518 3  ASN A CA  
57  C C   . ASN A 3  ? 0.38049 0.26302 0.31215 -0.00708 0.01371  -0.05224 3  ASN A C   
58  O O   . ASN A 3  ? 0.40284 0.26751 0.33646 0.00040  0.01938  -0.05980 3  ASN A O   
59  C CB  . ASN A 3  ? 0.41392 0.28676 0.30441 -0.01682 0.02059  -0.06797 3  ASN A CB  
60  C CG  . ASN A 3  ? 0.42764 0.30604 0.29648 -0.02572 0.01631  -0.06849 3  ASN A CG  
61  O OD1 . ASN A 3  ? 0.38346 0.26487 0.24929 -0.03466 0.00404  -0.06511 3  ASN A OD1 
62  N ND2 . ASN A 3  ? 0.41202 0.29387 0.26812 -0.02357 0.02595  -0.07120 3  ASN A ND2 
70  N N   . GLN A 4  ? 0.34453 0.23847 0.28810 -0.00825 0.00624  -0.04102 4  GLN A N   
71  C CA  . GLN A 4  ? 0.37283 0.25838 0.33043 -0.00131 0.00140  -0.03435 4  GLN A CA  
72  C C   . GLN A 4  ? 0.32180 0.21475 0.27670 -0.00967 -0.00745 -0.02254 4  GLN A C   
73  O O   . GLN A 4  ? 0.31121 0.21841 0.25936 -0.01844 -0.00746 -0.02167 4  GLN A O   
74  C CB  . GLN A 4  ? 0.38367 0.28283 0.36391 0.01181  0.00592  -0.03508 4  GLN A CB  
75  C CG  . GLN A 4  ? 0.38956 0.31599 0.37658 0.00940  0.00564  -0.03048 4  GLN A CG  
76  C CD  . GLN A 4  ? 0.44628 0.38935 0.45901 0.01941  0.01112  -0.03243 4  GLN A CD  
77  O OE1 . GLN A 4  ? 0.49901 0.44184 0.53332 0.02891  0.00582  -0.02930 4  GLN A OE1 
78  N NE2 . GLN A 4  ? 0.47426 0.43225 0.48662 0.01671  0.02088  -0.03665 4  GLN A NE2 
87  N N   . HIS A 5  ? 0.34713 0.22891 0.30643 -0.00660 -0.01481 -0.01359 5  HIS A N   
88  C CA  . HIS A 5  ? 0.34464 0.23259 0.29651 -0.01457 -0.02158 -0.00221 5  HIS A CA  
89  C C   . HIS A 5  ? 0.30900 0.22235 0.27039 -0.01037 -0.02231 -0.00103 5  HIS A C   
90  O O   . HIS A 5  ? 0.33889 0.25824 0.31771 0.00045  -0.02443 -0.00145 5  HIS A O   
91  C CB  . HIS A 5  ? 0.36755 0.23164 0.31627 -0.01241 -0.03138 0.00879  5  HIS A CB  
92  C CG  . HIS A 5  ? 0.38187 0.21558 0.31951 -0.01898 -0.03164 0.00917  5  HIS A CG  
93  N ND1 . HIS A 5  ? 0.43882 0.24855 0.38388 -0.00938 -0.03133 0.00289  5  HIS A ND1 
94  C CD2 . HIS A 5  ? 0.40552 0.22769 0.32621 -0.03518 -0.03170 0.01479  5  HIS A CD2 
95  C CE1 . HIS A 5  ? 0.42983 0.21171 0.36092 -0.01991 -0.03268 0.00437  5  HIS A CE1 
96  N NE2 . HIS A 5  ? 0.45546 0.24586 0.37281 -0.03654 -0.03291 0.01227  5  HIS A NE2 
104 N N   . LEU A 6  ? 0.29625 0.22511 0.24947 -0.01890 -0.02014 -0.00077 6  LEU A N   
105 C CA  . LEU A 6  ? 0.30154 0.25040 0.26047 -0.01716 -0.02087 -0.00102 6  LEU A CA  
106 C C   . LEU A 6  ? 0.29372 0.24427 0.23710 -0.02568 -0.02440 0.00517  6  LEU A C   
107 O O   . LEU A 6  ? 0.29889 0.25174 0.23256 -0.03454 -0.01868 0.00387  6  LEU A O   
108 C CB  . LEU A 6  ? 0.27242 0.23496 0.23395 -0.01852 -0.01310 -0.00897 6  LEU A CB  
109 C CG  . LEU A 6  ? 0.30150 0.26198 0.27093 -0.01211 -0.00743 -0.01546 6  LEU A CG  
110 C CD1 . LEU A 6  ? 0.34078 0.30839 0.30437 -0.01574 -0.00268 -0.02040 6  LEU A CD1 
111 C CD2 . LEU A 6  ? 0.32793 0.29710 0.31531 -0.00384 -0.00688 -0.01570 6  LEU A CD2 
123 N N   . CYS A 7  ? 0.28495 0.23581 0.22623 -0.02363 -0.03357 0.01111  7  CYS A N   
124 C CA  . CYS A 7  ? 0.30993 0.25890 0.22874 -0.03270 -0.03648 0.01634  7  CYS A CA  
125 C C   . CYS A 7  ? 0.31169 0.27416 0.23204 -0.03152 -0.04122 0.01316  7  CYS A C   
126 O O   . CYS A 7  ? 0.29299 0.26359 0.23364 -0.02387 -0.04701 0.01154  7  CYS A O   
127 C CB  . CYS A 7  ? 0.34838 0.27606 0.25217 -0.03428 -0.04767 0.02908  7  CYS A CB  
128 S SG  . CYS A 7  ? 0.37979 0.28300 0.28087 -0.03675 -0.04466 0.03396  7  CYS A SG  
133 N N   . GLY A 8  ? 0.32357 0.28873 0.22365 -0.04001 -0.03724 0.01088  8  GLY A N   
134 C CA  . GLY A 8  ? 0.32484 0.29691 0.21958 -0.04115 -0.04317 0.00706  8  GLY A CA  
135 C C   . GLY A 8  ? 0.26668 0.25290 0.18626 -0.03540 -0.03998 -0.00180 8  GLY A C   
136 O O   . GLY A 8  ? 0.26799 0.25986 0.19695 -0.03386 -0.02899 -0.00778 8  GLY A O   
140 N N   . SER A 9  ? 0.26577 0.25730 0.19610 -0.03325 -0.05104 -0.00162 9  SER A N   
141 C CA  . SER A 9  ? 0.23895 0.24202 0.19068 -0.03096 -0.04744 -0.00897 9  SER A CA  
142 C C   . SER A 9  ? 0.22312 0.23070 0.19678 -0.02413 -0.03880 -0.00914 9  SER A C   
143 O O   . SER A 9  ? 0.23174 0.24431 0.21483 -0.02371 -0.03089 -0.01428 9  SER A O   
144 C CB  . SER A 9  ? 0.26213 0.27270 0.22694 -0.03189 -0.06140 -0.00834 9  SER A CB  
145 O OG  . SER A 9  ? 0.27448 0.29078 0.26255 -0.02487 -0.06981 -0.00138 9  SER A OG  
151 N N   . HIS A 10 ? 0.21538 0.21772 0.19368 -0.01924 -0.04008 -0.00373 10 HIS A N   
152 C CA  . HIS A 10 ? 0.23591 0.23944 0.22987 -0.01323 -0.03111 -0.00598 10 HIS A CA  
153 C C   . HIS A 10 ? 0.25188 0.25144 0.23359 -0.01629 -0.02062 -0.01016 10 HIS A C   
154 O O   . HIS A 10 ? 0.24696 0.24887 0.23497 -0.01439 -0.01305 -0.01400 10 HIS A O   
155 C CB  . HIS A 10 ? 0.26806 0.26199 0.26807 -0.00670 -0.03561 -0.00078 10 HIS A CB  
156 C CG  . HIS A 10 ? 0.27440 0.27353 0.29261 -0.00107 -0.04907 0.00450  10 HIS A CG  
157 N ND1 . HIS A 10 ? 0.31325 0.30408 0.34510 0.00831  -0.05439 0.00886  10 HIS A ND1 
158 C CD2 . HIS A 10 ? 0.27512 0.28651 0.30246 -0.00312 -0.06019 0.00590  10 HIS A CD2 
159 C CE1 . HIS A 10 ? 0.33247 0.33300 0.38442 0.01309  -0.06889 0.01356  10 HIS A CE1 
160 N NE2 . HIS A 10 ? 0.28035 0.29431 0.32951 0.00528  -0.07324 0.01183  10 HIS A NE2 
168 N N   . LEU A 11 ? 0.23151 0.22571 0.19562 -0.02175 -0.02043 -0.00906 11 LEU A N   
169 C CA  . LEU A 11 ? 0.23143 0.22655 0.19029 -0.02473 -0.01282 -0.01294 11 LEU A CA  
170 C C   . LEU A 11 ? 0.22657 0.22967 0.18878 -0.02468 -0.00964 -0.01842 11 LEU A C   
171 O O   . LEU A 11 ? 0.22605 0.23075 0.19280 -0.02296 -0.00612 -0.02095 11 LEU A O   
172 C CB  . LEU A 11 ? 0.25567 0.24611 0.20009 -0.03159 -0.01178 -0.01010 11 LEU A CB  
173 C CG  . LEU A 11 ? 0.25133 0.24753 0.19736 -0.03563 -0.00470 -0.01401 11 LEU A CG  
174 C CD1 . LEU A 11 ? 0.25565 0.25004 0.20989 -0.03321 -0.00449 -0.01604 11 LEU A CD1 
175 C CD2 . LEU A 11 ? 0.30511 0.29665 0.23863 -0.04470 -0.00195 -0.00972 11 LEU A CD2 
187 N N   A VAL A 12 ? 0.22917 0.23423 0.18743 -0.02661 -0.01254 -0.02008 12 VAL A N   
188 N N   B VAL A 12 ? 0.22805 0.23318 0.18596 -0.02673 -0.01219 -0.02031 12 VAL A N   
189 C CA  A VAL A 12 ? 0.22639 0.23388 0.18748 -0.02632 -0.01015 -0.02608 12 VAL A CA  
190 C CA  B VAL A 12 ? 0.22143 0.22912 0.18328 -0.02591 -0.00927 -0.02621 12 VAL A CA  
191 C C   A VAL A 12 ? 0.20992 0.21764 0.18367 -0.02363 -0.01002 -0.02551 12 VAL A C   
192 C C   B VAL A 12 ? 0.21148 0.21915 0.18553 -0.02327 -0.00948 -0.02523 12 VAL A C   
193 O O   A VAL A 12 ? 0.19787 0.20320 0.17411 -0.02242 -0.00745 -0.02796 12 VAL A O   
194 O O   B VAL A 12 ? 0.19932 0.20487 0.17586 -0.02157 -0.00654 -0.02670 12 VAL A O   
195 C CB  A VAL A 12 ? 0.23417 0.23965 0.18454 -0.03042 -0.01427 -0.02944 12 VAL A CB  
196 C CB  B VAL A 12 ? 0.25996 0.26603 0.21140 -0.02945 -0.01062 -0.03144 12 VAL A CB  
197 C CG1 A VAL A 12 ? 0.26492 0.26816 0.22077 -0.02993 -0.01336 -0.03600 12 VAL A CG1 
198 C CG1 B VAL A 12 ? 0.25741 0.26370 0.19340 -0.03344 -0.00566 -0.03276 12 VAL A CG1 
199 C CG2 A VAL A 12 ? 0.28192 0.28608 0.21445 -0.03455 -0.00971 -0.03142 12 VAL A CG2 
200 C CG2 B VAL A 12 ? 0.26471 0.26944 0.21468 -0.03222 -0.02014 -0.02932 12 VAL A CG2 
219 N N   . GLU A 13 ? 0.20560 0.21581 0.18831 -0.02279 -0.01244 -0.02195 13 GLU A N   
220 C CA  . GLU A 13 ? 0.22326 0.23548 0.21779 -0.02213 -0.00846 -0.02135 13 GLU A CA  
221 C C   . GLU A 13 ? 0.22216 0.22946 0.21088 -0.01989 -0.00199 -0.02072 13 GLU A C   
222 O O   . GLU A 13 ? 0.21975 0.22315 0.20674 -0.02108 0.00175  -0.02010 13 GLU A O   
223 C CB  . GLU A 13 ? 0.26014 0.28041 0.27083 -0.02060 -0.01080 -0.01904 13 GLU A CB  
224 C CG  . GLU A 13 ? 0.35715 0.38268 0.38213 -0.01977 -0.00221 -0.01895 13 GLU A CG  
225 C CD  . GLU A 13 ? 0.39923 0.43808 0.44968 -0.01658 -0.00493 -0.01801 13 GLU A CD  
226 O OE1 . GLU A 13 ? 0.30123 0.34746 0.36169 -0.01933 -0.01569 -0.01708 13 GLU A OE1 
227 O OE2 . GLU A 13 ? 0.46046 0.50119 0.52012 -0.01057 0.00231  -0.01890 13 GLU A OE2 
234 N N   . ALA A 14 ? 0.21479 0.21963 0.19790 -0.01793 -0.00177 -0.02034 14 ALA A N   
235 C CA  . ALA A 14 ? 0.22568 0.22446 0.19989 -0.01737 0.00172  -0.02098 14 ALA A CA  
236 C C   . ALA A 14 ? 0.22284 0.22032 0.19125 -0.01828 -0.00095 -0.02137 14 ALA A C   
237 O O   . ALA A 14 ? 0.24034 0.23209 0.20143 -0.01837 -0.00063 -0.02011 14 ALA A O   
238 C CB  . ALA A 14 ? 0.27569 0.26968 0.24564 -0.01680 0.00090  -0.02149 14 ALA A CB  
245 N N   . LEU A 15 ? 0.22307 0.22545 0.19448 -0.01865 -0.00356 -0.02305 15 LEU A N   
246 C CA  . LEU A 15 ? 0.22711 0.23116 0.20122 -0.01691 -0.00566 -0.02474 15 LEU A CA  
247 C C   . LEU A 15 ? 0.22041 0.21727 0.19514 -0.01526 -0.00648 -0.02349 15 LEU A C   
248 O O   . LEU A 15 ? 0.25606 0.24749 0.22927 -0.01282 -0.01020 -0.02126 15 LEU A O   
249 C CB  . LEU A 15 ? 0.24183 0.25343 0.22059 -0.01734 -0.00402 -0.02903 15 LEU A CB  
250 C CG  . LEU A 15 ? 0.22830 0.24696 0.20741 -0.02096 -0.00230 -0.02936 15 LEU A CG  
251 C CD1 . LEU A 15 ? 0.25724 0.28140 0.23407 -0.02404 0.00302  -0.03281 15 LEU A CD1 
252 C CD2 . LEU A 15 ? 0.23132 0.25702 0.22034 -0.01992 -0.00514 -0.03024 15 LEU A CD2 
264 N N   . TYR A 16 ? 0.21910 0.21449 0.19613 -0.01742 -0.00478 -0.02412 16 TYR A N   
265 C CA  . TYR A 16 ? 0.22362 0.20967 0.20182 -0.01851 -0.00517 -0.02278 16 TYR A CA  
266 C C   . TYR A 16 ? 0.23158 0.20992 0.20205 -0.02026 -0.00306 -0.01641 16 TYR A C   
267 O O   . TYR A 16 ? 0.24760 0.21370 0.21231 -0.01957 -0.00591 -0.01250 16 TYR A O   
268 C CB  . TYR A 16 ? 0.22268 0.21097 0.20671 -0.02317 -0.00500 -0.02499 16 TYR A CB  
269 C CG  . TYR A 16 ? 0.22521 0.20452 0.21261 -0.02807 -0.00419 -0.02267 16 TYR A CG  
270 C CD1 . TYR A 16 ? 0.24455 0.20956 0.23053 -0.02776 -0.00690 -0.02471 16 TYR A CD1 
271 C CD2 . TYR A 16 ? 0.22531 0.20964 0.21911 -0.03329 0.00052  -0.01865 16 TYR A CD2 
272 C CE1 . TYR A 16 ? 0.27069 0.22347 0.25867 -0.03446 -0.00630 -0.02147 16 TYR A CE1 
273 C CE2 . TYR A 16 ? 0.24264 0.21993 0.24088 -0.04064 0.00307  -0.01577 16 TYR A CE2 
274 C CZ  . TYR A 16 ? 0.23895 0.19862 0.23265 -0.04224 -0.00093 -0.01635 16 TYR A CZ  
275 O OH  . TYR A 16 ? 0.27005 0.21860 0.26685 -0.05156 0.00139  -0.01243 16 TYR A OH  
285 N N   . LEU A 17 ? 0.23026 0.21344 0.19846 -0.02223 0.00213  -0.01533 17 LEU A N   
286 C CA  . LEU A 17 ? 0.25513 0.23050 0.21105 -0.02529 0.00780  -0.01096 17 LEU A CA  
287 C C   . LEU A 17 ? 0.26558 0.23176 0.20380 -0.02346 0.00238  -0.00851 17 LEU A C   
288 O O   . LEU A 17 ? 0.31397 0.26669 0.23589 -0.02624 0.00180  -0.00255 17 LEU A O   
289 C CB  . LEU A 17 ? 0.26221 0.24569 0.22266 -0.02604 0.01671  -0.01339 17 LEU A CB  
290 C CG  . LEU A 17 ? 0.23062 0.22534 0.21208 -0.02875 0.02135  -0.01417 17 LEU A CG  
291 C CD1 . LEU A 17 ? 0.29850 0.30316 0.29083 -0.02571 0.02882  -0.01749 17 LEU A CD1 
292 C CD2 . LEU A 17 ? 0.32615 0.31600 0.30797 -0.03632 0.02705  -0.00994 17 LEU A CD2 
304 N N   . VAL A 18 ? 0.26060 0.23314 0.20093 -0.02021 -0.00276 -0.01217 18 VAL A N   
305 C CA  . VAL A 18 ? 0.27555 0.24250 0.20259 -0.01974 -0.01069 -0.01061 18 VAL A CA  
306 C C   . VAL A 18 ? 0.28098 0.24411 0.21258 -0.01584 -0.02111 -0.00662 18 VAL A C   
307 O O   . VAL A 18 ? 0.31622 0.26748 0.23224 -0.01618 -0.02905 -0.00062 18 VAL A O   
308 C CB  . VAL A 18 ? 0.30614 0.28214 0.23866 -0.01957 -0.01317 -0.01591 18 VAL A CB  
309 C CG1 . VAL A 18 ? 0.34616 0.32232 0.27511 -0.01960 -0.02524 -0.01506 18 VAL A CG1 
310 C CG2 . VAL A 18 ? 0.32062 0.29235 0.24374 -0.02201 -0.00497 -0.01931 18 VAL A CG2 
320 N N   . CYS A 19 ? 0.26185 0.23322 0.21353 -0.01160 -0.02176 -0.01009 19 CYS A N   
321 C CA  . CYS A 19 ? 0.28453 0.25471 0.24767 -0.00489 -0.03105 -0.00909 19 CYS A CA  
322 C C   . CYS A 19 ? 0.31190 0.26258 0.26861 -0.00384 -0.03342 -0.00279 19 CYS A C   
323 O O   . CYS A 19 ? 0.32977 0.27167 0.28997 0.00242  -0.04430 0.00162  19 CYS A O   
324 C CB  . CYS A 19 ? 0.25098 0.23659 0.23647 -0.00070 -0.02774 -0.01756 19 CYS A CB  
325 S SG  . CYS A 19 ? 0.24709 0.25290 0.24033 -0.00400 -0.02588 -0.02240 19 CYS A SG  
330 N N   . GLY A 20 ? 0.31390 0.25736 0.26412 -0.00999 -0.02447 -0.00180 20 GLY A N   
331 C CA  . GLY A 20 ? 0.34670 0.26906 0.28955 -0.01230 -0.02567 0.00512  20 GLY A CA  
332 C C   . GLY A 20 ? 0.34364 0.25742 0.30186 -0.00372 -0.03310 0.00274  20 GLY A C   
333 O O   . GLY A 20 ? 0.36442 0.28979 0.34022 0.00080  -0.03033 -0.00767 20 GLY A O   
337 N N   . GLU A 21 ? 0.39728 0.28777 0.34691 -0.00126 -0.04223 0.01236  21 GLU A N   
338 C CA  . GLU A 21 ? 0.43378 0.31059 0.39980 0.00849  -0.04903 0.00972  21 GLU A CA  
339 C C   . GLU A 21 ? 0.41417 0.30867 0.40481 0.02236  -0.05577 0.00214  21 GLU A C   
340 O O   . GLU A 21 ? 0.42953 0.31775 0.43969 0.03257  -0.05777 -0.00449 21 GLU A O   
341 C CB  . GLU A 21 ? 0.53981 0.38241 0.49007 0.00788  -0.05868 0.02404  21 GLU A CB  
342 C CG  . GLU A 21 ? 0.71980 0.54445 0.65158 -0.00760 -0.04895 0.03038  21 GLU A CG  
343 C CD  . GLU A 21 ? 0.91779 0.70291 0.83528 -0.00941 -0.05743 0.04426  21 GLU A CD  
344 O OE1 . GLU A 21 ? 0.93250 0.70072 0.84297 -0.02215 -0.04937 0.04748  21 GLU A OE1 
345 O OE2 . GLU A 21 ? 0.90003 0.67054 0.81428 0.00123  -0.07332 0.05284  21 GLU A OE2 
352 N N   . ARG A 22 ? 0.40385 0.32036 0.39619 0.02250  -0.05823 0.00177  22 ARG A N   
353 C CA  . ARG A 22 ? 0.39285 0.33236 0.41441 0.03294  -0.06161 -0.00667 22 ARG A CA  
354 C C   . ARG A 22 ? 0.39526 0.35081 0.43220 0.03326  -0.04665 -0.02157 22 ARG A C   
355 O O   . ARG A 22 ? 0.44969 0.41893 0.51313 0.04297  -0.04487 -0.03087 22 ARG A O   
356 C CB  . ARG A 22 ? 0.38572 0.34477 0.40526 0.02933  -0.06727 -0.00431 22 ARG A CB  
357 C CG  . ARG A 22 ? 0.46964 0.41426 0.47087 0.02894  -0.08484 0.00906  22 ARG A CG  
358 C CD  . ARG A 22 ? 0.53901 0.49923 0.53106 0.02175  -0.08958 0.00918  22 ARG A CD  
359 N NE  . ARG A 22 ? 0.50582 0.46013 0.46765 0.00927  -0.07751 0.00909  22 ARG A NE  
360 C CZ  . ARG A 22 ? 0.49245 0.45658 0.44469 0.00215  -0.07705 0.00594  22 ARG A CZ  
361 N NH1 . ARG A 22 ? 0.45794 0.43911 0.42689 0.00350  -0.08862 0.00329  22 ARG A NH1 
362 N NH2 . ARG A 22 ? 0.42487 0.38157 0.35294 -0.00656 -0.06476 0.00474  22 ARG A NH2 
376 N N   . GLY A 23 ? 0.32657 0.28141 0.34746 0.02277  -0.03593 -0.02411 23 GLY A N   
377 C CA  . GLY A 23 ? 0.32233 0.29193 0.34935 0.02062  -0.02410 -0.03616 23 GLY A CA  
378 C C   . GLY A 23 ? 0.26689 0.26196 0.30122 0.01865  -0.02097 -0.03857 23 GLY A C   
379 O O   . GLY A 23 ? 0.25536 0.25737 0.29108 0.01826  -0.02853 -0.03224 23 GLY A O   
383 N N   . PHE A 24 ? 0.25823 0.26492 0.29425 0.01569  -0.00999 -0.04787 24 PHE A N   
384 C CA  . PHE A 24 ? 0.22719 0.25403 0.26565 0.01019  -0.00487 -0.04908 24 PHE A CA  
385 C C   . PHE A 24 ? 0.24460 0.28139 0.28605 0.00901  0.00826  -0.06017 24 PHE A C   
386 O O   . PHE A 24 ? 0.25594 0.28233 0.29272 0.01166  0.01312  -0.06805 24 PHE A O   
387 C CB  . PHE A 24 ? 0.22944 0.25209 0.24745 0.00064  -0.00590 -0.04191 24 PHE A CB  
388 C CG  . PHE A 24 ? 0.22499 0.23784 0.22733 -0.00431 -0.00198 -0.04310 24 PHE A CG  
389 C CD1 . PHE A 24 ? 0.24188 0.26045 0.23629 -0.00952 0.00467  -0.04747 24 PHE A CD1 
390 C CD2 . PHE A 24 ? 0.23805 0.23619 0.23321 -0.00521 -0.00583 -0.03904 24 PHE A CD2 
391 C CE1 . PHE A 24 ? 0.28108 0.29143 0.26161 -0.01422 0.00410  -0.04789 24 PHE A CE1 
392 C CE2 . PHE A 24 ? 0.25084 0.24410 0.23756 -0.01057 -0.00444 -0.04033 24 PHE A CE2 
393 C CZ  . PHE A 24 ? 0.26347 0.26297 0.24327 -0.01445 -0.00111 -0.04489 24 PHE A CZ  
403 N N   . PHE A 25 ? 0.24386 0.29901 0.29064 0.00361  0.01456  -0.06117 25 PHE A N   
404 C CA  . PHE A 25 ? 0.25958 0.32278 0.29940 -0.00198 0.02917  -0.06926 25 PHE A CA  
405 C C   . PHE A 25 ? 0.27464 0.33657 0.29280 -0.01439 0.03006  -0.06185 25 PHE A C   
406 O O   . PHE A 25 ? 0.27936 0.34513 0.30129 -0.01812 0.02396  -0.05419 25 PHE A O   
407 C CB  . PHE A 25 ? 0.33082 0.41729 0.39888 0.00207  0.04071  -0.07875 25 PHE A CB  
408 C CG  . PHE A 25 ? 0.35990 0.46689 0.45389 0.00097  0.03545  -0.07367 25 PHE A CG  
409 C CD1 . PHE A 25 ? 0.40239 0.51165 0.51922 0.01092  0.02057  -0.06995 25 PHE A CD1 
410 C CD2 . PHE A 25 ? 0.40580 0.52871 0.50077 -0.01123 0.04418  -0.07227 25 PHE A CD2 
411 C CE1 . PHE A 25 ? 0.40695 0.53572 0.54734 0.00865  0.01237  -0.06580 25 PHE A CE1 
412 C CE2 . PHE A 25 ? 0.39121 0.53364 0.51251 -0.01444 0.03792  -0.06857 25 PHE A CE2 
413 C CZ  . PHE A 25 ? 0.41240 0.55886 0.55691 -0.00437 0.02117  -0.06599 25 PHE A CZ  
423 N N   . TYR A 26 ? 0.27603 0.32907 0.26944 -0.02056 0.03579  -0.06417 26 TYR A N   
424 C CA  . TYR A 26 ? 0.27349 0.32095 0.24394 -0.03121 0.03504  -0.05627 26 TYR A CA  
425 C C   . TYR A 26 ? 0.29324 0.34742 0.25113 -0.03942 0.04991  -0.06133 26 TYR A C   
426 O O   . TYR A 26 ? 0.30376 0.35210 0.24504 -0.03999 0.05667  -0.06983 26 TYR A O   
427 C CB  . TYR A 26 ? 0.30646 0.33683 0.25675 -0.03206 0.02571  -0.05278 26 TYR A CB  
428 C CG  . TYR A 26 ? 0.28230 0.30518 0.21074 -0.04064 0.02203  -0.04396 26 TYR A CG  
429 C CD1 . TYR A 26 ? 0.31472 0.33712 0.24767 -0.04280 0.01794  -0.03481 26 TYR A CD1 
430 C CD2 . TYR A 26 ? 0.32391 0.33726 0.22555 -0.04653 0.02098  -0.04470 26 TYR A CD2 
431 C CE1 . TYR A 26 ? 0.35724 0.36881 0.27210 -0.04893 0.01309  -0.02582 26 TYR A CE1 
432 C CE2 . TYR A 26 ? 0.36451 0.36845 0.24592 -0.05336 0.01423  -0.03431 26 TYR A CE2 
433 C CZ  . TYR A 26 ? 0.35549 0.35812 0.24531 -0.05373 0.01051  -0.02454 26 TYR A CZ  
434 O OH  . TYR A 26 ? 0.44098 0.43037 0.31235 -0.05883 0.00243  -0.01346 26 TYR A OH  
444 N N   . THR A 27 ? 0.30838 0.37351 0.27230 -0.04727 0.05586  -0.05671 27 THR A N   
445 C CA  . THR A 27 ? 0.37035 0.44410 0.32377 -0.05778 0.07340  -0.06025 27 THR A CA  
446 C C   . THR A 27 ? 0.36905 0.43186 0.30021 -0.07121 0.07078  -0.04690 27 THR A C   
447 O O   . THR A 27 ? 0.39771 0.47003 0.34488 -0.07792 0.07313  -0.04215 27 THR A O   
448 C CB  . THR A 27 ? 0.38863 0.49046 0.38008 -0.05584 0.08594  -0.06827 27 THR A CB  
449 O OG1 . THR A 27 ? 0.43693 0.54524 0.45305 -0.04034 0.08426  -0.07887 27 THR A OG1 
450 C CG2 . THR A 27 ? 0.45224 0.56520 0.43334 -0.06765 0.10896  -0.07372 27 THR A CG2 
458 N N   . PRO A 28 ? 0.36228 0.40380 0.25709 -0.07593 0.06456  -0.04037 28 PRO A N   
459 C CA  . PRO A 28 ? 0.40840 0.43376 0.28359 -0.08580 0.05752  -0.02549 28 PRO A CA  
460 C C   . PRO A 28 ? 0.44545 0.47300 0.30594 -0.10212 0.07342  -0.02151 28 PRO A C   
461 O O   . PRO A 28 ? 0.52823 0.54456 0.38319 -0.11105 0.06942  -0.00951 28 PRO A O   
462 C CB  . PRO A 28 ? 0.46660 0.47069 0.31006 -0.08458 0.04427  -0.02006 28 PRO A CB  
463 C CG  . PRO A 28 ? 0.39866 0.40779 0.23574 -0.08008 0.05008  -0.03389 28 PRO A CG  
464 C CD  . PRO A 28 ? 0.42396 0.45358 0.29811 -0.07107 0.05922  -0.04579 28 PRO A CD  
472 N N   . LYS A 29 ? 0.45074 0.49063 0.30387 -0.10701 0.09272  -0.03165 29 LYS A N   
473 C CA  . LYS A 29 ? 0.53009 0.57327 0.36586 -0.12490 0.11234  -0.02844 29 LYS A CA  
474 C C   . LYS A 29 ? 0.69403 0.76881 0.57443 -0.12859 0.12830  -0.03497 29 LYS A C   
475 O O   . LYS A 29 ? 0.73383 0.82356 0.61302 -0.13921 0.15152  -0.04054 29 LYS A O   
476 C CB  . LYS A 29 ? 0.65415 0.69242 0.45213 -0.12999 0.12729  -0.03693 29 LYS A CB  
477 C CG  . LYS A 29 ? 0.72773 0.73516 0.48012 -0.12908 0.10850  -0.02951 29 LYS A CG  
478 C CD  . LYS A 29 ? 0.87241 0.85381 0.59044 -0.14183 0.09882  -0.00915 29 LYS A CD  
479 C CE  . LYS A 29 ? 0.80505 0.77003 0.52624 -0.13736 0.07471  0.00530  29 LYS A CE  
480 N NZ  . LYS A 29 ? 0.93552 0.87008 0.61904 -0.14829 0.06352  0.02518  29 LYS A NZ  
494 N N   . ALA A 30 ? 0.71458 0.80046 0.63509 -0.12015 0.11567  -0.03470 30 ALA A N   
495 C CA  . ALA A 30 ? 0.71987 0.83468 0.68420 -0.12565 0.12426  -0.03814 30 ALA A CA  
496 C C   . ALA A 30 ? 0.78309 0.88232 0.74271 -0.13870 0.11405  -0.02385 30 ALA A C   
497 O O   . ALA A 30 ? 0.77463 0.85343 0.72865 -0.13126 0.09349  -0.01755 30 ALA A O   
498 C CB  . ALA A 30 ? 0.57782 0.71392 0.58774 -0.10773 0.11436  -0.04817 30 ALA A CB  
504 N N   . MET A 31 ? 0.82223 0.92981 0.78415 -0.15867 0.12978  -0.01952 31 MET A N   
505 C CA  . MET A 31 ? 0.95520 1.04228 0.90930 -0.17359 0.12110  -0.00587 31 MET A CA  
506 C C   . MET A 31 ? 0.92147 1.01817 0.91457 -0.16703 0.10381  -0.00926 31 MET A C   
507 O O   . MET A 31 ? 0.77727 0.90684 0.81221 -0.15860 0.10421  -0.02066 31 MET A O   
508 C CB  . MET A 31 ? 1.15963 1.25330 1.11275 -0.19383 0.13972  -0.00123 31 MET A CB  
509 C CG  . MET A 31 ? 1.25693 1.32918 1.20826 -0.20908 0.13041  0.01145  31 MET A CG  
510 S SD  . MET A 31 ? 1.49269 1.53322 1.39800 -0.22595 0.13985  0.02732  31 MET A SD  
511 C CE  . MET A 31 ? 1.27005 1.25845 1.12234 -0.21992 0.11832  0.04191  31 MET A CE  
521 N N   . LYS A 32 ? 0.94631 1.01142 0.92333 -0.17045 0.08744  0.00060  32 LYS A N   
522 C CA  . LYS A 32 ? 0.84011 0.90286 0.83880 -0.16280 0.06832  -0.00284 32 LYS A CA  
523 C C   . LYS A 32 ? 0.70504 0.77928 0.71611 -0.13987 0.05827  -0.01212 32 LYS A C   
524 O O   . LYS A 32 ? 0.60071 0.68204 0.63317 -0.13358 0.04513  -0.01722 32 LYS A O   
525 C CB  . LYS A 32 ? 0.93146 1.01759 0.96777 -0.17780 0.06976  -0.00661 32 LYS A CB  
526 C CG  . LYS A 32 ? 1.02471 1.09189 1.04899 -0.20276 0.07577  0.00369  32 LYS A CG  
527 C CD  . LYS A 32 ? 1.08645 1.17387 1.15045 -0.21720 0.07072  -0.00127 32 LYS A CD  
528 C CE  . LYS A 32 ? 1.14620 1.20612 1.19674 -0.23483 0.07173  0.00914  32 LYS A CE  
529 N NZ  . LYS A 32 ? 1.02565 1.10232 1.11452 -0.24458 0.06316  0.00391  32 LYS A NZ  
543 N N   . GLY A 33 ? 0.42488 0.49810 0.41905 -0.12903 0.06368  -0.01387 33 GLY A N   
544 C CA  . GLY A 33 ? 0.39075 0.47198 0.39440 -0.10958 0.05638  -0.02168 33 GLY A CA  
545 C C   . GLY A 33 ? 0.33862 0.39268 0.32310 -0.09928 0.04009  -0.01722 33 GLY A C   
546 O O   . GLY A 33 ? 0.33629 0.36903 0.31000 -0.10443 0.03218  -0.01086 33 GLY A O   
550 N N   . ILE A 34 ? 0.32024 0.37472 0.30208 -0.08471 0.03630  -0.02141 34 ILE A N   
551 C CA  . ILE A 34 ? 0.30358 0.33967 0.27587 -0.07443 0.02310  -0.01909 34 ILE A CA  
552 C C   . ILE A 34 ? 0.28515 0.29484 0.23169 -0.07733 0.01893  -0.00995 34 ILE A C   
553 O O   . ILE A 34 ? 0.30678 0.30062 0.25080 -0.07277 0.00996  -0.00771 34 ILE A O   
554 C CB  . ILE A 34 ? 0.28534 0.32722 0.26129 -0.06099 0.02108  -0.02462 34 ILE A CB  
555 C CG1 . ILE A 34 ? 0.28468 0.31347 0.25770 -0.05253 0.01007  -0.02305 34 ILE A CG1 
556 C CG2 . ILE A 34 ? 0.31324 0.35012 0.26981 -0.06111 0.02684  -0.02444 34 ILE A CG2 
557 C CD1 . ILE A 34 ? 0.31373 0.34606 0.29145 -0.04216 0.00778  -0.02697 34 ILE A CD1 
569 N N   . VAL A 35 ? 0.32553 0.32899 0.25207 -0.08434 0.02494  -0.00472 35 VAL A N   
570 C CA  . VAL A 35 ? 0.33940 0.31610 0.24203 -0.08618 0.01738  0.00613  35 VAL A CA  
571 C C   . VAL A 35 ? 0.37926 0.33877 0.28192 -0.09471 0.01456  0.01230  35 VAL A C   
572 O O   . VAL A 35 ? 0.36222 0.29982 0.26059 -0.08890 0.00437  0.01678  35 VAL A O   
573 C CB  . VAL A 35 ? 0.40067 0.37184 0.27519 -0.09395 0.02280  0.01164  35 VAL A CB  
574 C CG1 . VAL A 35 ? 0.43495 0.37617 0.28496 -0.09633 0.01148  0.02568  35 VAL A CG1 
575 C CG2 . VAL A 35 ? 0.41508 0.39716 0.28685 -0.08514 0.02281  0.00393  35 VAL A CG2 
585 N N   . GLU A 36 ? 0.36434 0.33379 0.27492 -0.10864 0.02395  0.01148  36 GLU A N   
586 C CA  . GLU A 36 ? 0.35071 0.30199 0.26149 -0.11976 0.02110  0.01658  36 GLU A CA  
587 C C   . GLU A 36 ? 0.37882 0.32513 0.30477 -0.11101 0.01080  0.00947  36 GLU A C   
588 O O   . GLU A 36 ? 0.44837 0.36697 0.36678 -0.11242 0.00380  0.01284  36 GLU A O   
589 C CB  . GLU A 36 ? 0.41052 0.38022 0.33349 -0.13819 0.03409  0.01562  36 GLU A CB  
590 C CG  . GLU A 36 ? 0.53530 0.50369 0.43546 -0.15170 0.04807  0.02382  36 GLU A CG  
591 C CD  . GLU A 36 ? 0.59912 0.58428 0.49062 -0.14245 0.05521  0.01846  36 GLU A CD  
592 O OE1 . GLU A 36 ? 0.52826 0.54057 0.44531 -0.13167 0.05747  0.00607  36 GLU A OE1 
593 O OE2 . GLU A 36 ? 0.67330 0.64138 0.53020 -0.14627 0.05705  0.02680  36 GLU A OE2 
600 N N   . GLN A 37 ? 0.33110 0.30063 0.27543 -0.10186 0.00976  -0.00051 37 GLN A N   
601 C CA  . GLN A 37 ? 0.31996 0.28487 0.27273 -0.09660 0.00102  -0.00744 37 GLN A CA  
602 C C   . GLN A 37 ? 0.30570 0.25542 0.24909 -0.08101 -0.00471 -0.00862 37 GLN A C   
603 O O   . GLN A 37 ? 0.32771 0.26207 0.26843 -0.07808 -0.00987 -0.01323 37 GLN A O   
604 C CB  . GLN A 37 ? 0.33917 0.33360 0.31391 -0.09461 0.00026  -0.01568 37 GLN A CB  
605 C CG  . GLN A 37 ? 0.33906 0.35657 0.33441 -0.10870 0.00608  -0.01679 37 GLN A CG  
606 C CD  . GLN A 37 ? 0.32991 0.33139 0.32204 -0.12636 0.00565  -0.01306 37 GLN A CD  
607 O OE1 . GLN A 37 ? 0.34277 0.31959 0.32483 -0.12770 -0.00362 -0.01446 37 GLN A OE1 
608 N NE2 . GLN A 37 ? 0.41237 0.42649 0.41249 -0.14112 0.01702  -0.00914 37 GLN A NE2 
617 N N   . CYS A 38 ? 0.28483 0.23883 0.22351 -0.07191 -0.00321 -0.00562 38 CYS A N   
618 C CA  . CYS A 38 ? 0.26747 0.21608 0.20557 -0.05797 -0.00705 -0.00781 38 CYS A CA  
619 C C   . CYS A 38 ? 0.29932 0.23240 0.22924 -0.05234 -0.01069 -0.00045 38 CYS A C   
620 O O   . CYS A 38 ? 0.29407 0.22077 0.22889 -0.04146 -0.01353 -0.00255 38 CYS A O   
621 C CB  . CYS A 38 ? 0.26498 0.23509 0.21138 -0.05106 -0.00516 -0.01240 38 CYS A CB  
622 S SG  . CYS A 38 ? 0.28350 0.26412 0.23906 -0.05069 -0.00723 -0.02024 38 CYS A SG  
627 N N   . CYS A 39 ? 0.30459 0.23254 0.22252 -0.05951 -0.01078 0.00821  39 CYS A N   
628 C CA  . CYS A 39 ? 0.32988 0.24259 0.23773 -0.05470 -0.01846 0.01749  39 CYS A CA  
629 C C   . CYS A 39 ? 0.36442 0.24721 0.26159 -0.06003 -0.02308 0.02648  39 CYS A C   
630 O O   . CYS A 39 ? 0.38562 0.24988 0.28777 -0.04994 -0.03070 0.02874  39 CYS A O   
631 C CB  . CYS A 39 ? 0.33038 0.25351 0.22411 -0.05964 -0.01729 0.02162  39 CYS A CB  
632 S SG  . CYS A 39 ? 0.38438 0.28636 0.25700 -0.05831 -0.03106 0.03617  39 CYS A SG  
637 N N   . THR A 40 ? 0.36310 0.24027 0.24814 -0.07592 -0.01767 0.03122  40 THR A N   
638 C CA  . THR A 40 ? 0.40169 0.24597 0.27478 -0.08350 -0.02197 0.04090  40 THR A CA  
639 C C   . THR A 40 ? 0.40558 0.23747 0.29053 -0.08467 -0.02142 0.03256  40 THR A C   
640 O O   . THR A 40 ? 0.46780 0.26665 0.34517 -0.08826 -0.02633 0.03853  40 THR A O   
641 C CB  . THR A 40 ? 0.46231 0.30225 0.31384 -0.10284 -0.01547 0.05149  40 THR A CB  
642 O OG1 . THR A 40 ? 0.51320 0.37964 0.37634 -0.11463 -0.00238 0.04287  40 THR A OG1 
643 C CG2 . THR A 40 ? 0.52907 0.37490 0.36072 -0.10169 -0.01733 0.05878  40 THR A CG2 
651 N N   A SER A 41 ? 0.37422 0.22828 0.27448 -0.08256 -0.01681 0.01924  41 SER A N   
652 N N   B SER A 41 ? 0.37558 0.22983 0.27592 -0.08227 -0.01685 0.01920  41 SER A N   
653 C CA  A SER A 41 ? 0.37741 0.21945 0.28449 -0.08102 -0.01838 0.00880  41 SER A CA  
654 C CA  B SER A 41 ? 0.37789 0.22100 0.28518 -0.08128 -0.01820 0.00867  41 SER A CA  
655 C C   A SER A 41 ? 0.34364 0.20343 0.26084 -0.06596 -0.01749 -0.00181 41 SER A C   
656 C C   B SER A 41 ? 0.34507 0.20449 0.26222 -0.06574 -0.01755 -0.00177 41 SER A C   
657 O O   A SER A 41 ? 0.33238 0.21428 0.25429 -0.05911 -0.01582 -0.00079 41 SER A O   
658 O O   B SER A 41 ? 0.33280 0.21345 0.25460 -0.05837 -0.01609 -0.00058 41 SER A O   
659 C CB  A SER A 41 ? 0.37489 0.22426 0.28589 -0.09905 -0.01536 0.00453  41 SER A CB  
660 C CB  B SER A 41 ? 0.37229 0.22688 0.28465 -0.09876 -0.01471 0.00412  41 SER A CB  
661 O OG  A SER A 41 ? 0.36280 0.24877 0.28672 -0.09987 -0.01139 -0.00158 41 SER A OG  
662 O OG  B SER A 41 ? 0.42970 0.27239 0.33402 -0.11578 -0.01219 0.01466  41 SER A OG  
673 N N   . ILE A 42 ? 0.33759 0.18493 0.25514 -0.06232 -0.01800 -0.01236 42 ILE A N   
674 C CA  . ILE A 42 ? 0.35210 0.21010 0.27408 -0.04932 -0.01514 -0.02165 42 ILE A CA  
675 C C   . ILE A 42 ? 0.30584 0.19246 0.23087 -0.05373 -0.01381 -0.02549 42 ILE A C   
676 O O   . ILE A 42 ? 0.31636 0.20692 0.24037 -0.06505 -0.01646 -0.02894 42 ILE A O   
677 C CB  . ILE A 42 ? 0.37699 0.20934 0.29246 -0.04474 -0.01396 -0.03294 42 ILE A CB  
678 C CG1 . ILE A 42 ? 0.41412 0.21658 0.33188 -0.03643 -0.01583 -0.02928 42 ILE A CG1 
679 C CG2 . ILE A 42 ? 0.39921 0.24317 0.31483 -0.03408 -0.00764 -0.04257 42 ILE A CG2 
680 C CD1 . ILE A 42 ? 0.48942 0.26125 0.40031 -0.03240 -0.01328 -0.04240 42 ILE A CD1 
693 N N   . CYS A 43 ? 0.29868 0.20402 0.22954 -0.04459 -0.01113 -0.02497 43 CYS A N   
694 C CA  . CYS A 43 ? 0.28296 0.21157 0.21740 -0.04588 -0.01088 -0.02739 43 CYS A CA  
695 C C   . CYS A 43 ? 0.31282 0.23612 0.23775 -0.04541 -0.01190 -0.03611 43 CYS A C   
696 O O   . CYS A 43 ? 0.33666 0.23945 0.25125 -0.04333 -0.01011 -0.04235 43 CYS A O   
697 C CB  . CYS A 43 ? 0.28337 0.22702 0.22466 -0.03705 -0.00806 -0.02408 43 CYS A CB  
698 S SG  . CYS A 43 ? 0.30060 0.26923 0.24914 -0.03807 -0.00822 -0.02398 43 CYS A SG  
703 N N   . SER A 44 ? 0.31950 0.25955 0.24607 -0.04740 -0.01532 -0.03680 44 SER A N   
704 C CA  . SER A 44 ? 0.34999 0.28463 0.26164 -0.04824 -0.01902 -0.04291 44 SER A CA  
705 C C   . SER A 44 ? 0.30624 0.25892 0.22225 -0.04470 -0.02192 -0.03922 44 SER A C   
706 O O   . SER A 44 ? 0.31034 0.28051 0.24382 -0.04348 -0.02226 -0.03452 44 SER A O   
707 C CB  . SER A 44 ? 0.39197 0.32015 0.29849 -0.05989 -0.02843 -0.04754 44 SER A CB  
708 O OG  . SER A 44 ? 0.36327 0.31464 0.28990 -0.06564 -0.03468 -0.04325 44 SER A OG  
714 N N   . LEU A 45 ? 0.32482 0.26994 0.22193 -0.04342 -0.02363 -0.04163 45 LEU A N   
715 C CA  . LEU A 45 ? 0.31038 0.26609 0.20833 -0.04015 -0.02806 -0.03641 45 LEU A CA  
716 C C   . LEU A 45 ? 0.28810 0.25940 0.20187 -0.04373 -0.04126 -0.03434 45 LEU A C   
717 O O   . LEU A 45 ? 0.27980 0.26640 0.21183 -0.03891 -0.04312 -0.02993 45 LEU A O   
718 C CB  . LEU A 45 ? 0.32367 0.26367 0.19113 -0.04090 -0.02825 -0.03792 45 LEU A CB  
719 C CG  . LEU A 45 ? 0.32749 0.27146 0.19049 -0.03843 -0.03479 -0.03016 45 LEU A CG  
720 C CD1 . LEU A 45 ? 0.30346 0.25632 0.18383 -0.03207 -0.02608 -0.02513 45 LEU A CD1 
721 C CD2 . LEU A 45 ? 0.34149 0.26595 0.16672 -0.04180 -0.03340 -0.03053 45 LEU A CD2 
733 N N   . TYR A 46 ? 0.31148 0.27997 0.22256 -0.05222 -0.04993 -0.03862 46 TYR A N   
734 C CA  . TYR A 46 ? 0.29394 0.28211 0.22730 -0.05657 -0.06302 -0.03746 46 TYR A CA  
735 C C   . TYR A 46 ? 0.30985 0.32008 0.27565 -0.05458 -0.05540 -0.03510 46 TYR A C   
736 O O   . TYR A 46 ? 0.29574 0.32621 0.28477 -0.04998 -0.05983 -0.03287 46 TYR A O   
737 C CB  . TYR A 46 ? 0.33427 0.31618 0.26269 -0.06904 -0.07244 -0.04342 46 TYR A CB  
738 C CG  . TYR A 46 ? 0.35164 0.35881 0.30956 -0.07470 -0.08713 -0.04261 46 TYR A CG  
739 C CD1 . TYR A 46 ? 0.31568 0.34766 0.31039 -0.07727 -0.08049 -0.04145 46 TYR A CD1 
740 C CD2 . TYR A 46 ? 0.32718 0.33509 0.27746 -0.07779 -0.10752 -0.04291 46 TYR A CD2 
741 C CE1 . TYR A 46 ? 0.32805 0.38822 0.35715 -0.08223 -0.09164 -0.04187 46 TYR A CE1 
742 C CE2 . TYR A 46 ? 0.35428 0.38990 0.33955 -0.08226 -0.12330 -0.04228 46 TYR A CE2 
743 C CZ  . TYR A 46 ? 0.32077 0.38440 0.34880 -0.08366 -0.11354 -0.04219 46 TYR A CZ  
744 O OH  . TYR A 46 ? 0.33916 0.43486 0.40855 -0.08764 -0.12652 -0.04262 46 TYR A OH  
754 N N   . GLN A 47 ? 0.29594 0.30061 0.26202 -0.05732 -0.04348 -0.03564 47 GLN A N   
755 C CA  . GLN A 47 ? 0.27983 0.30213 0.26819 -0.05797 -0.03499 -0.03350 47 GLN A CA  
756 C C   . GLN A 47 ? 0.27583 0.30421 0.26770 -0.04706 -0.02868 -0.03113 47 GLN A C   
757 O O   . GLN A 47 ? 0.26421 0.31138 0.27638 -0.04485 -0.02529 -0.03162 47 GLN A O   
758 C CB  . GLN A 47 ? 0.31997 0.32911 0.30078 -0.06480 -0.02660 -0.03237 47 GLN A CB  
759 C CG  . GLN A 47 ? 0.39932 0.40458 0.38370 -0.07901 -0.03123 -0.03453 47 GLN A CG  
760 C CD  . GLN A 47 ? 0.40255 0.43635 0.41629 -0.08721 -0.03049 -0.03434 47 GLN A CD  
761 O OE1 . GLN A 47 ? 0.45212 0.50032 0.47691 -0.08561 -0.01958 -0.03185 47 GLN A OE1 
762 N NE2 . GLN A 47 ? 0.44394 0.48787 0.47154 -0.09615 -0.04196 -0.03797 47 GLN A NE2 
771 N N   . LEU A 48 ? 0.26198 0.27490 0.23587 -0.04077 -0.02580 -0.02972 48 LEU A N   
772 C CA  . LEU A 48 ? 0.25568 0.27244 0.23305 -0.03260 -0.02142 -0.02790 48 LEU A CA  
773 C C   . LEU A 48 ? 0.21890 0.24604 0.20892 -0.02737 -0.02865 -0.02758 48 LEU A C   
774 O O   . LEU A 48 ? 0.22345 0.26052 0.22801 -0.02241 -0.02488 -0.02870 48 LEU A O   
775 C CB  . LEU A 48 ? 0.28212 0.28362 0.24278 -0.02862 -0.01782 -0.02639 48 LEU A CB  
776 C CG  . LEU A 48 ? 0.27177 0.26538 0.22781 -0.02934 -0.01114 -0.02617 48 LEU A CG  
777 C CD1 . LEU A 48 ? 0.30773 0.29055 0.25356 -0.02541 -0.00714 -0.02644 48 LEU A CD1 
778 C CD2 . LEU A 48 ? 0.27290 0.27399 0.23683 -0.02858 -0.00744 -0.02448 48 LEU A CD2 
790 N N   . GLU A 49 ? 0.23018 0.25319 0.21383 -0.02806 -0.04009 -0.02637 49 GLU A N   
791 C CA  . GLU A 49 ? 0.23847 0.26763 0.23345 -0.02135 -0.05060 -0.02375 49 GLU A CA  
792 C C   . GLU A 49 ? 0.23034 0.28494 0.26045 -0.01989 -0.05320 -0.02706 49 GLU A C   
793 O O   . GLU A 49 ? 0.24937 0.31186 0.29832 -0.01072 -0.05857 -0.02632 49 GLU A O   
794 C CB  . GLU A 49 ? 0.26469 0.28054 0.23849 -0.02322 -0.06464 -0.02003 49 GLU A CB  
795 C CG  . GLU A 49 ? 0.28488 0.27760 0.22661 -0.02290 -0.05878 -0.01647 49 GLU A CG  
796 C CD  . GLU A 49 ? 0.30149 0.27877 0.21845 -0.02344 -0.07217 -0.01032 49 GLU A CD  
797 O OE1 . GLU A 49 ? 0.33837 0.31907 0.25501 -0.02610 -0.08825 -0.00991 49 GLU A OE1 
798 O OE2 . GLU A 49 ? 0.34435 0.30530 0.24084 -0.02229 -0.06709 -0.00505 49 GLU A OE2 
805 N N   . ASN A 50 ? 0.23247 0.29936 0.27339 -0.02872 -0.04814 -0.03079 50 ASN A N   
806 C CA  . ASN A 50 ? 0.25038 0.34512 0.32740 -0.02900 -0.04460 -0.03490 50 ASN A CA  
807 C C   . ASN A 50 ? 0.22440 0.32512 0.31180 -0.02067 -0.03104 -0.03816 50 ASN A C   
808 O O   . ASN A 50 ? 0.22712 0.35079 0.34648 -0.01661 -0.02688 -0.04316 50 ASN A O   
809 C CB  . ASN A 50 ? 0.25961 0.36073 0.33887 -0.04290 -0.03607 -0.03697 50 ASN A CB  
810 C CG  . ASN A 50 ? 0.32080 0.42819 0.40840 -0.05305 -0.04931 -0.03748 50 ASN A CG  
811 O OD1 . ASN A 50 ? 0.28166 0.40140 0.38691 -0.04958 -0.06484 -0.03747 50 ASN A OD1 
812 N ND2 . ASN A 50 ? 0.32685 0.42467 0.40259 -0.06646 -0.04467 -0.03780 50 ASN A ND2 
819 N N   . TYR A 51 ? 0.20671 0.28841 0.26933 -0.01873 -0.02339 -0.03683 51 TYR A N   
820 C CA  . TYR A 51 ? 0.21559 0.29841 0.28082 -0.01345 -0.01142 -0.04123 51 TYR A CA  
821 C C   . TYR A 51 ? 0.23423 0.30324 0.29573 -0.00268 -0.01635 -0.04033 51 TYR A C   
822 O O   . TYR A 51 ? 0.25339 0.31900 0.31452 0.00135  -0.00780 -0.04534 51 TYR A O   
823 C CB  . TYR A 51 ? 0.23257 0.30493 0.27433 -0.02114 -0.00106 -0.04045 51 TYR A CB  
824 C CG  . TYR A 51 ? 0.21601 0.29888 0.26146 -0.03252 0.00504  -0.04040 51 TYR A CG  
825 C CD1 . TYR A 51 ? 0.26255 0.36352 0.32259 -0.03605 0.01780  -0.04572 51 TYR A CD1 
826 C CD2 . TYR A 51 ? 0.27907 0.35246 0.31334 -0.04057 -0.00058 -0.03570 51 TYR A CD2 
827 C CE1 . TYR A 51 ? 0.26955 0.37971 0.33288 -0.04912 0.02491  -0.04440 51 TYR A CE1 
828 C CE2 . TYR A 51 ? 0.29097 0.37038 0.32877 -0.05265 0.00452  -0.03489 51 TYR A CE2 
829 C CZ  . TYR A 51 ? 0.28773 0.38593 0.34006 -0.05782 0.01729  -0.03824 51 TYR A CZ  
830 O OH  . TYR A 51 ? 0.38528 0.48894 0.44043 -0.07270 0.02423  -0.03612 51 TYR A OH  
840 N N   . CYS A 52 ? 0.24479 0.30261 0.29973 0.00062  -0.02980 -0.03401 52 CYS A N   
841 C CA  . CYS A 52 ? 0.25005 0.29339 0.30397 0.01000  -0.03551 -0.03144 52 CYS A CA  
842 C C   . CYS A 52 ? 0.27792 0.33539 0.36575 0.02124  -0.03961 -0.03591 52 CYS A C   
843 O O   . CYS A 52 ? 0.27495 0.35507 0.38796 0.02152  -0.04384 -0.03807 52 CYS A O   
844 C CB  . CYS A 52 ? 0.29591 0.32149 0.32874 0.00877  -0.04861 -0.02177 52 CYS A CB  
845 S SG  . CYS A 52 ? 0.27181 0.28185 0.26928 -0.00206 -0.04282 -0.01805 52 CYS A SG  
850 N N   . ASN A 53 ? 0.31641 0.36054 0.40830 0.03074  -0.03894 -0.03775 53 ASN A N   
851 C CA  . ASN A 53 ? 0.34011 0.39336 0.46667 0.04488  -0.04521 -0.04146 53 ASN A CA  
852 C C   . ASN A 53 ? 0.39162 0.43427 0.51896 0.05076  -0.06797 -0.02948 53 ASN A C   
853 O O   . ASN A 53 ? 0.40977 0.43981 0.50867 0.04252  -0.07752 -0.01942 53 ASN A O   
854 C CB  . ASN A 53 ? 0.38663 0.42729 0.52172 0.05511  -0.03657 -0.05021 53 ASN A CB  
855 C CG  . ASN A 53 ? 0.38705 0.42753 0.50642 0.04731  -0.01731 -0.06022 53 ASN A CG  
856 O OD1 . ASN A 53 ? 0.49095 0.55411 0.62012 0.04317  -0.00443 -0.06843 53 ASN A OD1 
857 N ND2 . ASN A 53 ? 0.44247 0.45682 0.53868 0.04507  -0.01554 -0.06004 53 ASN A ND2 
858 O OXT . ASN A 53 ? 0.55895 0.60400 0.71494 0.06471  -0.07755 -0.02994 53 ASN A OXT 
# 
